data_6E0W
#
_entry.id   6E0W
#
_cell.length_a   117.623
_cell.length_b   117.623
_cell.length_c   308.282
_cell.angle_alpha   90.00
_cell.angle_beta   90.00
_cell.angle_gamma   120.00
#
_symmetry.space_group_name_H-M   'H 3'
#
loop_
_entity.id
_entity.type
_entity.pdbx_description
1 polymer 'Bacteriophage Phi92 gp150'
2 branched '4,6-O-[(1R)-1-carboxyethylidene]-D-galactopyranose-(1-4)-beta-D-glucopyranuronic acid-(1-3)-alpha-D-galactopyranose-(1-3)-alpha-L-fucopyranose-(1-4)-alpha-L-fucopyranose-(1-3)-beta-D-glucopyranose'
3 non-polymer 'SULFATE ION'
4 non-polymer 'MAGNESIUM ION'
5 non-polymer 1,2-ETHANEDIOL
6 non-polymer 'TETRAETHYLENE GLYCOL'
7 water water
#
_entity_poly.entity_id   1
_entity_poly.type   'polypeptide(L)'
_entity_poly.pdbx_seq_one_letter_code
;SDPSTGLPNKLFAFIGKTTASTSYVEKNLLSSTTGAAMVGLPSGGNLLQAQYFVTPEQFGAIGDGVTDDTQAILKTITFA
NTNNIQVRADKNYRFTSSIAMSGVRWYGGTFTGNGGTMISTVSCWMENVRFEKCYVKMLGGDCRFYRNIFSNATSTAAFL
MQAMTSEGTLDFSYNEMYGCKYAILQQGTGEVMTYGRYSNNYIHDIKGDAIELNVVQKHYTEGLIIENNHIANVDASGQG
ANWGIGIGVAGSGPYGVDVPDSQYVRNFSIVGNRVYNCRQCLHVEMGKNFTIRDNEVYPNTAVSTGTGLTTCGVALYGCQ
DFEVDGLTGYLLNDPSVSTRMVFIDWGVNNGRYAGPPINFTIKNLDIPESSIEIATSGSDAWENSTIVSNINCNVFKWRG
LPSSSTFNNIRCRSIDFIGQHGSGEGSGGGFYTRSQFTYMKWVGCTALSGDETTVSFAKIYTDRCDQVGNNFGVPTAVDG
TGHRGPVLTTISEQYFTAYDEFPGGREFPTGTVIHCASGKKHVVTVGGAFFSDNEKIKATVTGQTYLQSNALNWASNGYA
KAAGTKIVIPGAGANGGDLVTTIARATYVTNSLYTIDIADPIVTPTAENTQIKALNPVTFVTVNNA
;
_entity_poly.pdbx_strand_id   A,B
#
loop_
_chem_comp.id
_chem_comp.type
_chem_comp.name
_chem_comp.formula
BDP D-saccharide, beta linking 'beta-D-glucopyranuronic acid' 'C6 H10 O7'
BGC D-saccharide, beta linking beta-D-glucopyranose 'C6 H12 O6'
EDO non-polymer 1,2-ETHANEDIOL 'C2 H6 O2'
FUC L-saccharide, alpha linking alpha-L-fucopyranose 'C6 H12 O5'
GLA D-saccharide, alpha linking alpha-D-galactopyranose 'C6 H12 O6'
HLA D-saccharide, alpha linking 4,6-O-[(1R)-1-carboxyethylidene]-D-galactopyranose 'C9 H14 O8'
MG non-polymer 'MAGNESIUM ION' 'Mg 2'
PG4 non-polymer 'TETRAETHYLENE GLYCOL' 'C8 H18 O5'
SO4 non-polymer 'SULFATE ION' 'O4 S -2'
#
# COMPACT_ATOMS: atom_id res chain seq x y z
N SER A 23 -11.91 31.20 61.63
CA SER A 23 -13.11 30.41 61.38
C SER A 23 -13.41 30.46 59.88
N TYR A 24 -12.37 30.75 59.11
CA TYR A 24 -12.44 30.97 57.67
C TYR A 24 -11.61 29.92 56.96
N VAL A 25 -11.95 29.64 55.69
CA VAL A 25 -11.23 28.61 54.95
C VAL A 25 -9.84 29.12 54.61
N GLU A 26 -8.86 28.23 54.69
CA GLU A 26 -7.49 28.58 54.36
C GLU A 26 -7.30 28.65 52.85
N LYS A 27 -6.37 29.51 52.43
CA LYS A 27 -6.01 29.56 51.01
C LYS A 27 -5.55 28.18 50.55
N ASN A 28 -4.66 27.56 51.32
CA ASN A 28 -4.26 26.20 51.06
C ASN A 28 -5.44 25.29 51.38
N LEU A 29 -5.26 23.98 51.18
CA LEU A 29 -6.32 23.01 51.45
C LEU A 29 -7.48 23.18 50.48
N LEU A 30 -7.97 24.42 50.28
CA LEU A 30 -8.96 24.66 49.25
C LEU A 30 -8.39 24.38 47.87
N SER A 31 -7.09 24.57 47.70
CA SER A 31 -6.43 24.21 46.45
C SER A 31 -6.01 22.75 46.41
N SER A 32 -6.16 22.02 47.51
CA SER A 32 -5.72 20.64 47.57
C SER A 32 -6.69 19.74 46.82
N THR A 33 -6.29 18.47 46.66
CA THR A 33 -7.11 17.49 45.95
C THR A 33 -8.45 17.21 46.65
N THR A 34 -8.64 17.72 47.86
CA THR A 34 -9.93 17.62 48.53
C THR A 34 -10.63 18.97 48.69
N GLY A 35 -10.10 20.02 48.06
CA GLY A 35 -10.64 21.35 48.29
C GLY A 35 -12.10 21.50 47.95
N ALA A 36 -12.56 20.82 46.90
CA ALA A 36 -13.94 20.95 46.47
C ALA A 36 -14.92 20.44 47.52
N ALA A 37 -14.45 19.59 48.44
CA ALA A 37 -15.30 19.13 49.52
C ALA A 37 -15.79 20.26 50.42
N MET A 38 -15.18 21.45 50.33
CA MET A 38 -15.59 22.55 51.19
C MET A 38 -16.78 23.36 50.66
N VAL A 39 -17.21 23.13 49.42
CA VAL A 39 -18.19 23.99 48.78
C VAL A 39 -19.55 23.31 48.79
N GLY A 40 -20.55 23.97 49.37
CA GLY A 40 -21.89 23.40 49.43
C GLY A 40 -22.70 23.65 48.16
N LEU A 41 -23.57 22.70 47.86
CA LEU A 41 -24.46 22.75 46.70
C LEU A 41 -25.91 22.60 47.13
N PRO A 42 -26.87 23.00 46.28
CA PRO A 42 -28.30 22.91 46.66
C PRO A 42 -28.75 21.52 47.07
N SER A 43 -28.17 20.47 46.49
CA SER A 43 -28.47 19.11 46.93
C SER A 43 -28.22 18.90 48.41
N GLY A 44 -27.36 19.73 49.01
CA GLY A 44 -26.88 19.49 50.34
C GLY A 44 -25.56 18.76 50.37
N GLY A 45 -25.04 18.35 49.22
CA GLY A 45 -23.71 17.78 49.11
C GLY A 45 -22.69 18.85 48.75
N ASN A 46 -21.51 18.39 48.37
CA ASN A 46 -20.43 19.30 48.08
C ASN A 46 -19.95 19.14 46.65
N LEU A 47 -19.07 20.07 46.26
CA LEU A 47 -18.62 20.11 44.88
C LEU A 47 -17.79 18.90 44.52
N LEU A 48 -17.03 18.37 45.49
CA LEU A 48 -16.24 17.17 45.26
C LEU A 48 -17.12 16.01 44.81
N GLN A 49 -18.34 15.92 45.36
CA GLN A 49 -19.29 14.88 44.97
C GLN A 49 -19.89 15.14 43.59
N ALA A 50 -19.66 16.30 43.00
CA ALA A 50 -20.18 16.60 41.68
C ALA A 50 -19.19 16.35 40.56
N GLN A 51 -18.00 15.81 40.86
CA GLN A 51 -16.95 15.59 39.86
C GLN A 51 -17.13 14.22 39.20
N TYR A 52 -18.09 14.13 38.30
CA TYR A 52 -18.37 12.87 37.63
C TYR A 52 -17.48 12.63 36.41
N PHE A 53 -16.53 13.52 36.15
CA PHE A 53 -15.69 13.48 34.95
C PHE A 53 -14.32 14.06 35.30
N VAL A 54 -13.41 13.99 34.33
CA VAL A 54 -12.23 14.84 34.34
C VAL A 54 -12.17 15.55 33.01
N THR A 55 -11.38 16.62 32.97
CA THR A 55 -11.14 17.35 31.75
C THR A 55 -9.63 17.36 31.47
N PRO A 56 -9.24 17.48 30.20
CA PRO A 56 -7.80 17.59 29.90
C PRO A 56 -7.14 18.84 30.49
N GLU A 57 -7.89 19.94 30.62
CA GLU A 57 -7.31 21.16 31.19
C GLU A 57 -6.86 20.94 32.63
N GLN A 58 -7.51 20.00 33.35
CA GLN A 58 -7.10 19.66 34.70
C GLN A 58 -5.75 18.96 34.75
N PHE A 59 -5.19 18.60 33.59
CA PHE A 59 -3.86 18.00 33.53
C PHE A 59 -2.91 18.86 32.70
N GLY A 60 -3.24 20.13 32.49
CA GLY A 60 -2.32 21.07 31.90
C GLY A 60 -2.56 21.38 30.44
N ALA A 61 -3.61 20.82 29.84
CA ALA A 61 -3.87 21.09 28.44
C ALA A 61 -4.25 22.55 28.24
N ILE A 62 -3.69 23.16 27.20
CA ILE A 62 -4.01 24.55 26.87
C ILE A 62 -5.26 24.63 25.99
N GLY A 63 -5.41 23.72 25.03
CA GLY A 63 -6.62 23.65 24.25
C GLY A 63 -6.74 24.75 23.22
N ASP A 64 -5.63 25.38 22.84
CA ASP A 64 -5.63 26.47 21.88
C ASP A 64 -5.38 25.99 20.45
N GLY A 65 -5.27 24.67 20.26
CA GLY A 65 -4.98 24.07 18.97
C GLY A 65 -3.56 24.27 18.47
N VAL A 66 -2.69 24.90 19.25
CA VAL A 66 -1.36 25.26 18.79
C VAL A 66 -0.35 24.73 19.79
N THR A 67 -0.57 25.02 21.07
CA THR A 67 0.27 24.48 22.11
C THR A 67 0.26 22.96 22.05
N ASP A 68 1.45 22.35 22.18
CA ASP A 68 1.57 20.90 22.20
C ASP A 68 1.00 20.37 23.53
N ASP A 69 -0.14 19.69 23.47
CA ASP A 69 -0.80 19.16 24.66
C ASP A 69 -0.60 17.65 24.84
N THR A 70 0.38 17.05 24.15
CA THR A 70 0.50 15.59 24.12
C THR A 70 0.61 15.01 25.51
N GLN A 71 1.49 15.56 26.34
CA GLN A 71 1.69 14.99 27.67
C GLN A 71 0.47 15.20 28.55
N ALA A 72 -0.19 16.35 28.42
CA ALA A 72 -1.43 16.57 29.15
C ALA A 72 -2.46 15.52 28.78
N ILE A 73 -2.57 15.20 27.49
CA ILE A 73 -3.53 14.19 27.07
C ILE A 73 -3.17 12.83 27.66
N LEU A 74 -1.88 12.47 27.66
CA LEU A 74 -1.46 11.19 28.21
C LEU A 74 -1.82 11.05 29.69
N LYS A 75 -1.60 12.11 30.49
CA LYS A 75 -1.96 12.02 31.90
C LYS A 75 -3.47 11.87 32.09
N THR A 76 -4.25 12.61 31.30
CA THR A 76 -5.69 12.44 31.34
C THR A 76 -6.06 10.98 31.11
N ILE A 77 -5.46 10.37 30.07
CA ILE A 77 -5.80 8.98 29.73
C ILE A 77 -5.39 8.07 30.87
N THR A 78 -4.20 8.27 31.41
CA THR A 78 -3.76 7.48 32.55
C THR A 78 -4.72 7.65 33.72
N PHE A 79 -5.09 8.89 34.02
CA PHE A 79 -5.98 9.10 35.16
C PHE A 79 -7.34 8.47 34.91
N ALA A 80 -7.89 8.66 33.72
CA ALA A 80 -9.19 8.09 33.41
C ALA A 80 -9.15 6.57 33.48
N ASN A 81 -8.09 5.95 32.97
CA ASN A 81 -8.01 4.50 33.04
C ASN A 81 -7.91 4.02 34.48
N THR A 82 -7.05 4.65 35.27
CA THR A 82 -6.77 4.16 36.60
C THR A 82 -7.98 4.30 37.52
N ASN A 83 -8.75 5.37 37.35
CA ASN A 83 -9.88 5.66 38.22
C ASN A 83 -11.23 5.39 37.59
N ASN A 84 -11.24 4.88 36.35
CA ASN A 84 -12.46 4.58 35.61
C ASN A 84 -13.43 5.77 35.64
N ILE A 85 -12.96 6.89 35.13
CA ILE A 85 -13.72 8.13 35.13
C ILE A 85 -13.76 8.70 33.71
N GLN A 86 -14.94 9.15 33.29
CA GLN A 86 -15.12 9.69 31.94
C GLN A 86 -14.42 11.02 31.77
N VAL A 87 -14.07 11.33 30.52
CA VAL A 87 -13.45 12.59 30.16
C VAL A 87 -14.46 13.45 29.43
N ARG A 88 -14.54 14.71 29.83
CA ARG A 88 -15.30 15.73 29.14
C ARG A 88 -14.31 16.74 28.59
N ALA A 89 -14.58 17.25 27.39
CA ALA A 89 -13.68 18.24 26.81
C ALA A 89 -14.46 19.09 25.82
N ASP A 90 -13.97 20.31 25.62
CA ASP A 90 -14.58 21.20 24.64
C ASP A 90 -13.57 22.01 23.87
N LYS A 91 -12.29 21.90 24.17
CA LYS A 91 -11.32 22.74 23.50
C LYS A 91 -10.64 21.93 22.39
N ASN A 92 -9.46 22.37 21.95
CA ASN A 92 -8.81 21.85 20.74
C ASN A 92 -7.37 21.49 21.11
N TYR A 93 -7.09 20.20 21.20
CA TYR A 93 -5.85 19.74 21.81
C TYR A 93 -4.87 19.32 20.72
N ARG A 94 -3.88 20.17 20.44
CA ARG A 94 -2.83 19.83 19.50
C ARG A 94 -1.95 18.76 20.12
N PHE A 95 -1.70 17.68 19.38
CA PHE A 95 -0.84 16.62 19.85
C PHE A 95 0.05 16.19 18.71
N THR A 96 1.19 15.58 19.07
CA THR A 96 2.28 15.42 18.12
C THR A 96 2.88 14.02 18.06
N SER A 97 2.39 13.06 18.85
CA SER A 97 2.86 11.69 18.76
C SER A 97 1.75 10.75 19.23
N SER A 98 1.97 9.44 19.06
CA SER A 98 0.92 8.48 19.25
C SER A 98 0.39 8.49 20.67
N ILE A 99 -0.90 8.30 20.81
CA ILE A 99 -1.56 8.19 22.12
C ILE A 99 -2.32 6.87 22.15
N ALA A 100 -2.12 6.11 23.22
CA ALA A 100 -2.79 4.84 23.43
C ALA A 100 -3.86 5.02 24.48
N MET A 101 -5.08 4.56 24.17
CA MET A 101 -6.19 4.67 25.09
C MET A 101 -6.79 3.31 25.31
N SER A 102 -7.20 3.04 26.54
CA SER A 102 -7.75 1.75 26.90
C SER A 102 -8.83 1.98 27.96
N GLY A 103 -10.06 1.56 27.66
CA GLY A 103 -11.14 1.65 28.63
C GLY A 103 -11.72 3.03 28.84
N VAL A 104 -11.42 3.99 28.00
CA VAL A 104 -11.76 5.37 28.26
C VAL A 104 -13.13 5.70 27.67
N ARG A 105 -13.90 6.50 28.41
CA ARG A 105 -15.16 7.10 27.96
C ARG A 105 -14.96 8.60 27.80
N TRP A 106 -14.98 9.07 26.56
CA TRP A 106 -14.59 10.44 26.22
C TRP A 106 -15.69 11.15 25.43
N TYR A 107 -16.11 12.30 25.94
CA TYR A 107 -17.19 13.08 25.34
C TYR A 107 -16.69 14.49 25.01
N GLY A 108 -16.70 14.86 23.73
CA GLY A 108 -16.44 16.23 23.32
C GLY A 108 -14.99 16.51 22.99
N GLY A 109 -14.75 17.66 22.38
CA GLY A 109 -13.42 18.18 22.17
C GLY A 109 -12.89 17.88 20.78
N THR A 110 -11.76 18.51 20.46
CA THR A 110 -11.08 18.32 19.18
C THR A 110 -9.64 17.89 19.43
N PHE A 111 -9.20 16.84 18.75
CA PHE A 111 -7.79 16.45 18.70
C PHE A 111 -7.23 16.89 17.36
N THR A 112 -6.07 17.54 17.37
CA THR A 112 -5.46 18.01 16.13
C THR A 112 -4.04 17.45 16.07
N GLY A 113 -3.83 16.46 15.19
CA GLY A 113 -2.53 15.85 15.03
C GLY A 113 -1.68 16.58 14.01
N ASN A 114 -0.59 15.94 13.61
CA ASN A 114 0.31 16.48 12.59
C ASN A 114 -0.23 16.31 11.18
N GLY A 115 -1.26 15.49 11.01
CA GLY A 115 -1.80 15.12 9.71
C GLY A 115 -2.22 13.66 9.76
N GLY A 116 -1.30 12.81 10.20
CA GLY A 116 -1.61 11.40 10.31
C GLY A 116 -1.26 10.77 11.65
N THR A 117 -1.29 11.55 12.73
CA THR A 117 -0.89 11.04 14.04
C THR A 117 -1.97 10.09 14.59
N MET A 118 -1.51 9.03 15.26
CA MET A 118 -2.37 7.93 15.68
C MET A 118 -2.86 8.07 17.11
N ILE A 119 -4.15 7.78 17.30
CA ILE A 119 -4.74 7.48 18.60
C ILE A 119 -5.25 6.05 18.56
N SER A 120 -4.73 5.19 19.44
CA SER A 120 -5.23 3.82 19.51
C SER A 120 -6.30 3.71 20.59
N THR A 121 -7.23 2.79 20.38
CA THR A 121 -8.31 2.57 21.34
C THR A 121 -8.46 1.08 21.61
N VAL A 122 -8.59 0.73 22.89
CA VAL A 122 -9.01 -0.59 23.31
C VAL A 122 -10.23 -0.42 24.22
N SER A 123 -11.35 -1.03 23.84
CA SER A 123 -12.59 -0.92 24.61
C SER A 123 -12.90 0.54 24.94
N CYS A 124 -12.91 1.39 23.90
CA CYS A 124 -13.15 2.81 24.10
C CYS A 124 -14.50 3.23 23.54
N TRP A 125 -15.10 4.21 24.21
CA TRP A 125 -16.41 4.76 23.89
C TRP A 125 -16.23 6.25 23.67
N MET A 126 -16.49 6.72 22.44
CA MET A 126 -16.24 8.10 22.09
C MET A 126 -17.43 8.71 21.37
N GLU A 127 -17.84 9.90 21.82
CA GLU A 127 -18.98 10.63 21.25
C GLU A 127 -18.66 12.12 21.15
N ASN A 128 -19.13 12.75 20.08
CA ASN A 128 -19.01 14.20 19.86
C ASN A 128 -17.54 14.66 19.84
N VAL A 129 -16.63 13.81 19.39
CA VAL A 129 -15.22 14.15 19.29
C VAL A 129 -14.90 14.46 17.84
N ARG A 130 -14.02 15.44 17.61
CA ARG A 130 -13.48 15.69 16.28
C ARG A 130 -12.03 15.26 16.22
N PHE A 131 -11.73 14.38 15.28
CA PHE A 131 -10.37 13.91 15.05
C PHE A 131 -9.84 14.63 13.82
N GLU A 132 -9.09 15.70 14.05
CA GLU A 132 -8.61 16.55 12.97
C GLU A 132 -7.15 16.20 12.70
N LYS A 133 -6.83 15.91 11.44
CA LYS A 133 -5.45 15.69 11.02
C LYS A 133 -4.79 14.61 11.87
N CYS A 134 -5.53 13.55 12.14
CA CYS A 134 -5.08 12.40 12.93
C CYS A 134 -6.03 11.25 12.62
N TYR A 135 -5.75 10.08 13.16
CA TYR A 135 -6.64 8.95 12.91
C TYR A 135 -6.70 8.07 14.14
N VAL A 136 -7.80 7.33 14.25
CA VAL A 136 -8.02 6.36 15.32
C VAL A 136 -7.70 4.98 14.78
N LYS A 137 -6.92 4.22 15.55
CA LYS A 137 -6.63 2.83 15.23
C LYS A 137 -7.20 1.95 16.34
N MET A 138 -8.16 1.10 16.00
CA MET A 138 -8.79 0.22 16.97
C MET A 138 -7.96 -1.04 17.16
N LEU A 139 -7.60 -1.34 18.41
CA LEU A 139 -6.77 -2.49 18.74
C LEU A 139 -7.49 -3.60 19.51
N GLY A 140 -8.77 -3.46 19.83
CA GLY A 140 -9.52 -4.56 20.40
C GLY A 140 -10.60 -4.13 21.37
N GLY A 141 -11.21 -5.13 22.01
CA GLY A 141 -12.31 -4.91 22.91
C GLY A 141 -13.60 -4.46 22.21
N ASP A 142 -14.53 -3.99 23.04
CA ASP A 142 -15.83 -3.53 22.56
C ASP A 142 -15.74 -2.01 22.48
N CYS A 143 -15.61 -1.50 21.25
CA CYS A 143 -15.44 -0.08 20.97
C CYS A 143 -16.71 0.49 20.34
N ARG A 144 -17.01 1.74 20.68
CA ARG A 144 -18.24 2.39 20.27
C ARG A 144 -17.93 3.83 19.87
N PHE A 145 -18.32 4.23 18.67
CA PHE A 145 -18.05 5.56 18.14
C PHE A 145 -19.34 6.14 17.61
N TYR A 146 -19.87 7.18 18.26
CA TYR A 146 -21.10 7.80 17.82
C TYR A 146 -20.92 9.31 17.67
N ARG A 147 -21.48 9.86 16.60
CA ARG A 147 -21.61 11.31 16.47
C ARG A 147 -20.27 12.02 16.62
N ASN A 148 -19.23 11.44 16.01
CA ASN A 148 -17.92 12.06 15.88
C ASN A 148 -17.69 12.59 14.48
N ILE A 149 -16.64 13.40 14.36
CA ILE A 149 -16.15 13.90 13.07
C ILE A 149 -14.70 13.47 12.91
N PHE A 150 -14.39 12.88 11.76
CA PHE A 150 -13.03 12.55 11.36
C PHE A 150 -12.68 13.42 10.17
N SER A 151 -11.82 14.42 10.36
CA SER A 151 -11.63 15.40 9.30
C SER A 151 -10.16 15.57 8.93
N ASN A 152 -9.87 15.48 7.63
CA ASN A 152 -8.62 15.94 7.04
C ASN A 152 -7.42 15.06 7.39
N ALA A 153 -7.63 13.78 7.67
CA ALA A 153 -6.50 12.89 7.92
C ALA A 153 -5.62 12.75 6.67
N THR A 154 -4.30 12.71 6.89
CA THR A 154 -3.34 12.40 5.84
C THR A 154 -2.72 11.02 6.01
N SER A 155 -3.09 10.29 7.06
CA SER A 155 -2.74 8.88 7.16
C SER A 155 -3.47 8.10 6.08
N THR A 156 -3.11 6.82 5.94
CA THR A 156 -3.78 5.99 4.93
C THR A 156 -5.29 5.94 5.19
N ALA A 157 -5.68 5.79 6.46
CA ALA A 157 -7.08 5.73 6.83
C ALA A 157 -7.33 6.66 8.01
N ALA A 158 -8.57 7.13 8.11
CA ALA A 158 -8.96 7.96 9.25
C ALA A 158 -9.44 7.11 10.41
N PHE A 159 -9.97 5.92 10.14
CA PHE A 159 -10.35 4.98 11.18
C PHE A 159 -9.84 3.63 10.73
N LEU A 160 -8.87 3.10 11.44
CA LEU A 160 -8.13 1.92 11.02
C LEU A 160 -8.37 0.78 12.00
N MET A 161 -8.66 -0.40 11.48
CA MET A 161 -8.65 -1.65 12.24
C MET A 161 -7.54 -2.53 11.68
N GLN A 162 -6.55 -2.84 12.51
CA GLN A 162 -5.43 -3.62 12.02
C GLN A 162 -4.71 -4.24 13.21
N ALA A 163 -4.38 -5.54 13.10
CA ALA A 163 -3.56 -6.26 14.07
C ALA A 163 -4.10 -6.05 15.48
N MET A 164 -5.41 -6.28 15.65
CA MET A 164 -5.98 -6.14 16.97
C MET A 164 -5.33 -7.14 17.92
N THR A 165 -5.08 -6.69 19.15
CA THR A 165 -4.45 -7.55 20.15
C THR A 165 -5.46 -8.28 21.01
N SER A 166 -6.75 -8.00 20.83
CA SER A 166 -7.78 -8.79 21.48
C SER A 166 -9.02 -8.71 20.62
N GLU A 167 -9.88 -9.70 20.75
CA GLU A 167 -11.06 -9.75 19.91
C GLU A 167 -11.95 -8.54 20.17
N GLY A 168 -12.62 -8.08 19.12
CA GLY A 168 -13.35 -6.84 19.16
C GLY A 168 -14.79 -7.01 18.75
N THR A 169 -15.60 -6.06 19.20
CA THR A 169 -16.86 -5.73 18.55
C THR A 169 -16.84 -4.23 18.31
N LEU A 170 -17.62 -3.79 17.33
CA LEU A 170 -17.61 -2.39 16.95
C LEU A 170 -19.00 -1.95 16.55
N ASP A 171 -19.43 -0.84 17.12
CA ASP A 171 -20.54 -0.05 16.59
C ASP A 171 -19.92 1.28 16.18
N PHE A 172 -20.00 1.58 14.87
CA PHE A 172 -19.40 2.79 14.28
C PHE A 172 -20.53 3.44 13.50
N SER A 173 -21.22 4.36 14.15
CA SER A 173 -22.52 4.81 13.65
C SER A 173 -22.69 6.32 13.83
N TYR A 174 -23.38 6.92 12.86
CA TYR A 174 -23.71 8.35 12.90
C TYR A 174 -22.48 9.23 13.06
N ASN A 175 -21.37 8.82 12.46
CA ASN A 175 -20.20 9.66 12.39
C ASN A 175 -20.14 10.35 11.04
N GLU A 176 -19.35 11.42 10.96
CA GLU A 176 -19.07 12.08 9.70
C GLU A 176 -17.58 12.05 9.46
N MET A 177 -17.17 11.75 8.22
CA MET A 177 -15.76 11.64 7.86
C MET A 177 -15.51 12.33 6.53
N TYR A 178 -14.47 13.15 6.45
CA TYR A 178 -14.20 13.85 5.20
C TYR A 178 -12.77 14.33 5.13
N GLY A 179 -12.34 14.66 3.92
CA GLY A 179 -11.05 15.30 3.76
C GLY A 179 -9.87 14.38 3.92
N CYS A 180 -10.11 13.07 3.99
CA CYS A 180 -9.09 12.10 4.31
C CYS A 180 -8.69 11.32 3.07
N LYS A 181 -7.88 10.30 3.27
CA LYS A 181 -7.60 9.30 2.23
C LYS A 181 -8.64 8.19 2.38
N TYR A 182 -8.25 6.99 2.82
CA TYR A 182 -9.31 6.05 3.22
C TYR A 182 -10.02 6.60 4.45
N ALA A 183 -11.35 6.43 4.49
CA ALA A 183 -12.10 6.77 5.70
C ALA A 183 -12.02 5.64 6.71
N ILE A 184 -12.73 4.53 6.45
CA ILE A 184 -12.70 3.36 7.31
C ILE A 184 -11.93 2.26 6.57
N LEU A 185 -10.89 1.73 7.19
CA LEU A 185 -10.09 0.65 6.62
C LEU A 185 -9.83 -0.42 7.66
N GLN A 186 -10.10 -1.68 7.31
CA GLN A 186 -9.70 -2.81 8.13
C GLN A 186 -8.75 -3.70 7.35
N GLN A 187 -7.65 -4.10 8.03
CA GLN A 187 -6.72 -5.13 7.60
C GLN A 187 -6.88 -6.34 8.53
N GLY A 188 -7.20 -7.50 7.97
CA GLY A 188 -7.65 -8.62 8.78
C GLY A 188 -6.63 -9.39 9.62
N THR A 189 -5.37 -8.96 9.67
CA THR A 189 -4.38 -9.59 10.54
C THR A 189 -4.69 -9.35 12.02
N GLY A 190 -4.26 -10.29 12.86
CA GLY A 190 -4.48 -10.17 14.29
C GLY A 190 -5.80 -10.78 14.76
N GLU A 191 -6.22 -10.36 15.95
CA GLU A 191 -7.38 -10.94 16.60
C GLU A 191 -8.68 -10.51 15.89
N VAL A 192 -9.69 -11.38 15.94
CA VAL A 192 -10.84 -11.20 15.05
C VAL A 192 -11.82 -10.19 15.65
N MET A 193 -12.45 -9.45 14.75
CA MET A 193 -13.66 -8.70 15.03
C MET A 193 -14.83 -9.67 14.89
N THR A 194 -15.48 -10.01 16.00
CA THR A 194 -16.53 -11.02 15.90
C THR A 194 -17.84 -10.46 15.36
N TYR A 195 -18.07 -9.17 15.55
CA TYR A 195 -19.31 -8.51 15.14
C TYR A 195 -19.01 -7.04 14.89
N GLY A 196 -19.56 -6.50 13.80
CA GLY A 196 -19.41 -5.08 13.56
C GLY A 196 -20.61 -4.50 12.85
N ARG A 197 -21.11 -3.35 13.31
CA ARG A 197 -22.18 -2.60 12.66
C ARG A 197 -21.63 -1.25 12.22
N TYR A 198 -21.69 -0.95 10.92
CA TYR A 198 -21.22 0.32 10.36
C TYR A 198 -22.45 0.95 9.74
N SER A 199 -23.12 1.86 10.46
CA SER A 199 -24.45 2.30 10.05
C SER A 199 -24.57 3.81 10.14
N ASN A 200 -25.25 4.39 9.15
CA ASN A 200 -25.69 5.80 9.19
C ASN A 200 -24.55 6.79 9.27
N ASN A 201 -23.39 6.43 8.72
CA ASN A 201 -22.31 7.39 8.62
C ASN A 201 -22.44 8.24 7.36
N TYR A 202 -21.77 9.40 7.39
CA TYR A 202 -21.75 10.37 6.30
C TYR A 202 -20.29 10.60 5.91
N ILE A 203 -19.87 10.03 4.80
CA ILE A 203 -18.47 10.04 4.38
C ILE A 203 -18.37 10.76 3.03
N HIS A 204 -17.53 11.80 2.95
CA HIS A 204 -17.52 12.61 1.73
C HIS A 204 -16.19 13.31 1.48
N ASP A 205 -15.91 13.51 0.19
CA ASP A 205 -14.77 14.31 -0.27
C ASP A 205 -13.46 13.69 0.23
N ILE A 206 -13.28 12.42 -0.15
CA ILE A 206 -12.13 11.65 0.29
C ILE A 206 -11.37 11.18 -0.94
N LYS A 207 -10.13 10.70 -0.70
CA LYS A 207 -9.20 10.30 -1.74
C LYS A 207 -8.82 8.81 -1.73
N GLY A 208 -9.38 8.02 -0.82
CA GLY A 208 -9.25 6.57 -0.78
C GLY A 208 -10.65 5.94 -0.76
N ASP A 209 -10.75 4.73 -0.20
CA ASP A 209 -12.07 4.11 -0.12
C ASP A 209 -12.87 4.69 1.04
N ALA A 210 -14.20 4.67 0.91
CA ALA A 210 -14.99 5.12 2.05
C ALA A 210 -15.04 4.03 3.13
N ILE A 211 -15.34 2.78 2.75
CA ILE A 211 -15.29 1.67 3.70
C ILE A 211 -14.64 0.48 3.01
N GLU A 212 -13.48 0.05 3.49
CA GLU A 212 -12.75 -1.08 2.90
C GLU A 212 -12.37 -2.06 3.99
N LEU A 213 -12.84 -3.30 3.86
CA LEU A 213 -12.55 -4.35 4.85
C LEU A 213 -11.76 -5.40 4.10
N ASN A 214 -10.43 -5.37 4.26
CA ASN A 214 -9.55 -6.14 3.38
C ASN A 214 -9.07 -7.40 4.10
N VAL A 215 -9.19 -8.55 3.42
CA VAL A 215 -8.77 -9.88 3.89
C VAL A 215 -9.31 -10.18 5.29
N VAL A 216 -10.64 -10.08 5.44
CA VAL A 216 -11.29 -10.25 6.73
C VAL A 216 -12.08 -11.56 6.77
N GLN A 217 -11.65 -12.57 6.00
CA GLN A 217 -12.40 -13.84 5.94
C GLN A 217 -12.57 -14.49 7.32
N LYS A 218 -11.62 -14.28 8.22
CA LYS A 218 -11.70 -14.90 9.54
C LYS A 218 -12.64 -14.17 10.48
N HIS A 219 -13.03 -12.94 10.14
CA HIS A 219 -13.76 -12.03 11.02
C HIS A 219 -15.26 -12.13 10.83
N TYR A 220 -15.99 -11.49 11.76
CA TYR A 220 -17.43 -11.28 11.63
C TYR A 220 -18.23 -12.58 11.63
N THR A 221 -17.82 -13.50 12.51
CA THR A 221 -18.55 -14.75 12.70
C THR A 221 -20.00 -14.48 13.11
N GLU A 222 -20.20 -13.49 13.99
CA GLU A 222 -21.54 -13.13 14.45
C GLU A 222 -22.11 -11.93 13.70
N GLY A 223 -21.47 -11.53 12.60
CA GLY A 223 -22.12 -10.62 11.67
C GLY A 223 -21.37 -9.35 11.38
N LEU A 224 -21.39 -8.98 10.09
CA LEU A 224 -20.90 -7.72 9.56
C LEU A 224 -22.06 -7.07 8.82
N ILE A 225 -22.44 -5.87 9.23
CA ILE A 225 -23.61 -5.19 8.66
C ILE A 225 -23.17 -3.76 8.31
N ILE A 226 -23.24 -3.42 7.02
CA ILE A 226 -22.85 -2.11 6.54
C ILE A 226 -24.10 -1.47 5.94
N GLU A 227 -24.72 -0.52 6.65
CA GLU A 227 -26.07 -0.15 6.27
C GLU A 227 -26.31 1.35 6.39
N ASN A 228 -27.07 1.90 5.42
CA ASN A 228 -27.57 3.28 5.50
C ASN A 228 -26.47 4.33 5.59
N ASN A 229 -25.28 4.05 5.07
CA ASN A 229 -24.24 5.07 4.97
C ASN A 229 -24.45 5.92 3.72
N HIS A 230 -24.18 7.22 3.85
CA HIS A 230 -24.29 8.13 2.71
C HIS A 230 -22.88 8.58 2.35
N ILE A 231 -22.43 8.23 1.15
CA ILE A 231 -21.05 8.47 0.73
C ILE A 231 -21.08 9.33 -0.52
N ALA A 232 -20.20 10.35 -0.59
CA ALA A 232 -20.23 11.26 -1.74
C ALA A 232 -18.83 11.74 -2.07
N ASN A 233 -18.51 11.76 -3.38
CA ASN A 233 -17.24 12.31 -3.89
C ASN A 233 -16.03 11.54 -3.39
N VAL A 234 -15.79 10.38 -3.99
CA VAL A 234 -14.64 9.53 -3.68
C VAL A 234 -13.71 9.62 -4.88
N ASP A 235 -12.61 10.36 -4.75
CA ASP A 235 -11.79 10.62 -5.93
C ASP A 235 -10.33 10.36 -5.58
N ALA A 236 -9.88 9.16 -5.95
CA ALA A 236 -8.52 8.73 -5.70
C ALA A 236 -7.60 9.01 -6.88
N SER A 237 -7.87 10.07 -7.65
CA SER A 237 -7.01 10.34 -8.80
C SER A 237 -5.56 10.50 -8.34
N GLY A 238 -4.65 9.88 -9.08
CA GLY A 238 -3.23 9.98 -8.75
C GLY A 238 -2.75 9.11 -7.59
N GLN A 239 -3.64 8.33 -6.95
CA GLN A 239 -3.31 7.54 -5.78
C GLN A 239 -2.89 6.12 -6.17
N GLY A 240 -2.69 5.26 -5.16
CA GLY A 240 -2.23 3.90 -5.40
C GLY A 240 -3.25 2.95 -6.02
N ALA A 241 -2.77 1.73 -6.27
CA ALA A 241 -3.57 0.72 -6.95
C ALA A 241 -4.81 0.41 -6.11
N ASN A 242 -5.97 0.32 -6.78
CA ASN A 242 -7.24 -0.08 -6.19
C ASN A 242 -7.87 0.98 -5.30
N TRP A 243 -7.22 2.15 -5.10
CA TRP A 243 -7.82 3.20 -4.29
C TRP A 243 -9.07 3.77 -4.95
N GLY A 244 -10.08 4.10 -4.15
CA GLY A 244 -11.26 4.77 -4.66
C GLY A 244 -12.54 3.93 -4.70
N ILE A 245 -12.54 2.74 -4.10
CA ILE A 245 -13.77 1.97 -3.99
C ILE A 245 -14.69 2.63 -2.97
N GLY A 246 -16.02 2.59 -3.22
CA GLY A 246 -16.97 3.14 -2.28
C GLY A 246 -17.03 2.29 -1.02
N ILE A 247 -17.64 1.10 -1.13
CA ILE A 247 -17.68 0.13 -0.04
C ILE A 247 -17.10 -1.17 -0.59
N GLY A 248 -16.07 -1.68 0.03
CA GLY A 248 -15.40 -2.88 -0.44
C GLY A 248 -15.17 -3.87 0.69
N VAL A 249 -15.39 -5.17 0.39
CA VAL A 249 -15.16 -6.29 1.30
C VAL A 249 -14.35 -7.35 0.54
N ALA A 250 -13.25 -7.82 1.13
CA ALA A 250 -12.40 -8.80 0.46
C ALA A 250 -12.01 -9.99 1.36
N GLY A 251 -12.20 -11.20 0.86
CA GLY A 251 -11.62 -12.41 1.45
C GLY A 251 -10.23 -12.64 0.89
N SER A 252 -9.79 -13.92 0.89
CA SER A 252 -8.41 -14.25 0.59
C SER A 252 -8.34 -15.11 -0.66
N GLY A 253 -7.40 -14.78 -1.54
CA GLY A 253 -7.01 -15.65 -2.63
C GLY A 253 -6.34 -16.92 -2.11
N PRO A 254 -6.12 -17.90 -2.99
CA PRO A 254 -6.42 -17.88 -4.43
C PRO A 254 -7.91 -18.09 -4.72
N TYR A 255 -8.43 -17.46 -5.76
CA TYR A 255 -9.79 -17.75 -6.21
C TYR A 255 -9.92 -19.18 -6.66
N GLY A 256 -11.14 -19.71 -6.61
CA GLY A 256 -11.37 -21.01 -7.17
C GLY A 256 -12.69 -21.58 -6.74
N VAL A 257 -13.36 -22.30 -7.65
CA VAL A 257 -14.73 -22.73 -7.39
C VAL A 257 -14.78 -23.63 -6.17
N ASP A 258 -13.68 -24.37 -5.91
CA ASP A 258 -13.69 -25.35 -4.83
C ASP A 258 -12.74 -25.03 -3.67
N VAL A 259 -12.24 -23.80 -3.56
CA VAL A 259 -11.34 -23.46 -2.47
C VAL A 259 -12.13 -23.47 -1.16
N PRO A 260 -11.45 -23.59 -0.02
CA PRO A 260 -12.17 -23.77 1.26
C PRO A 260 -13.03 -22.59 1.62
N ASP A 261 -14.12 -22.90 2.30
CA ASP A 261 -15.02 -21.86 2.78
C ASP A 261 -14.33 -20.80 3.61
N SER A 262 -13.27 -21.20 4.34
CA SER A 262 -12.58 -20.32 5.25
C SER A 262 -11.87 -19.17 4.53
N GLN A 263 -11.69 -19.23 3.21
CA GLN A 263 -11.07 -18.10 2.50
C GLN A 263 -12.04 -16.98 2.22
N TYR A 264 -13.32 -17.19 2.46
CA TYR A 264 -14.33 -16.21 2.09
C TYR A 264 -14.78 -15.37 3.28
N VAL A 265 -15.13 -14.11 2.99
CA VAL A 265 -15.89 -13.32 3.96
C VAL A 265 -17.34 -13.75 3.87
N ARG A 266 -17.94 -14.11 5.00
CA ARG A 266 -19.23 -14.80 4.97
C ARG A 266 -20.28 -14.10 5.84
N ASN A 267 -21.54 -14.24 5.42
CA ASN A 267 -22.69 -13.93 6.24
C ASN A 267 -22.88 -12.44 6.48
N PHE A 268 -22.32 -11.59 5.62
CA PHE A 268 -22.33 -10.16 5.81
C PHE A 268 -23.46 -9.52 5.00
N SER A 269 -23.73 -8.24 5.25
CA SER A 269 -24.72 -7.56 4.43
C SER A 269 -24.34 -6.11 4.19
N ILE A 270 -24.69 -5.62 2.98
CA ILE A 270 -24.43 -4.26 2.52
C ILE A 270 -25.78 -3.76 2.04
N VAL A 271 -26.42 -2.91 2.84
CA VAL A 271 -27.86 -2.65 2.72
C VAL A 271 -28.12 -1.17 2.79
N GLY A 272 -28.89 -0.63 1.84
CA GLY A 272 -29.47 0.70 2.05
C GLY A 272 -28.46 1.84 1.98
N ASN A 273 -27.28 1.63 1.40
CA ASN A 273 -26.30 2.70 1.34
C ASN A 273 -26.52 3.56 0.08
N ARG A 274 -25.94 4.77 0.11
CA ARG A 274 -25.96 5.66 -1.02
C ARG A 274 -24.51 6.05 -1.32
N VAL A 275 -24.08 5.85 -2.56
CA VAL A 275 -22.71 6.12 -2.96
C VAL A 275 -22.75 6.97 -4.22
N TYR A 276 -22.39 8.26 -4.09
CA TYR A 276 -22.51 9.22 -5.17
C TYR A 276 -21.12 9.67 -5.64
N ASN A 277 -20.85 9.55 -6.95
CA ASN A 277 -19.65 10.08 -7.59
C ASN A 277 -18.42 9.33 -7.11
N CYS A 278 -18.32 8.10 -7.58
CA CYS A 278 -17.32 7.15 -7.11
C CYS A 278 -17.01 6.26 -8.31
N ARG A 279 -15.74 5.85 -8.46
CA ARG A 279 -15.41 5.07 -9.65
C ARG A 279 -16.01 3.67 -9.60
N GLN A 280 -16.04 3.05 -8.44
CA GLN A 280 -16.56 1.69 -8.29
C GLN A 280 -17.26 1.65 -6.94
N CYS A 281 -18.59 1.69 -6.96
CA CYS A 281 -19.31 2.05 -5.74
C CYS A 281 -19.27 0.92 -4.70
N LEU A 282 -19.52 -0.32 -5.13
CA LEU A 282 -19.57 -1.48 -4.26
C LEU A 282 -18.71 -2.56 -4.87
N HIS A 283 -17.88 -3.17 -4.02
CA HIS A 283 -16.91 -4.17 -4.48
C HIS A 283 -16.88 -5.32 -3.48
N VAL A 284 -17.01 -6.55 -3.95
CA VAL A 284 -16.74 -7.72 -3.12
C VAL A 284 -15.87 -8.70 -3.92
N GLU A 285 -14.86 -9.26 -3.28
CA GLU A 285 -14.17 -10.40 -3.87
C GLU A 285 -14.02 -11.47 -2.79
N MET A 286 -14.16 -12.72 -3.19
CA MET A 286 -14.04 -13.84 -2.26
C MET A 286 -15.01 -13.63 -1.09
N GLY A 287 -16.25 -13.29 -1.44
CA GLY A 287 -17.38 -13.28 -0.50
C GLY A 287 -18.30 -14.46 -0.75
N LYS A 288 -18.93 -14.95 0.32
CA LYS A 288 -19.85 -16.08 0.22
C LYS A 288 -20.98 -15.91 1.21
N ASN A 289 -22.18 -16.36 0.84
CA ASN A 289 -23.34 -16.27 1.75
C ASN A 289 -23.59 -14.85 2.22
N PHE A 290 -23.74 -13.93 1.26
CA PHE A 290 -23.90 -12.51 1.57
C PHE A 290 -25.00 -11.92 0.71
N THR A 291 -25.42 -10.72 1.08
CA THR A 291 -26.52 -10.02 0.43
C THR A 291 -26.15 -8.57 0.26
N ILE A 292 -26.42 -8.03 -0.94
CA ILE A 292 -26.22 -6.63 -1.26
C ILE A 292 -27.60 -6.09 -1.64
N ARG A 293 -28.23 -5.31 -0.74
CA ARG A 293 -29.66 -5.02 -0.85
C ARG A 293 -29.96 -3.53 -0.85
N ASP A 294 -30.76 -3.08 -1.82
CA ASP A 294 -31.35 -1.72 -1.82
C ASP A 294 -30.32 -0.61 -1.66
N ASN A 295 -29.26 -0.66 -2.47
CA ASN A 295 -28.29 0.41 -2.50
C ASN A 295 -28.56 1.34 -3.68
N GLU A 296 -28.11 2.59 -3.56
CA GLU A 296 -28.30 3.61 -4.58
C GLU A 296 -26.92 4.13 -4.94
N VAL A 297 -26.54 4.03 -6.23
CA VAL A 297 -25.15 4.30 -6.60
C VAL A 297 -25.07 5.15 -7.87
N TYR A 298 -24.03 6.01 -7.93
CA TYR A 298 -23.81 6.91 -9.07
C TYR A 298 -22.33 6.85 -9.43
N PRO A 299 -21.92 5.88 -10.23
CA PRO A 299 -20.49 5.77 -10.64
C PRO A 299 -20.09 6.91 -11.56
N ASN A 300 -18.77 7.11 -11.70
CA ASN A 300 -18.28 8.17 -12.57
C ASN A 300 -16.91 7.74 -13.08
N THR A 301 -16.78 7.56 -14.40
CA THR A 301 -15.51 7.21 -15.04
C THR A 301 -14.41 8.21 -14.75
N ALA A 302 -14.74 9.44 -14.35
CA ALA A 302 -13.73 10.49 -14.30
C ALA A 302 -12.95 10.53 -13.01
N VAL A 303 -13.38 9.84 -11.96
CA VAL A 303 -12.67 9.92 -10.68
C VAL A 303 -11.78 8.70 -10.50
N SER A 304 -10.86 8.78 -9.53
CA SER A 304 -9.84 7.76 -9.26
C SER A 304 -9.06 7.40 -10.50
N THR A 305 -8.65 8.42 -11.23
CA THR A 305 -7.87 8.25 -12.43
C THR A 305 -6.59 7.49 -12.12
N GLY A 306 -6.32 6.42 -12.88
CA GLY A 306 -5.05 5.74 -12.77
C GLY A 306 -4.99 4.63 -11.74
N THR A 307 -6.04 4.44 -10.91
CA THR A 307 -5.97 3.41 -9.88
C THR A 307 -6.39 2.03 -10.37
N GLY A 308 -6.81 1.89 -11.63
CA GLY A 308 -7.03 0.57 -12.21
C GLY A 308 -8.38 -0.07 -11.94
N LEU A 309 -9.36 0.66 -11.40
CA LEU A 309 -10.68 0.07 -11.11
C LEU A 309 -11.55 0.04 -12.35
N THR A 310 -12.36 -1.02 -12.47
CA THR A 310 -13.38 -1.09 -13.50
C THR A 310 -14.57 -0.26 -13.05
N THR A 311 -14.97 0.72 -13.85
CA THR A 311 -16.09 1.58 -13.48
C THR A 311 -17.34 0.76 -13.36
N CYS A 312 -18.05 0.90 -12.24
N CYS A 312 -18.06 0.92 -12.24
CA CYS A 312 -19.41 0.39 -12.13
CA CYS A 312 -19.24 0.10 -11.94
C CYS A 312 -20.03 0.67 -10.76
C CYS A 312 -19.98 0.63 -10.71
N GLY A 313 -21.25 0.22 -10.58
CA GLY A 313 -21.98 0.40 -9.33
C GLY A 313 -21.72 -0.77 -8.39
N VAL A 314 -21.74 -1.98 -8.93
CA VAL A 314 -21.51 -3.20 -8.13
C VAL A 314 -20.57 -4.10 -8.91
N ALA A 315 -19.42 -4.43 -8.30
CA ALA A 315 -18.44 -5.32 -8.90
C ALA A 315 -18.17 -6.49 -7.96
N LEU A 316 -18.43 -7.71 -8.42
CA LEU A 316 -18.28 -8.89 -7.58
C LEU A 316 -17.38 -9.87 -8.29
N TYR A 317 -16.35 -10.37 -7.58
CA TYR A 317 -15.36 -11.26 -8.16
C TYR A 317 -15.25 -12.57 -7.39
N GLY A 318 -15.44 -13.68 -8.10
CA GLY A 318 -15.19 -14.98 -7.46
C GLY A 318 -16.12 -15.32 -6.30
N CYS A 319 -17.31 -14.71 -6.22
CA CYS A 319 -18.21 -14.85 -5.09
C CYS A 319 -19.18 -16.00 -5.31
N GLN A 320 -19.73 -16.55 -4.20
CA GLN A 320 -20.72 -17.63 -4.30
C GLN A 320 -21.86 -17.39 -3.31
N ASP A 321 -23.03 -17.91 -3.63
CA ASP A 321 -24.13 -17.98 -2.65
C ASP A 321 -24.52 -16.57 -2.18
N PHE A 322 -24.88 -15.72 -3.14
CA PHE A 322 -25.14 -14.34 -2.78
C PHE A 322 -26.33 -13.81 -3.57
N GLU A 323 -26.88 -12.66 -3.14
CA GLU A 323 -27.88 -11.95 -3.95
C GLU A 323 -27.50 -10.48 -4.07
N VAL A 324 -27.81 -9.90 -5.22
CA VAL A 324 -27.93 -8.46 -5.37
C VAL A 324 -29.41 -8.19 -5.55
N ASP A 325 -30.01 -7.49 -4.60
CA ASP A 325 -31.47 -7.37 -4.49
C ASP A 325 -31.76 -5.87 -4.39
N GLY A 326 -32.14 -5.26 -5.51
CA GLY A 326 -32.49 -3.85 -5.43
C GLY A 326 -31.29 -2.95 -5.68
N LEU A 327 -31.36 -2.12 -6.73
CA LEU A 327 -30.28 -1.19 -7.06
C LEU A 327 -30.91 -0.08 -7.87
N THR A 328 -30.52 1.15 -7.55
CA THR A 328 -30.98 2.36 -8.25
C THR A 328 -29.76 3.26 -8.46
N GLY A 329 -29.95 4.33 -9.24
CA GLY A 329 -28.86 5.24 -9.62
C GLY A 329 -28.53 5.09 -11.09
N TYR A 330 -27.45 5.78 -11.49
CA TYR A 330 -27.03 5.79 -12.89
C TYR A 330 -25.62 6.38 -12.91
N LEU A 331 -24.94 6.26 -14.05
CA LEU A 331 -23.58 6.80 -14.12
C LEU A 331 -23.61 8.29 -14.41
N LEU A 332 -22.70 9.05 -13.77
CA LEU A 332 -22.63 10.51 -13.94
C LEU A 332 -21.89 10.96 -15.19
N ASN A 333 -21.01 10.14 -15.75
CA ASN A 333 -20.27 10.51 -16.96
C ASN A 333 -21.15 10.39 -18.20
N ASP A 334 -20.65 10.86 -19.34
CA ASP A 334 -21.41 10.67 -20.56
C ASP A 334 -21.52 9.19 -20.90
N PRO A 335 -22.69 8.72 -21.35
CA PRO A 335 -22.85 7.29 -21.66
C PRO A 335 -21.90 6.79 -22.72
N SER A 336 -21.34 7.65 -23.57
CA SER A 336 -20.41 7.14 -24.57
C SER A 336 -19.13 6.62 -23.93
N VAL A 337 -18.80 7.07 -22.72
CA VAL A 337 -17.62 6.55 -22.04
C VAL A 337 -17.92 5.23 -21.34
N SER A 338 -19.07 5.13 -20.64
CA SER A 338 -19.40 3.85 -20.01
C SER A 338 -20.85 3.91 -19.56
N THR A 339 -21.50 2.73 -19.58
CA THR A 339 -22.81 2.53 -18.96
C THR A 339 -22.77 1.37 -17.97
N ARG A 340 -21.58 0.90 -17.61
CA ARG A 340 -21.46 -0.32 -16.81
C ARG A 340 -21.90 -0.06 -15.37
N MET A 341 -22.91 -0.81 -14.91
CA MET A 341 -23.45 -0.67 -13.57
C MET A 341 -23.31 -1.93 -12.73
N VAL A 342 -23.55 -3.11 -13.30
CA VAL A 342 -23.40 -4.36 -12.54
C VAL A 342 -22.37 -5.22 -13.27
N PHE A 343 -21.36 -5.70 -12.54
CA PHE A 343 -20.25 -6.44 -13.16
C PHE A 343 -19.94 -7.60 -12.22
N ILE A 344 -20.30 -8.80 -12.65
CA ILE A 344 -20.16 -10.01 -11.87
C ILE A 344 -19.29 -10.95 -12.69
N ASP A 345 -18.12 -11.30 -12.14
CA ASP A 345 -17.05 -11.84 -12.94
C ASP A 345 -16.28 -12.91 -12.15
N TRP A 346 -15.53 -13.69 -12.89
CA TRP A 346 -14.53 -14.58 -12.27
C TRP A 346 -13.44 -13.79 -11.55
N GLY A 347 -12.73 -14.45 -10.64
CA GLY A 347 -11.49 -13.90 -10.14
C GLY A 347 -10.34 -14.24 -11.06
N VAL A 348 -9.12 -13.81 -10.69
CA VAL A 348 -7.90 -14.06 -11.44
C VAL A 348 -6.78 -14.46 -10.48
N ASN A 349 -6.10 -15.56 -10.77
CA ASN A 349 -4.89 -15.93 -10.04
C ASN A 349 -3.74 -15.83 -11.03
N ASN A 350 -2.83 -14.89 -10.79
CA ASN A 350 -1.60 -14.77 -11.59
C ASN A 350 -1.89 -14.81 -13.08
N GLY A 351 -2.79 -13.94 -13.52
CA GLY A 351 -3.08 -13.83 -14.93
C GLY A 351 -4.01 -14.89 -15.49
N ARG A 352 -4.50 -15.83 -14.67
CA ARG A 352 -5.40 -16.87 -15.14
C ARG A 352 -6.74 -16.72 -14.44
N TYR A 353 -7.83 -16.69 -15.20
CA TYR A 353 -9.14 -16.63 -14.54
C TYR A 353 -9.38 -17.88 -13.70
N ALA A 354 -10.11 -17.70 -12.59
CA ALA A 354 -10.40 -18.78 -11.63
C ALA A 354 -11.50 -18.30 -10.73
N GLY A 355 -12.33 -19.23 -10.26
CA GLY A 355 -13.39 -18.87 -9.33
C GLY A 355 -14.58 -18.19 -9.99
N PRO A 356 -15.34 -18.95 -10.79
CA PRO A 356 -16.54 -18.39 -11.38
C PRO A 356 -17.54 -18.06 -10.29
N PRO A 357 -18.31 -17.00 -10.42
CA PRO A 357 -19.46 -16.82 -9.50
C PRO A 357 -20.47 -17.91 -9.73
N ILE A 358 -20.98 -18.50 -8.61
CA ILE A 358 -21.99 -19.55 -8.73
C ILE A 358 -23.01 -19.38 -7.60
N ASN A 359 -24.20 -19.92 -7.84
CA ASN A 359 -25.31 -19.94 -6.89
C ASN A 359 -25.66 -18.53 -6.43
N PHE A 360 -26.19 -17.74 -7.38
CA PHE A 360 -26.47 -16.35 -7.04
C PHE A 360 -27.79 -15.93 -7.63
N THR A 361 -28.33 -14.83 -7.10
CA THR A 361 -29.60 -14.28 -7.55
C THR A 361 -29.40 -12.78 -7.79
N ILE A 362 -29.71 -12.31 -8.99
CA ILE A 362 -29.65 -10.88 -9.32
C ILE A 362 -31.09 -10.44 -9.50
N LYS A 363 -31.59 -9.51 -8.66
CA LYS A 363 -33.01 -9.19 -8.79
C LYS A 363 -33.34 -7.76 -8.37
N ASN A 364 -34.50 -7.32 -8.85
CA ASN A 364 -35.13 -6.06 -8.43
C ASN A 364 -34.26 -4.85 -8.76
N LEU A 365 -33.52 -4.89 -9.87
CA LEU A 365 -32.68 -3.76 -10.25
C LEU A 365 -33.44 -2.76 -11.11
N ASP A 366 -33.39 -1.49 -10.72
CA ASP A 366 -34.09 -0.43 -11.43
C ASP A 366 -33.03 0.51 -12.00
N ILE A 367 -32.40 0.09 -13.10
CA ILE A 367 -31.27 0.83 -13.66
C ILE A 367 -31.44 0.93 -15.18
N PRO A 368 -32.53 1.50 -15.67
CA PRO A 368 -32.84 1.39 -17.11
C PRO A 368 -31.73 1.96 -18.00
N GLU A 369 -31.01 2.97 -17.53
CA GLU A 369 -29.98 3.63 -18.36
C GLU A 369 -28.69 2.83 -18.46
N SER A 370 -28.52 1.84 -17.57
CA SER A 370 -27.21 1.24 -17.32
C SER A 370 -27.21 -0.27 -17.53
N SER A 371 -26.00 -0.83 -17.66
CA SER A 371 -25.86 -2.16 -18.21
C SER A 371 -25.37 -3.16 -17.17
N ILE A 372 -25.60 -4.43 -17.48
CA ILE A 372 -25.27 -5.55 -16.60
C ILE A 372 -24.38 -6.49 -17.41
N GLU A 373 -23.27 -6.96 -16.80
CA GLU A 373 -22.34 -7.90 -17.41
C GLU A 373 -22.09 -8.98 -16.39
N ILE A 374 -22.38 -10.23 -16.77
CA ILE A 374 -22.26 -11.38 -15.87
C ILE A 374 -21.48 -12.45 -16.62
N ALA A 375 -20.44 -12.99 -15.96
CA ALA A 375 -19.69 -14.11 -16.52
C ALA A 375 -19.66 -15.19 -15.45
N THR A 376 -20.24 -16.36 -15.76
CA THR A 376 -20.34 -17.49 -14.84
C THR A 376 -19.88 -18.75 -15.57
N SER A 377 -20.39 -19.93 -15.20
CA SER A 377 -19.94 -21.19 -15.78
C SER A 377 -20.89 -22.30 -15.32
N GLY A 378 -20.61 -23.54 -15.73
CA GLY A 378 -21.34 -24.69 -15.23
C GLY A 378 -20.53 -25.94 -15.50
N SER A 379 -20.70 -26.93 -14.64
CA SER A 379 -19.86 -28.12 -14.68
C SER A 379 -20.68 -29.34 -14.31
N ASP A 380 -20.11 -30.51 -14.58
CA ASP A 380 -20.64 -31.74 -14.00
C ASP A 380 -20.19 -31.93 -12.56
N ALA A 381 -19.11 -31.26 -12.16
CA ALA A 381 -18.49 -31.50 -10.86
C ALA A 381 -19.20 -30.79 -9.72
N TRP A 382 -20.00 -29.78 -10.00
CA TRP A 382 -20.69 -28.99 -8.99
C TRP A 382 -21.89 -28.32 -9.66
N GLU A 383 -22.91 -28.05 -8.86
CA GLU A 383 -24.06 -27.39 -9.43
C GLU A 383 -23.91 -25.89 -9.31
N ASN A 384 -24.63 -25.18 -10.18
CA ASN A 384 -24.63 -23.73 -10.17
C ASN A 384 -26.04 -23.34 -10.58
N SER A 385 -26.80 -22.80 -9.65
N SER A 385 -26.79 -22.81 -9.63
CA SER A 385 -28.19 -22.41 -9.91
CA SER A 385 -28.17 -22.37 -9.86
C SER A 385 -28.28 -20.90 -9.83
C SER A 385 -28.20 -20.85 -9.84
N THR A 386 -28.65 -20.24 -10.93
CA THR A 386 -28.68 -18.78 -11.02
C THR A 386 -30.11 -18.33 -11.28
N ILE A 387 -30.42 -17.16 -10.73
CA ILE A 387 -31.73 -16.53 -10.92
C ILE A 387 -31.49 -15.08 -11.26
N VAL A 388 -32.08 -14.61 -12.35
CA VAL A 388 -32.07 -13.19 -12.66
C VAL A 388 -33.53 -12.78 -12.85
N SER A 389 -33.99 -11.81 -12.06
CA SER A 389 -35.44 -11.57 -11.95
C SER A 389 -35.80 -10.12 -11.69
N ASN A 390 -36.81 -9.62 -12.41
CA ASN A 390 -37.39 -8.28 -12.11
C ASN A 390 -36.33 -7.20 -12.29
N ILE A 391 -35.89 -7.06 -13.53
CA ILE A 391 -34.77 -6.23 -13.91
C ILE A 391 -35.26 -5.15 -14.88
N ASN A 392 -34.76 -3.94 -14.72
CA ASN A 392 -34.94 -2.87 -15.72
C ASN A 392 -33.55 -2.30 -16.00
N CYS A 393 -32.99 -2.59 -17.20
CA CYS A 393 -31.59 -2.23 -17.49
C CYS A 393 -31.43 -1.89 -18.97
N ASN A 394 -30.18 -1.56 -19.34
CA ASN A 394 -29.86 -1.17 -20.72
C ASN A 394 -29.34 -2.43 -21.43
N VAL A 395 -27.99 -2.63 -21.53
CA VAL A 395 -27.52 -3.90 -22.10
C VAL A 395 -27.51 -4.99 -21.05
N PHE A 396 -28.00 -6.15 -21.40
CA PHE A 396 -27.90 -7.34 -20.55
C PHE A 396 -26.92 -8.27 -21.24
N LYS A 397 -25.70 -8.36 -20.71
CA LYS A 397 -24.64 -9.17 -21.31
C LYS A 397 -24.32 -10.34 -20.38
N TRP A 398 -24.30 -11.55 -20.94
CA TRP A 398 -24.19 -12.75 -20.13
C TRP A 398 -23.27 -13.75 -20.82
N ARG A 399 -22.39 -14.39 -20.03
CA ARG A 399 -21.55 -15.49 -20.49
C ARG A 399 -21.64 -16.62 -19.48
N GLY A 400 -21.80 -17.86 -19.95
CA GLY A 400 -21.70 -18.99 -19.04
C GLY A 400 -22.99 -19.83 -19.01
N LEU A 401 -22.89 -21.13 -18.73
CA LEU A 401 -24.06 -22.01 -18.78
C LEU A 401 -24.19 -22.78 -17.47
N PRO A 402 -24.92 -22.23 -16.50
CA PRO A 402 -25.07 -22.89 -15.19
C PRO A 402 -25.80 -24.22 -15.33
N SER A 403 -25.78 -25.05 -14.27
CA SER A 403 -26.60 -26.25 -14.32
C SER A 403 -28.10 -25.89 -14.39
N SER A 404 -28.50 -24.79 -13.73
CA SER A 404 -29.86 -24.24 -13.96
C SER A 404 -29.84 -22.72 -13.87
N SER A 405 -30.54 -22.09 -14.80
CA SER A 405 -30.50 -20.62 -14.86
C SER A 405 -31.92 -20.17 -15.22
N THR A 406 -32.47 -19.25 -14.45
CA THR A 406 -33.80 -18.73 -14.76
C THR A 406 -33.73 -17.23 -14.97
N PHE A 407 -34.57 -16.74 -15.90
CA PHE A 407 -34.52 -15.33 -16.33
C PHE A 407 -35.98 -14.89 -16.42
N ASN A 408 -36.41 -13.97 -15.54
CA ASN A 408 -37.82 -13.68 -15.37
C ASN A 408 -38.01 -12.16 -15.35
N ASN A 409 -38.94 -11.65 -16.18
CA ASN A 409 -39.36 -10.24 -16.05
C ASN A 409 -38.15 -9.30 -16.14
N ILE A 410 -37.32 -9.55 -17.15
CA ILE A 410 -36.18 -8.68 -17.47
C ILE A 410 -36.61 -7.75 -18.59
N ARG A 411 -36.59 -6.45 -18.32
CA ARG A 411 -36.78 -5.43 -19.34
C ARG A 411 -35.39 -4.87 -19.65
N CYS A 412 -34.96 -4.97 -20.91
CA CYS A 412 -33.61 -4.55 -21.26
C CYS A 412 -33.69 -3.97 -22.65
N ARG A 413 -32.60 -3.31 -23.06
CA ARG A 413 -32.59 -2.69 -24.38
C ARG A 413 -31.84 -3.54 -25.42
N SER A 414 -31.11 -4.55 -24.97
CA SER A 414 -30.50 -5.51 -25.87
C SER A 414 -30.03 -6.67 -25.00
N ILE A 415 -29.89 -7.83 -25.62
CA ILE A 415 -29.34 -9.03 -24.97
C ILE A 415 -28.11 -9.48 -25.77
N ASP A 416 -27.01 -9.72 -25.05
CA ASP A 416 -25.73 -10.20 -25.61
C ASP A 416 -25.37 -11.46 -24.82
N PHE A 417 -25.74 -12.63 -25.33
CA PHE A 417 -25.78 -13.85 -24.52
C PHE A 417 -25.05 -15.00 -25.21
N ILE A 418 -24.11 -15.62 -24.51
CA ILE A 418 -23.51 -16.88 -24.94
C ILE A 418 -23.52 -17.81 -23.75
N GLY A 419 -24.00 -19.06 -23.96
CA GLY A 419 -24.14 -20.02 -22.85
C GLY A 419 -22.80 -20.64 -22.53
N GLN A 420 -22.46 -21.77 -23.15
CA GLN A 420 -21.17 -22.40 -22.90
C GLN A 420 -20.11 -21.68 -23.73
N HIS A 421 -19.72 -20.50 -23.23
CA HIS A 421 -18.79 -19.65 -23.99
C HIS A 421 -17.39 -20.27 -24.02
N GLY A 422 -16.71 -20.14 -25.16
CA GLY A 422 -15.40 -20.72 -25.34
C GLY A 422 -14.28 -19.71 -25.11
N SER A 423 -13.06 -20.18 -25.38
CA SER A 423 -11.90 -19.30 -25.34
C SER A 423 -12.10 -18.07 -26.22
N GLY A 424 -11.80 -16.90 -25.68
CA GLY A 424 -11.96 -15.67 -26.45
C GLY A 424 -13.37 -15.09 -26.36
N GLU A 425 -14.30 -15.79 -25.71
CA GLU A 425 -15.67 -15.30 -25.61
C GLU A 425 -16.03 -14.85 -24.21
N GLY A 426 -15.06 -14.59 -23.34
CA GLY A 426 -15.35 -14.12 -22.00
C GLY A 426 -14.55 -14.87 -20.96
N SER A 427 -14.61 -14.36 -19.72
CA SER A 427 -13.81 -14.91 -18.64
C SER A 427 -14.03 -16.42 -18.46
N GLY A 428 -12.92 -17.16 -18.45
CA GLY A 428 -13.09 -18.58 -18.18
C GLY A 428 -13.74 -19.35 -19.30
N GLY A 429 -13.88 -18.73 -20.47
CA GLY A 429 -14.38 -19.48 -21.61
C GLY A 429 -13.62 -20.77 -21.87
N GLY A 430 -14.36 -21.85 -22.12
CA GLY A 430 -13.74 -23.15 -22.33
C GLY A 430 -13.36 -23.93 -21.09
N PHE A 431 -13.38 -23.33 -19.89
CA PHE A 431 -12.78 -23.98 -18.72
C PHE A 431 -13.64 -25.17 -18.25
N TYR A 432 -14.96 -24.98 -18.18
CA TYR A 432 -15.88 -26.00 -17.65
C TYR A 432 -16.99 -26.30 -18.64
N THR A 433 -17.46 -27.55 -18.64
CA THR A 433 -18.66 -27.91 -19.38
C THR A 433 -19.49 -28.88 -18.53
N ARG A 434 -20.76 -29.00 -18.87
CA ARG A 434 -21.69 -29.83 -18.11
C ARG A 434 -22.44 -30.70 -19.10
N SER A 435 -22.10 -31.98 -19.15
N SER A 435 -22.10 -31.98 -19.15
CA SER A 435 -22.85 -32.92 -19.99
CA SER A 435 -22.84 -32.91 -20.00
C SER A 435 -24.17 -33.33 -19.37
C SER A 435 -24.14 -33.39 -19.36
N GLN A 436 -24.28 -33.27 -18.05
CA GLN A 436 -25.51 -33.67 -17.37
C GLN A 436 -26.62 -32.66 -17.59
N PHE A 437 -27.80 -33.01 -17.06
CA PHE A 437 -29.00 -32.21 -17.24
C PHE A 437 -28.74 -30.75 -16.99
N THR A 438 -29.00 -29.94 -17.99
CA THR A 438 -28.81 -28.51 -17.91
C THR A 438 -30.13 -27.83 -18.26
N TYR A 439 -30.57 -26.95 -17.37
CA TYR A 439 -31.92 -26.36 -17.41
C TYR A 439 -31.86 -24.85 -17.60
N MET A 440 -32.76 -24.27 -18.40
CA MET A 440 -32.88 -22.83 -18.48
C MET A 440 -34.34 -22.42 -18.66
N LYS A 441 -34.69 -21.23 -18.17
CA LYS A 441 -36.06 -20.72 -18.31
C LYS A 441 -35.99 -19.23 -18.62
N TRP A 442 -36.81 -18.77 -19.59
CA TRP A 442 -36.97 -17.35 -19.89
C TRP A 442 -38.45 -17.09 -19.85
N VAL A 443 -38.93 -16.27 -18.91
CA VAL A 443 -40.35 -15.95 -18.84
C VAL A 443 -40.55 -14.44 -18.79
N GLY A 444 -41.42 -13.93 -19.66
CA GLY A 444 -41.94 -12.54 -19.48
C GLY A 444 -40.87 -11.46 -19.60
N CYS A 445 -39.84 -11.71 -20.42
CA CYS A 445 -38.77 -10.75 -20.68
C CYS A 445 -39.04 -9.90 -21.92
N THR A 446 -38.40 -8.72 -21.96
CA THR A 446 -38.60 -7.74 -23.02
C THR A 446 -37.24 -7.15 -23.39
N ALA A 447 -36.81 -7.40 -24.61
CA ALA A 447 -35.65 -6.70 -25.18
C ALA A 447 -36.19 -5.73 -26.22
N LEU A 448 -36.10 -4.43 -25.93
CA LEU A 448 -36.75 -3.45 -26.79
C LEU A 448 -36.09 -2.13 -26.55
N SER A 449 -35.72 -1.45 -27.65
CA SER A 449 -35.21 -0.10 -27.60
C SER A 449 -35.96 0.66 -28.68
N GLY A 450 -37.02 1.38 -28.30
CA GLY A 450 -37.76 2.13 -29.32
C GLY A 450 -38.52 1.16 -30.19
N ASP A 451 -38.06 0.88 -31.42
CA ASP A 451 -38.77 -0.08 -32.25
C ASP A 451 -37.97 -1.35 -32.47
N GLU A 452 -36.78 -1.46 -31.90
CA GLU A 452 -35.88 -2.57 -32.20
C GLU A 452 -35.82 -3.58 -31.08
N THR A 453 -35.91 -4.85 -31.47
CA THR A 453 -35.74 -5.99 -30.57
C THR A 453 -34.40 -6.60 -30.95
N THR A 454 -33.42 -6.44 -30.08
CA THR A 454 -32.01 -6.73 -30.41
C THR A 454 -31.47 -7.76 -29.43
N VAL A 455 -31.43 -9.03 -29.85
CA VAL A 455 -30.93 -10.10 -28.99
C VAL A 455 -29.97 -10.96 -29.79
N SER A 456 -28.99 -11.55 -29.09
CA SER A 456 -28.10 -12.53 -29.70
C SER A 456 -27.91 -13.62 -28.66
N PHE A 457 -28.23 -14.85 -29.04
CA PHE A 457 -28.08 -16.05 -28.21
C PHE A 457 -27.24 -17.09 -28.95
N ALA A 458 -26.38 -17.82 -28.24
CA ALA A 458 -25.62 -18.90 -28.86
C ALA A 458 -25.16 -19.88 -27.78
N LYS A 459 -24.93 -21.12 -28.20
CA LYS A 459 -24.28 -22.15 -27.36
C LYS A 459 -25.09 -22.44 -26.08
N ILE A 460 -26.42 -22.37 -26.19
CA ILE A 460 -27.30 -22.75 -25.08
C ILE A 460 -27.53 -24.25 -25.24
N TYR A 461 -26.62 -25.04 -24.63
CA TYR A 461 -26.67 -26.51 -24.72
C TYR A 461 -27.51 -27.04 -23.55
N THR A 462 -28.81 -26.86 -23.66
CA THR A 462 -29.75 -27.25 -22.61
C THR A 462 -30.45 -28.55 -22.95
N ASP A 463 -30.77 -29.31 -21.90
CA ASP A 463 -31.63 -30.45 -22.05
C ASP A 463 -33.10 -30.08 -21.98
N ARG A 464 -33.40 -28.98 -21.30
CA ARG A 464 -34.77 -28.46 -21.28
C ARG A 464 -34.70 -26.95 -21.16
N CYS A 465 -35.51 -26.24 -21.93
CA CYS A 465 -35.55 -24.78 -21.84
C CYS A 465 -37.01 -24.39 -21.96
N ASP A 466 -37.57 -23.85 -20.88
CA ASP A 466 -38.96 -23.38 -20.92
C ASP A 466 -38.95 -21.90 -21.24
N GLN A 467 -39.80 -21.45 -22.18
CA GLN A 467 -39.77 -20.04 -22.53
C GLN A 467 -41.17 -19.60 -22.94
N VAL A 468 -41.65 -18.50 -22.38
N VAL A 468 -41.68 -18.56 -22.28
CA VAL A 468 -42.99 -18.03 -22.69
CA VAL A 468 -43.02 -18.03 -22.53
C VAL A 468 -43.14 -16.60 -22.20
C VAL A 468 -43.05 -16.52 -22.25
N GLY A 469 -43.97 -15.83 -22.91
CA GLY A 469 -44.23 -14.44 -22.58
C GLY A 469 -43.13 -13.45 -22.94
N ASN A 470 -42.11 -13.85 -23.69
CA ASN A 470 -41.03 -12.95 -24.12
C ASN A 470 -41.38 -12.30 -25.45
N ASN A 471 -40.75 -11.15 -25.77
CA ASN A 471 -40.94 -10.59 -27.12
C ASN A 471 -39.89 -11.07 -28.10
N PHE A 472 -39.26 -12.21 -27.80
CA PHE A 472 -38.25 -12.79 -28.65
C PHE A 472 -38.23 -14.29 -28.40
N GLY A 473 -37.60 -15.03 -29.31
CA GLY A 473 -37.39 -16.46 -29.12
C GLY A 473 -35.94 -16.72 -28.74
N VAL A 474 -35.74 -17.74 -27.92
CA VAL A 474 -34.43 -18.16 -27.44
C VAL A 474 -34.03 -19.46 -28.15
N PRO A 475 -33.05 -19.45 -29.04
CA PRO A 475 -32.61 -20.70 -29.69
C PRO A 475 -31.76 -21.50 -28.73
N THR A 476 -31.99 -22.82 -28.73
CA THR A 476 -31.10 -23.71 -28.00
C THR A 476 -30.32 -24.57 -28.99
N ALA A 477 -29.22 -25.16 -28.51
CA ALA A 477 -28.25 -25.72 -29.41
C ALA A 477 -27.88 -27.11 -28.91
N VAL A 478 -27.27 -27.90 -29.77
CA VAL A 478 -26.91 -29.28 -29.42
C VAL A 478 -25.40 -29.42 -29.56
N ASP A 479 -24.74 -29.93 -28.50
CA ASP A 479 -23.29 -30.12 -28.51
C ASP A 479 -22.97 -31.57 -28.87
N GLY A 480 -23.32 -31.94 -30.10
CA GLY A 480 -23.02 -33.29 -30.55
C GLY A 480 -24.28 -34.14 -30.60
N THR A 481 -24.46 -34.89 -31.69
CA THR A 481 -25.75 -35.53 -31.96
C THR A 481 -26.17 -36.41 -30.79
N GLY A 482 -27.43 -36.26 -30.35
CA GLY A 482 -28.03 -37.02 -29.27
C GLY A 482 -27.77 -36.52 -27.87
N HIS A 483 -26.83 -35.59 -27.68
CA HIS A 483 -26.35 -35.23 -26.36
C HIS A 483 -27.34 -34.41 -25.53
N ARG A 484 -28.44 -33.94 -26.12
CA ARG A 484 -29.46 -33.22 -25.34
C ARG A 484 -30.85 -33.77 -25.62
N GLY A 485 -30.96 -35.05 -25.98
CA GLY A 485 -32.25 -35.68 -26.20
C GLY A 485 -32.76 -35.50 -27.62
N PRO A 486 -34.03 -35.76 -27.85
CA PRO A 486 -34.56 -35.54 -29.21
C PRO A 486 -34.53 -34.05 -29.48
N VAL A 487 -34.41 -33.69 -30.76
CA VAL A 487 -34.33 -32.28 -31.12
C VAL A 487 -35.75 -31.74 -31.23
N LEU A 488 -36.07 -30.75 -30.38
CA LEU A 488 -37.40 -30.14 -30.28
C LEU A 488 -37.28 -28.62 -30.42
N THR A 489 -38.31 -27.98 -30.95
CA THR A 489 -38.39 -26.53 -30.86
C THR A 489 -39.60 -26.17 -30.04
N THR A 490 -39.40 -25.41 -28.97
CA THR A 490 -40.54 -24.93 -28.19
C THR A 490 -41.37 -23.98 -29.06
N ILE A 491 -42.69 -24.17 -29.08
CA ILE A 491 -43.57 -23.24 -29.79
C ILE A 491 -43.99 -22.19 -28.79
N SER A 492 -43.43 -20.99 -28.93
CA SER A 492 -43.71 -19.94 -27.96
C SER A 492 -44.85 -19.03 -28.41
N GLU A 493 -45.13 -18.94 -29.72
CA GLU A 493 -46.22 -18.08 -30.23
C GLU A 493 -47.20 -18.89 -31.06
N GLN A 494 -48.51 -18.73 -30.81
CA GLN A 494 -49.51 -19.23 -31.74
C GLN A 494 -50.59 -18.16 -31.90
N TYR A 495 -51.11 -18.03 -33.12
CA TYR A 495 -52.04 -16.95 -33.45
C TYR A 495 -53.25 -17.51 -34.15
N PHE A 496 -54.33 -16.74 -34.10
CA PHE A 496 -55.55 -17.01 -34.84
C PHE A 496 -55.77 -15.89 -35.84
N THR A 497 -56.15 -16.22 -37.07
CA THR A 497 -56.54 -15.22 -38.05
C THR A 497 -57.94 -15.52 -38.57
N ALA A 498 -58.74 -14.47 -38.75
CA ALA A 498 -60.05 -14.72 -39.35
C ALA A 498 -59.95 -15.01 -40.87
N TYR A 499 -58.77 -14.98 -41.45
CA TYR A 499 -58.59 -15.10 -42.89
C TYR A 499 -57.60 -16.23 -43.16
N ASP A 500 -57.52 -16.66 -44.43
CA ASP A 500 -56.66 -17.79 -44.79
C ASP A 500 -55.27 -17.39 -45.21
N GLU A 501 -55.08 -16.21 -45.85
CA GLU A 501 -53.76 -15.87 -46.33
C GLU A 501 -52.77 -15.76 -45.15
N PHE A 502 -51.52 -16.13 -45.41
CA PHE A 502 -50.52 -16.02 -44.35
C PHE A 502 -50.32 -14.53 -43.99
N PRO A 503 -50.22 -14.19 -42.70
CA PRO A 503 -50.08 -12.78 -42.31
C PRO A 503 -48.72 -12.24 -42.70
N GLY A 504 -48.72 -11.17 -43.51
CA GLY A 504 -47.50 -10.66 -44.07
C GLY A 504 -46.75 -9.70 -43.17
N GLY A 505 -45.45 -9.54 -43.47
CA GLY A 505 -44.71 -8.44 -42.90
C GLY A 505 -44.36 -8.50 -41.43
N ARG A 506 -44.47 -9.69 -40.78
CA ARG A 506 -44.32 -9.84 -39.34
C ARG A 506 -43.52 -11.10 -39.08
N GLU A 507 -42.53 -11.00 -38.21
CA GLU A 507 -41.64 -12.12 -38.00
C GLU A 507 -42.24 -13.12 -37.03
N PHE A 508 -42.11 -14.40 -37.36
CA PHE A 508 -42.60 -15.49 -36.49
C PHE A 508 -41.44 -16.46 -36.28
N PRO A 509 -41.19 -16.91 -35.06
CA PRO A 509 -40.11 -17.89 -34.89
C PRO A 509 -40.45 -19.21 -35.56
N THR A 510 -39.41 -20.01 -35.78
CA THR A 510 -39.62 -21.38 -36.24
C THR A 510 -40.57 -22.09 -35.29
N GLY A 511 -41.54 -22.80 -35.85
CA GLY A 511 -42.47 -23.59 -35.06
C GLY A 511 -43.78 -22.89 -34.79
N THR A 512 -43.83 -21.59 -35.07
CA THR A 512 -45.09 -20.85 -34.90
C THR A 512 -46.20 -21.50 -35.69
N VAL A 513 -47.38 -21.58 -35.07
CA VAL A 513 -48.59 -22.12 -35.69
C VAL A 513 -49.63 -21.01 -35.83
N ILE A 514 -50.21 -20.89 -37.02
CA ILE A 514 -51.31 -19.94 -37.26
C ILE A 514 -52.56 -20.77 -37.51
N HIS A 515 -53.62 -20.58 -36.71
CA HIS A 515 -54.89 -21.28 -36.87
C HIS A 515 -55.88 -20.36 -37.58
N CYS A 516 -56.44 -20.81 -38.70
CA CYS A 516 -57.37 -19.99 -39.48
C CYS A 516 -58.81 -20.29 -39.09
N ALA A 517 -59.66 -19.26 -39.22
CA ALA A 517 -61.06 -19.46 -38.87
C ALA A 517 -61.69 -20.54 -39.75
N SER A 518 -61.17 -20.73 -40.96
CA SER A 518 -61.71 -21.75 -41.86
C SER A 518 -61.37 -23.16 -41.41
N GLY A 519 -60.45 -23.31 -40.47
CA GLY A 519 -59.93 -24.61 -40.12
C GLY A 519 -58.55 -24.90 -40.68
N LYS A 520 -58.10 -24.16 -41.69
CA LYS A 520 -56.73 -24.30 -42.18
C LYS A 520 -55.75 -23.95 -41.07
N LYS A 521 -54.49 -24.37 -41.23
CA LYS A 521 -53.46 -23.95 -40.28
C LYS A 521 -52.16 -23.81 -41.05
N HIS A 522 -51.35 -22.85 -40.64
CA HIS A 522 -50.01 -22.67 -41.18
C HIS A 522 -49.03 -23.06 -40.08
N VAL A 523 -47.99 -23.77 -40.45
CA VAL A 523 -46.90 -24.09 -39.53
C VAL A 523 -45.62 -23.49 -40.08
N VAL A 524 -44.97 -22.66 -39.28
CA VAL A 524 -43.74 -21.98 -39.72
C VAL A 524 -42.60 -22.96 -39.55
N THR A 525 -42.00 -23.40 -40.67
CA THR A 525 -40.90 -24.35 -40.65
C THR A 525 -39.54 -23.68 -40.73
N VAL A 526 -39.46 -22.44 -41.23
CA VAL A 526 -38.26 -21.61 -41.12
C VAL A 526 -38.69 -20.24 -40.61
N GLY A 527 -38.25 -19.88 -39.40
CA GLY A 527 -38.74 -18.66 -38.79
C GLY A 527 -38.39 -17.45 -39.63
N GLY A 528 -39.31 -16.50 -39.70
CA GLY A 528 -39.05 -15.30 -40.46
C GLY A 528 -40.36 -14.58 -40.74
N ALA A 529 -40.31 -13.72 -41.78
CA ALA A 529 -41.47 -12.90 -42.14
C ALA A 529 -41.73 -13.06 -43.62
N PHE A 530 -42.98 -12.83 -44.04
CA PHE A 530 -43.36 -12.96 -45.44
C PHE A 530 -43.31 -11.58 -46.10
N PHE A 531 -42.51 -11.46 -47.15
CA PHE A 531 -42.59 -10.32 -48.07
C PHE A 531 -42.68 -10.91 -49.45
N SER A 532 -43.68 -10.50 -50.21
CA SER A 532 -43.86 -11.03 -51.55
C SER A 532 -42.66 -10.74 -52.45
N ASP A 533 -42.41 -11.70 -53.36
CA ASP A 533 -41.38 -11.44 -54.38
C ASP A 533 -41.79 -10.29 -55.29
N ASN A 534 -43.06 -9.89 -55.27
CA ASN A 534 -43.50 -8.81 -56.13
C ASN A 534 -43.44 -7.44 -55.46
N GLU A 535 -42.82 -7.33 -54.29
CA GLU A 535 -42.67 -6.02 -53.64
C GLU A 535 -41.83 -5.07 -54.49
N LYS A 536 -42.35 -3.86 -54.68
CA LYS A 536 -41.63 -2.78 -55.33
C LYS A 536 -41.82 -1.49 -54.53
N ILE A 537 -40.72 -0.77 -54.29
CA ILE A 537 -40.79 0.52 -53.61
C ILE A 537 -40.39 1.65 -54.56
N LYS A 538 -40.84 2.86 -54.24
CA LYS A 538 -40.44 4.07 -54.93
C LYS A 538 -38.96 4.33 -54.72
N ALA A 539 -38.37 5.12 -55.64
CA ALA A 539 -36.97 5.50 -55.48
C ALA A 539 -36.76 6.23 -54.14
N THR A 540 -35.56 6.11 -53.60
CA THR A 540 -35.19 6.74 -52.31
C THR A 540 -33.97 7.62 -52.51
N VAL A 541 -33.77 8.58 -51.57
CA VAL A 541 -32.56 9.42 -51.54
C VAL A 541 -31.89 9.27 -50.18
N THR A 542 -30.60 9.65 -50.14
CA THR A 542 -29.84 9.55 -48.90
C THR A 542 -30.51 10.34 -47.79
N GLY A 543 -30.61 9.73 -46.61
CA GLY A 543 -31.18 10.33 -45.43
C GLY A 543 -32.65 10.07 -45.23
N GLN A 544 -33.32 9.46 -46.21
CA GLN A 544 -34.76 9.25 -46.16
C GLN A 544 -35.09 8.15 -45.17
N THR A 545 -36.16 8.35 -44.36
CA THR A 545 -36.52 7.39 -43.31
C THR A 545 -37.91 6.81 -43.52
N TYR A 546 -38.37 6.80 -44.76
CA TYR A 546 -39.62 6.13 -45.06
C TYR A 546 -39.47 5.45 -46.41
N LEU A 547 -40.37 4.53 -46.69
CA LEU A 547 -40.44 3.83 -47.98
C LEU A 547 -41.87 3.84 -48.47
N GLN A 548 -42.08 3.80 -49.81
CA GLN A 548 -43.46 3.85 -50.31
C GLN A 548 -43.66 2.78 -51.37
N SER A 549 -44.85 2.20 -51.38
CA SER A 549 -45.14 1.08 -52.26
C SER A 549 -45.38 1.53 -53.67
N ASN A 550 -44.76 0.82 -54.63
CA ASN A 550 -45.05 1.04 -56.04
C ASN A 550 -45.74 -0.15 -56.68
N ALA A 551 -46.27 -1.10 -55.89
CA ALA A 551 -46.98 -2.25 -56.46
C ALA A 551 -48.07 -2.80 -55.52
N LEU A 552 -47.69 -3.24 -54.32
CA LEU A 552 -48.63 -4.02 -53.52
C LEU A 552 -49.36 -3.17 -52.49
N ASN A 553 -50.51 -3.72 -52.08
CA ASN A 553 -51.38 -3.06 -51.09
C ASN A 553 -50.87 -3.44 -49.72
N TRP A 554 -50.09 -2.55 -49.09
CA TRP A 554 -49.53 -2.84 -47.79
C TRP A 554 -50.57 -2.77 -46.66
N ALA A 555 -51.78 -2.30 -46.92
CA ALA A 555 -52.85 -2.35 -45.93
C ALA A 555 -53.75 -3.58 -46.08
N SER A 556 -53.28 -4.62 -46.79
CA SER A 556 -53.94 -5.91 -46.78
C SER A 556 -53.24 -6.77 -45.75
N ASN A 557 -53.91 -7.81 -45.25
CA ASN A 557 -53.23 -8.69 -44.31
C ASN A 557 -52.10 -9.47 -44.98
N GLY A 558 -52.29 -9.90 -46.24
CA GLY A 558 -51.29 -10.74 -46.87
C GLY A 558 -50.00 -10.02 -47.21
N TYR A 559 -50.08 -8.71 -47.51
CA TYR A 559 -48.89 -7.92 -47.83
C TYR A 559 -48.63 -6.88 -46.75
N ALA A 560 -49.09 -7.15 -45.53
CA ALA A 560 -49.01 -6.16 -44.45
C ALA A 560 -47.57 -5.81 -44.11
N LYS A 561 -47.41 -4.74 -43.31
CA LYS A 561 -46.07 -4.33 -42.86
C LYS A 561 -46.16 -4.06 -41.38
N ALA A 562 -45.51 -4.90 -40.55
CA ALA A 562 -45.63 -4.74 -39.11
C ALA A 562 -44.39 -4.00 -38.62
N ALA A 563 -44.60 -3.00 -37.74
CA ALA A 563 -43.46 -2.36 -37.11
C ALA A 563 -42.69 -3.39 -36.26
N GLY A 564 -41.39 -3.19 -36.14
CA GLY A 564 -40.51 -4.16 -35.44
C GLY A 564 -39.89 -5.20 -36.33
N THR A 565 -40.42 -5.40 -37.53
CA THR A 565 -39.85 -6.40 -38.43
C THR A 565 -38.54 -5.92 -39.05
N LYS A 566 -37.52 -6.77 -39.02
CA LYS A 566 -36.22 -6.46 -39.67
C LYS A 566 -36.32 -6.72 -41.16
N ILE A 567 -35.84 -5.76 -41.98
CA ILE A 567 -36.00 -5.87 -43.43
C ILE A 567 -34.66 -5.53 -44.05
N VAL A 568 -34.55 -5.85 -45.33
CA VAL A 568 -33.34 -5.62 -46.12
C VAL A 568 -33.75 -4.80 -47.33
N ILE A 569 -33.06 -3.68 -47.57
CA ILE A 569 -33.27 -2.87 -48.77
C ILE A 569 -32.05 -3.00 -49.65
N PRO A 570 -32.15 -3.65 -50.80
CA PRO A 570 -30.97 -4.02 -51.59
C PRO A 570 -30.21 -2.77 -52.00
N GLY A 571 -28.89 -2.81 -51.83
CA GLY A 571 -28.07 -1.72 -52.30
C GLY A 571 -28.18 -0.42 -51.54
N ALA A 572 -28.98 -0.33 -50.46
CA ALA A 572 -29.20 0.98 -49.84
C ALA A 572 -28.23 1.30 -48.71
N GLY A 573 -27.36 0.36 -48.34
CA GLY A 573 -26.44 0.58 -47.23
C GLY A 573 -25.17 1.28 -47.69
N ALA A 574 -24.16 1.30 -46.82
CA ALA A 574 -22.92 1.97 -47.18
C ALA A 574 -22.27 1.30 -48.40
N ASN A 575 -21.80 2.13 -49.32
CA ASN A 575 -21.10 1.70 -50.53
C ASN A 575 -21.90 0.62 -51.26
N GLY A 576 -23.22 0.80 -51.33
CA GLY A 576 -24.06 -0.10 -52.08
C GLY A 576 -24.23 -1.48 -51.47
N GLY A 577 -23.81 -1.66 -50.24
CA GLY A 577 -24.18 -2.89 -49.54
C GLY A 577 -25.66 -2.86 -49.21
N ASP A 578 -26.16 -4.01 -48.79
CA ASP A 578 -27.57 -4.07 -48.44
C ASP A 578 -27.79 -3.34 -47.12
N LEU A 579 -28.93 -2.67 -47.00
CA LEU A 579 -29.27 -1.97 -45.77
C LEU A 579 -30.18 -2.89 -44.97
N VAL A 580 -29.74 -3.29 -43.79
CA VAL A 580 -30.59 -4.02 -42.85
C VAL A 580 -31.15 -2.98 -41.87
N THR A 581 -32.48 -2.91 -41.78
CA THR A 581 -33.11 -1.94 -40.89
C THR A 581 -34.35 -2.59 -40.30
N THR A 582 -35.12 -1.79 -39.57
CA THR A 582 -36.29 -2.23 -38.84
C THR A 582 -37.45 -1.30 -39.24
N ILE A 583 -38.64 -1.86 -39.43
CA ILE A 583 -39.82 -1.04 -39.68
C ILE A 583 -40.16 -0.30 -38.40
N ALA A 584 -40.13 1.02 -38.45
CA ALA A 584 -40.42 1.84 -37.29
C ALA A 584 -41.89 2.20 -37.16
N ARG A 585 -42.61 2.27 -38.28
CA ARG A 585 -44.05 2.59 -38.26
C ARG A 585 -44.73 1.77 -39.34
N ALA A 586 -45.79 1.06 -38.96
CA ALA A 586 -46.52 0.18 -39.88
C ALA A 586 -47.29 1.00 -40.92
N THR A 587 -47.92 0.29 -41.87
CA THR A 587 -48.47 0.93 -43.07
C THR A 587 -49.35 2.13 -42.77
N TYR A 588 -49.10 3.24 -43.45
CA TYR A 588 -50.03 4.36 -43.45
C TYR A 588 -50.08 4.95 -44.85
N VAL A 589 -51.04 5.84 -45.09
CA VAL A 589 -51.13 6.46 -46.41
C VAL A 589 -50.77 7.93 -46.31
N THR A 590 -49.83 8.37 -47.15
CA THR A 590 -49.60 9.80 -47.30
C THR A 590 -49.20 10.06 -48.74
N ASN A 591 -49.55 11.25 -49.25
CA ASN A 591 -49.38 11.55 -50.68
C ASN A 591 -49.95 10.43 -51.56
N SER A 592 -51.07 9.86 -51.12
CA SER A 592 -51.81 8.82 -51.84
C SER A 592 -51.00 7.54 -52.08
N LEU A 593 -50.01 7.27 -51.24
CA LEU A 593 -49.19 6.07 -51.36
C LEU A 593 -49.08 5.35 -50.03
N TYR A 594 -49.08 4.01 -50.08
CA TYR A 594 -48.78 3.22 -48.88
C TYR A 594 -47.33 3.45 -48.48
N THR A 595 -47.13 3.72 -47.20
CA THR A 595 -45.87 4.22 -46.65
C THR A 595 -45.55 3.46 -45.38
N ILE A 596 -44.26 3.23 -45.13
CA ILE A 596 -43.79 2.77 -43.81
C ILE A 596 -42.60 3.64 -43.42
N ASP A 597 -42.33 3.72 -42.12
CA ASP A 597 -41.09 4.36 -41.70
C ASP A 597 -40.06 3.30 -41.34
N ILE A 598 -38.79 3.64 -41.54
CA ILE A 598 -37.70 2.74 -41.17
C ILE A 598 -36.86 3.38 -40.07
N ALA A 599 -36.22 2.55 -39.25
CA ALA A 599 -35.42 3.06 -38.12
C ALA A 599 -34.09 3.66 -38.54
N ASP A 600 -33.55 3.27 -39.67
CA ASP A 600 -32.23 3.72 -40.13
C ASP A 600 -32.37 4.38 -41.49
N PRO A 601 -31.72 5.50 -41.70
CA PRO A 601 -31.90 6.18 -42.99
C PRO A 601 -31.19 5.47 -44.14
N ILE A 602 -31.74 5.66 -45.35
CA ILE A 602 -31.07 5.24 -46.59
C ILE A 602 -29.68 5.87 -46.61
N VAL A 603 -28.67 5.05 -46.97
CA VAL A 603 -27.31 5.55 -47.17
C VAL A 603 -27.02 5.75 -48.65
N THR A 604 -27.14 4.69 -49.46
CA THR A 604 -26.93 4.74 -50.91
C THR A 604 -28.31 4.78 -51.57
N PRO A 605 -28.61 5.78 -52.41
CA PRO A 605 -29.96 5.87 -53.02
C PRO A 605 -30.34 4.62 -53.79
N THR A 606 -31.66 4.34 -53.81
CA THR A 606 -32.19 3.23 -54.58
C THR A 606 -33.15 3.71 -55.65
N ALA A 607 -33.18 2.97 -56.77
CA ALA A 607 -34.01 3.41 -57.89
C ALA A 607 -35.43 2.90 -57.74
N GLU A 608 -36.32 3.48 -58.53
CA GLU A 608 -37.72 3.04 -58.58
C GLU A 608 -37.80 1.54 -58.86
N ASN A 609 -38.68 0.85 -58.12
CA ASN A 609 -39.04 -0.54 -58.30
C ASN A 609 -37.96 -1.48 -57.78
N THR A 610 -37.23 -1.00 -56.78
CA THR A 610 -36.37 -1.87 -56.00
C THR A 610 -37.27 -2.75 -55.09
N GLN A 611 -36.81 -3.97 -54.84
CA GLN A 611 -37.57 -4.89 -53.97
C GLN A 611 -37.30 -4.57 -52.51
N ILE A 612 -38.26 -4.89 -51.61
CA ILE A 612 -37.82 -4.96 -50.22
C ILE A 612 -38.12 -6.37 -49.72
N LYS A 613 -37.26 -6.86 -48.84
CA LYS A 613 -37.30 -8.25 -48.41
C LYS A 613 -37.21 -8.33 -46.89
N ALA A 614 -37.64 -9.46 -46.34
CA ALA A 614 -37.34 -9.73 -44.95
C ALA A 614 -35.84 -9.96 -44.78
N LEU A 615 -35.30 -9.55 -43.63
CA LEU A 615 -34.00 -10.06 -43.23
C LEU A 615 -34.03 -11.58 -43.14
N ASN A 616 -35.10 -12.11 -42.54
CA ASN A 616 -35.27 -13.55 -42.36
C ASN A 616 -36.50 -13.97 -43.11
N PRO A 617 -36.36 -14.51 -44.32
CA PRO A 617 -37.54 -14.89 -45.08
C PRO A 617 -38.19 -16.14 -44.47
N VAL A 618 -39.51 -16.11 -44.32
CA VAL A 618 -40.22 -17.25 -43.69
C VAL A 618 -40.36 -18.39 -44.70
N THR A 619 -40.45 -19.62 -44.17
CA THR A 619 -41.03 -20.74 -44.89
C THR A 619 -42.14 -21.29 -44.02
N PHE A 620 -43.30 -21.58 -44.61
CA PHE A 620 -44.37 -22.21 -43.85
C PHE A 620 -45.03 -23.27 -44.71
N VAL A 621 -45.71 -24.24 -44.07
CA VAL A 621 -46.55 -25.19 -44.79
C VAL A 621 -47.99 -24.92 -44.33
N THR A 622 -48.94 -25.27 -45.18
CA THR A 622 -50.36 -25.06 -44.88
C THR A 622 -51.09 -26.40 -44.90
N VAL A 623 -51.85 -26.70 -43.85
CA VAL A 623 -52.65 -27.93 -43.78
C VAL A 623 -54.09 -27.51 -44.05
N ASN A 624 -54.70 -28.16 -45.06
CA ASN A 624 -56.00 -27.82 -45.72
C ASN A 624 -55.97 -26.57 -46.62
N SER B 23 72.40 41.21 57.90
CA SER B 23 71.20 41.70 57.24
C SER B 23 70.10 40.61 57.11
N TYR B 24 68.88 40.95 57.53
CA TYR B 24 67.80 39.99 57.67
C TYR B 24 66.60 40.37 56.78
N VAL B 25 65.81 39.36 56.42
CA VAL B 25 64.69 39.58 55.51
C VAL B 25 63.56 40.30 56.22
N GLU B 26 63.07 41.39 55.62
CA GLU B 26 61.94 42.12 56.18
C GLU B 26 60.65 41.43 55.79
N LYS B 27 59.70 41.39 56.73
CA LYS B 27 58.43 40.70 56.49
C LYS B 27 57.68 41.28 55.29
N ASN B 28 57.53 42.61 55.25
CA ASN B 28 56.75 43.24 54.17
C ASN B 28 57.41 43.17 52.81
N LEU B 29 58.73 43.01 52.75
CA LEU B 29 59.35 42.83 51.45
C LEU B 29 59.11 41.42 50.93
N LEU B 30 59.34 40.42 51.76
CA LEU B 30 59.08 39.05 51.34
C LEU B 30 57.61 38.83 51.00
N SER B 31 56.68 39.53 51.66
CA SER B 31 55.27 39.35 51.31
C SER B 31 54.79 40.19 50.13
N SER B 32 55.64 41.05 49.56
CA SER B 32 55.21 41.93 48.48
C SER B 32 55.07 41.17 47.16
N THR B 33 54.52 41.84 46.14
CA THR B 33 54.36 41.17 44.84
C THR B 33 55.69 40.82 44.17
N THR B 34 56.82 41.33 44.67
CA THR B 34 58.14 40.91 44.20
C THR B 34 58.92 40.11 45.25
N GLY B 35 58.27 39.69 46.35
CA GLY B 35 58.95 39.00 47.44
C GLY B 35 59.65 37.73 47.00
N ALA B 36 59.13 37.05 45.98
CA ALA B 36 59.74 35.82 45.50
C ALA B 36 61.13 36.05 44.90
N ALA B 37 61.42 37.27 44.45
CA ALA B 37 62.75 37.54 43.91
C ALA B 37 63.82 37.39 44.99
N MET B 38 63.43 37.38 46.26
CA MET B 38 64.36 37.23 47.37
C MET B 38 64.74 35.78 47.65
N VAL B 39 64.08 34.80 47.02
CA VAL B 39 64.30 33.38 47.32
C VAL B 39 65.12 32.78 46.19
N GLY B 40 66.30 32.27 46.51
CA GLY B 40 67.17 31.71 45.47
C GLY B 40 66.81 30.28 45.12
N LEU B 41 67.01 29.93 43.85
CA LEU B 41 66.75 28.58 43.37
C LEU B 41 68.07 27.93 42.90
N PRO B 42 68.10 26.60 42.76
CA PRO B 42 69.35 25.90 42.39
C PRO B 42 69.99 26.37 41.10
N SER B 43 69.20 26.78 40.13
CA SER B 43 69.66 27.34 38.86
C SER B 43 70.60 28.52 39.03
N GLY B 44 70.55 29.19 40.17
CA GLY B 44 71.22 30.46 40.31
C GLY B 44 70.29 31.62 40.07
N GLY B 45 69.05 31.36 39.66
CA GLY B 45 68.03 32.37 39.53
C GLY B 45 67.20 32.43 40.78
N ASN B 46 66.02 33.08 40.68
CA ASN B 46 65.18 33.25 41.85
C ASN B 46 63.76 32.75 41.60
N LEU B 47 62.99 32.70 42.68
CA LEU B 47 61.67 32.08 42.63
C LEU B 47 60.69 32.88 41.77
N LEU B 48 60.85 34.21 41.72
CA LEU B 48 60.00 35.03 40.88
C LEU B 48 60.09 34.56 39.43
N GLN B 49 61.30 34.18 39.00
CA GLN B 49 61.57 33.73 37.64
C GLN B 49 60.99 32.34 37.36
N ALA B 50 60.50 31.64 38.38
CA ALA B 50 59.90 30.34 38.18
C ALA B 50 58.37 30.40 38.08
N GLN B 51 57.79 31.60 38.05
CA GLN B 51 56.33 31.70 38.01
C GLN B 51 55.86 31.72 36.57
N TYR B 52 55.89 30.53 35.93
CA TYR B 52 55.42 30.42 34.54
C TYR B 52 53.90 30.25 34.41
N PHE B 53 53.16 30.27 35.52
CA PHE B 53 51.71 30.03 35.53
C PHE B 53 51.13 30.87 36.66
N VAL B 54 49.78 30.95 36.73
CA VAL B 54 49.10 31.38 37.95
C VAL B 54 48.09 30.31 38.29
N THR B 55 47.64 30.36 39.54
CA THR B 55 46.62 29.46 40.07
C THR B 55 45.42 30.26 40.54
N PRO B 56 44.22 29.68 40.52
CA PRO B 56 43.03 30.42 41.02
C PRO B 56 43.13 30.75 42.49
N GLU B 57 43.83 29.91 43.28
CA GLU B 57 43.92 30.17 44.71
C GLU B 57 44.64 31.49 45.00
N GLN B 58 45.53 31.94 44.09
CA GLN B 58 46.20 33.23 44.32
C GLN B 58 45.26 34.42 44.20
N PHE B 59 44.04 34.19 43.73
CA PHE B 59 43.03 35.25 43.64
C PHE B 59 41.85 35.00 44.55
N GLY B 60 42.00 34.10 45.52
CA GLY B 60 41.02 33.93 46.56
C GLY B 60 40.16 32.69 46.42
N ALA B 61 40.41 31.86 45.41
CA ALA B 61 39.62 30.67 45.22
C ALA B 61 39.86 29.71 46.39
N ILE B 62 38.78 29.15 46.93
CA ILE B 62 38.92 28.15 47.99
C ILE B 62 39.08 26.74 47.42
N GLY B 63 38.36 26.42 46.35
CA GLY B 63 38.58 25.15 45.66
C GLY B 63 38.00 23.95 46.38
N ASP B 64 37.01 24.15 47.24
CA ASP B 64 36.43 23.03 47.99
C ASP B 64 35.18 22.46 47.33
N GLY B 65 34.82 22.94 46.13
CA GLY B 65 33.61 22.51 45.44
C GLY B 65 32.30 23.03 46.05
N VAL B 66 32.38 23.90 47.04
CA VAL B 66 31.18 24.36 47.73
C VAL B 66 31.19 25.88 47.88
N THR B 67 32.29 26.42 48.39
CA THR B 67 32.43 27.87 48.48
C THR B 67 32.32 28.49 47.10
N ASP B 68 31.52 29.57 46.98
CA ASP B 68 31.39 30.19 45.65
C ASP B 68 32.70 30.86 45.24
N ASP B 69 33.37 30.29 44.23
CA ASP B 69 34.66 30.78 43.72
C ASP B 69 34.52 31.62 42.43
N THR B 70 33.29 32.04 42.10
CA THR B 70 33.09 32.71 40.81
C THR B 70 33.98 33.95 40.67
N GLN B 71 34.02 34.80 41.70
CA GLN B 71 34.76 36.06 41.56
C GLN B 71 36.26 35.80 41.54
N ALA B 72 36.73 34.80 42.30
CA ALA B 72 38.14 34.41 42.21
C ALA B 72 38.50 33.95 40.80
N ILE B 73 37.65 33.17 40.17
CA ILE B 73 37.96 32.76 38.80
C ILE B 73 38.03 33.95 37.87
N LEU B 74 37.07 34.88 37.95
CA LEU B 74 37.10 36.05 37.06
C LEU B 74 38.38 36.83 37.24
N LYS B 75 38.82 37.00 38.49
CA LYS B 75 40.09 37.71 38.74
C LYS B 75 41.28 36.95 38.18
N THR B 76 41.29 35.62 38.31
CA THR B 76 42.33 34.81 37.67
C THR B 76 42.38 35.10 36.18
N ILE B 77 41.21 35.12 35.54
CA ILE B 77 41.19 35.31 34.10
C ILE B 77 41.68 36.71 33.74
N THR B 78 41.28 37.70 34.51
CA THR B 78 41.78 39.05 34.26
C THR B 78 43.30 39.07 34.27
N PHE B 79 43.91 38.40 35.24
CA PHE B 79 45.36 38.39 35.33
C PHE B 79 45.96 37.61 34.17
N ALA B 80 45.33 36.48 33.80
CA ALA B 80 45.79 35.70 32.66
C ALA B 80 45.75 36.52 31.39
N ASN B 81 44.67 37.30 31.19
CA ASN B 81 44.55 38.20 30.03
C ASN B 81 45.61 39.29 30.05
N THR B 82 45.79 39.92 31.23
CA THR B 82 46.65 41.09 31.32
C THR B 82 48.10 40.69 31.11
N ASN B 83 48.48 39.52 31.60
CA ASN B 83 49.86 39.11 31.55
C ASN B 83 50.13 37.99 30.56
N ASN B 84 49.12 37.55 29.80
CA ASN B 84 49.27 36.44 28.85
C ASN B 84 49.99 35.25 29.51
N ILE B 85 49.39 34.76 30.58
CA ILE B 85 50.05 33.69 31.35
C ILE B 85 49.06 32.54 31.56
N GLN B 86 49.57 31.30 31.43
CA GLN B 86 48.75 30.09 31.59
C GLN B 86 48.28 29.93 33.02
N VAL B 87 47.16 29.21 33.15
CA VAL B 87 46.60 28.92 34.46
C VAL B 87 46.84 27.45 34.72
N ARG B 88 47.30 27.15 35.92
CA ARG B 88 47.36 25.79 36.42
C ARG B 88 46.38 25.68 37.58
N ALA B 89 45.70 24.54 37.70
CA ALA B 89 44.76 24.39 38.81
C ALA B 89 44.63 22.90 39.10
N ASP B 90 44.24 22.57 40.35
CA ASP B 90 44.02 21.18 40.69
C ASP B 90 42.84 20.94 41.62
N LYS B 91 42.17 21.98 42.08
CA LYS B 91 41.11 21.80 43.06
C LYS B 91 39.77 21.85 42.34
N ASN B 92 38.71 22.22 43.06
CA ASN B 92 37.34 22.08 42.60
C ASN B 92 36.67 23.43 42.81
N TYR B 93 36.42 24.18 41.74
CA TYR B 93 35.98 25.56 41.82
C TYR B 93 34.47 25.64 41.57
N ARG B 94 33.71 25.84 42.65
CA ARG B 94 32.27 26.02 42.52
C ARG B 94 32.00 27.40 41.95
N PHE B 95 31.20 27.49 40.89
CA PHE B 95 30.87 28.80 40.34
C PHE B 95 29.39 28.81 39.99
N THR B 96 28.84 30.00 39.91
CA THR B 96 27.37 30.17 39.99
C THR B 96 26.77 31.09 38.94
N SER B 97 27.58 31.64 38.04
CA SER B 97 27.08 32.45 36.93
C SER B 97 28.10 32.39 35.80
N SER B 98 27.75 32.97 34.65
CA SER B 98 28.55 32.78 33.43
C SER B 98 29.96 33.35 33.58
N ILE B 99 30.95 32.63 33.04
CA ILE B 99 32.33 33.06 33.02
C ILE B 99 32.81 33.02 31.57
N ALA B 100 33.43 34.12 31.09
CA ALA B 100 33.96 34.20 29.73
C ALA B 100 35.48 34.06 29.72
N MET B 101 36.00 33.21 28.84
CA MET B 101 37.43 33.08 28.68
C MET B 101 37.76 33.33 27.22
N SER B 102 38.84 34.05 26.98
CA SER B 102 39.31 34.33 25.62
C SER B 102 40.83 34.35 25.65
N GLY B 103 41.46 33.50 24.82
CA GLY B 103 42.91 33.48 24.74
C GLY B 103 43.56 32.75 25.92
N VAL B 104 42.76 32.01 26.70
CA VAL B 104 43.25 31.44 27.97
C VAL B 104 43.81 30.06 27.69
N ARG B 105 44.96 29.74 28.33
CA ARG B 105 45.54 28.39 28.32
C ARG B 105 45.36 27.89 29.74
N TRP B 106 44.50 26.89 29.94
CA TRP B 106 44.11 26.43 31.27
C TRP B 106 44.38 24.92 31.36
N TYR B 107 45.18 24.51 32.36
CA TYR B 107 45.55 23.11 32.57
C TYR B 107 45.12 22.67 33.96
N GLY B 108 44.23 21.69 34.02
CA GLY B 108 43.92 21.08 35.31
C GLY B 108 42.70 21.70 35.99
N GLY B 109 42.20 20.98 37.00
CA GLY B 109 41.16 21.49 37.87
C GLY B 109 39.77 21.02 37.46
N THR B 110 38.81 21.25 38.36
CA THR B 110 37.40 20.95 38.14
C THR B 110 36.63 22.25 38.34
N PHE B 111 35.72 22.54 37.41
CA PHE B 111 34.72 23.60 37.57
C PHE B 111 33.42 22.90 37.88
N THR B 112 32.72 23.38 38.91
CA THR B 112 31.47 22.76 39.33
C THR B 112 30.41 23.85 39.28
N GLY B 113 29.53 23.78 38.29
CA GLY B 113 28.48 24.77 38.15
C GLY B 113 27.23 24.38 38.93
N ASN B 114 26.15 25.15 38.69
CA ASN B 114 24.84 24.88 39.32
C ASN B 114 24.12 23.72 38.64
N GLY B 115 24.61 23.27 37.50
CA GLY B 115 23.95 22.26 36.67
C GLY B 115 24.13 22.56 35.18
N GLY B 116 23.76 23.80 34.79
CA GLY B 116 23.90 24.24 33.41
C GLY B 116 24.61 25.58 33.25
N THR B 117 25.51 25.93 34.16
CA THR B 117 26.19 27.21 34.14
C THR B 117 27.21 27.23 33.00
N MET B 118 27.36 28.38 32.33
CA MET B 118 28.20 28.46 31.11
C MET B 118 29.61 28.93 31.42
N ILE B 119 30.61 28.30 30.78
CA ILE B 119 31.92 28.90 30.55
C ILE B 119 32.05 29.08 29.03
N SER B 120 32.20 30.31 28.55
CA SER B 120 32.35 30.50 27.11
C SER B 120 33.84 30.59 26.77
N THR B 121 34.19 30.17 25.57
CA THR B 121 35.58 30.20 25.17
C THR B 121 35.76 30.80 23.78
N VAL B 122 36.74 31.68 23.65
CA VAL B 122 37.21 32.19 22.35
C VAL B 122 38.71 31.92 22.31
N SER B 123 39.17 31.17 21.31
CA SER B 123 40.60 30.87 21.15
C SER B 123 41.21 30.42 22.47
N CYS B 124 40.58 29.40 23.12
CA CYS B 124 41.11 28.86 24.37
C CYS B 124 41.72 27.49 24.14
N TRP B 125 42.68 27.15 24.98
CA TRP B 125 43.36 25.84 24.95
C TRP B 125 43.16 25.24 26.33
N MET B 126 42.41 24.14 26.43
CA MET B 126 42.11 23.59 27.75
C MET B 126 42.45 22.10 27.73
N GLU B 127 43.20 21.65 28.74
CA GLU B 127 43.59 20.26 28.84
C GLU B 127 43.43 19.78 30.28
N ASN B 128 43.04 18.52 30.43
CA ASN B 128 42.96 17.90 31.76
C ASN B 128 42.04 18.65 32.71
N VAL B 129 40.99 19.29 32.21
CA VAL B 129 40.01 19.97 33.07
C VAL B 129 38.77 19.10 33.17
N ARG B 130 38.07 19.13 34.33
CA ARG B 130 36.75 18.53 34.43
C ARG B 130 35.69 19.64 34.54
N PHE B 131 34.70 19.59 33.66
CA PHE B 131 33.55 20.50 33.63
C PHE B 131 32.38 19.73 34.22
N GLU B 132 32.10 19.97 35.50
CA GLU B 132 31.07 19.23 36.23
C GLU B 132 29.87 20.14 36.42
N LYS B 133 28.70 19.66 36.01
CA LYS B 133 27.44 20.41 36.22
C LYS B 133 27.56 21.81 35.62
N CYS B 134 28.16 21.88 34.44
CA CYS B 134 28.29 23.11 33.68
C CYS B 134 28.62 22.74 32.24
N TYR B 135 28.70 23.77 31.38
CA TYR B 135 28.99 23.48 29.99
C TYR B 135 29.88 24.56 29.41
N VAL B 136 30.58 24.20 28.34
CA VAL B 136 31.40 25.12 27.57
C VAL B 136 30.64 25.55 26.32
N LYS B 137 30.61 26.87 26.06
CA LYS B 137 30.08 27.39 24.82
C LYS B 137 31.24 28.02 24.04
N MET B 138 31.52 27.49 22.87
CA MET B 138 32.59 28.06 22.04
C MET B 138 32.02 29.21 21.24
N LEU B 139 32.66 30.38 21.33
CA LEU B 139 32.16 31.54 20.61
C LEU B 139 33.05 31.94 19.45
N GLY B 140 34.13 31.21 19.20
CA GLY B 140 34.89 31.54 18.01
C GLY B 140 36.38 31.38 18.24
N GLY B 141 37.15 31.92 17.31
CA GLY B 141 38.59 31.78 17.43
C GLY B 141 39.01 30.31 17.24
N ASP B 142 40.26 30.05 17.60
CA ASP B 142 40.88 28.74 17.44
C ASP B 142 40.93 28.06 18.78
N CYS B 143 40.02 27.11 19.00
CA CYS B 143 39.91 26.46 20.30
C CYS B 143 40.41 25.04 20.20
N ARG B 144 41.02 24.58 21.30
CA ARG B 144 41.61 23.24 21.35
C ARG B 144 41.28 22.64 22.69
N PHE B 145 40.65 21.45 22.68
CA PHE B 145 40.21 20.79 23.89
C PHE B 145 40.75 19.36 23.84
N TYR B 146 41.68 19.01 24.74
CA TYR B 146 42.24 17.66 24.82
C TYR B 146 42.13 17.09 26.23
N ARG B 147 41.75 15.81 26.33
CA ARG B 147 41.83 15.09 27.62
C ARG B 147 41.10 15.81 28.74
N ASN B 148 39.94 16.38 28.42
CA ASN B 148 39.01 16.91 29.42
C ASN B 148 37.88 15.92 29.71
N ILE B 149 37.19 16.14 30.83
CA ILE B 149 36.00 15.39 31.20
C ILE B 149 34.83 16.37 31.31
N PHE B 150 33.73 16.06 30.63
CA PHE B 150 32.51 16.86 30.72
C PHE B 150 31.46 15.99 31.41
N SER B 151 31.11 16.30 32.67
CA SER B 151 30.32 15.34 33.45
C SER B 151 29.06 15.97 34.04
N ASN B 152 27.90 15.32 33.85
CA ASN B 152 26.67 15.63 34.61
C ASN B 152 26.08 16.99 34.29
N ALA B 153 26.33 17.53 33.08
CA ALA B 153 25.66 18.79 32.71
C ALA B 153 24.15 18.61 32.60
N THR B 154 23.38 19.63 33.03
CA THR B 154 21.93 19.67 32.83
C THR B 154 21.50 20.76 31.84
N SER B 155 22.46 21.51 31.28
CA SER B 155 22.16 22.35 30.15
C SER B 155 21.81 21.45 28.96
N THR B 156 21.29 22.09 27.92
CA THR B 156 20.92 21.34 26.73
C THR B 156 22.10 20.54 26.23
N ALA B 157 23.27 21.17 26.20
CA ALA B 157 24.48 20.51 25.71
C ALA B 157 25.61 20.75 26.69
N ALA B 158 26.60 19.83 26.71
CA ALA B 158 27.77 20.01 27.55
C ALA B 158 28.85 20.81 26.85
N PHE B 159 28.88 20.73 25.52
CA PHE B 159 29.83 21.51 24.69
C PHE B 159 29.00 22.05 23.54
N LEU B 160 28.85 23.37 23.52
CA LEU B 160 27.91 24.05 22.62
C LEU B 160 28.67 25.00 21.72
N MET B 161 28.37 24.95 20.43
CA MET B 161 28.78 25.96 19.46
C MET B 161 27.52 26.65 18.95
N GLN B 162 27.40 27.94 19.20
CA GLN B 162 26.20 28.63 18.78
C GLN B 162 26.48 30.11 18.74
N ALA B 163 26.07 30.74 17.64
CA ALA B 163 26.16 32.19 17.46
C ALA B 163 27.58 32.69 17.73
N MET B 164 28.58 32.01 17.13
CA MET B 164 29.95 32.46 17.33
C MET B 164 30.11 33.87 16.75
N THR B 165 30.92 34.68 17.45
CA THR B 165 31.16 36.09 17.09
C THR B 165 32.40 36.25 16.20
N SER B 166 33.10 35.16 15.91
CA SER B 166 34.20 35.20 14.94
C SER B 166 34.36 33.81 14.36
N GLU B 167 34.93 33.71 13.15
CA GLU B 167 35.07 32.38 12.56
C GLU B 167 35.98 31.48 13.39
N GLY B 168 35.66 30.18 13.41
CA GLY B 168 36.34 29.29 14.34
C GLY B 168 37.08 28.14 13.67
N THR B 169 38.07 27.57 14.38
CA THR B 169 38.50 26.23 14.13
C THR B 169 38.49 25.49 15.44
N LEU B 170 38.41 24.17 15.35
CA LEU B 170 38.22 23.40 16.56
C LEU B 170 38.92 22.06 16.41
N ASP B 171 39.73 21.71 17.40
CA ASP B 171 40.15 20.32 17.59
C ASP B 171 39.59 19.89 18.94
N PHE B 172 38.73 18.87 18.94
CA PHE B 172 38.02 18.42 20.15
C PHE B 172 38.33 16.93 20.19
N SER B 173 39.39 16.55 20.91
CA SER B 173 39.90 15.20 20.77
C SER B 173 40.31 14.60 22.11
N TYR B 174 40.11 13.27 22.24
CA TYR B 174 40.46 12.55 23.49
C TYR B 174 39.79 13.13 24.73
N ASN B 175 38.58 13.66 24.61
CA ASN B 175 37.80 14.09 25.78
C ASN B 175 36.83 12.98 26.18
N GLU B 176 36.36 13.03 27.41
CA GLU B 176 35.35 12.09 27.86
C GLU B 176 34.11 12.88 28.32
N MET B 177 32.92 12.42 27.94
CA MET B 177 31.66 13.13 28.24
C MET B 177 30.61 12.13 28.70
N TYR B 178 29.91 12.43 29.79
CA TYR B 178 28.90 11.50 30.29
C TYR B 178 27.94 12.22 31.22
N GLY B 179 26.81 11.58 31.44
CA GLY B 179 25.87 12.06 32.43
C GLY B 179 25.08 13.26 31.98
N CYS B 180 25.25 13.67 30.73
CA CYS B 180 24.67 14.94 30.28
C CYS B 180 23.40 14.69 29.45
N LYS B 181 22.86 15.79 28.85
CA LYS B 181 21.82 15.66 27.84
C LYS B 181 22.54 15.52 26.48
N TYR B 182 22.49 16.52 25.59
CA TYR B 182 23.41 16.48 24.45
C TYR B 182 24.84 16.57 24.97
N ALA B 183 25.74 15.82 24.36
CA ALA B 183 27.16 16.01 24.66
C ALA B 183 27.70 17.19 23.84
N ILE B 184 27.83 16.98 22.53
CA ILE B 184 28.30 18.04 21.60
C ILE B 184 27.12 18.47 20.73
N LEU B 185 26.86 19.78 20.72
CA LEU B 185 25.80 20.35 19.90
C LEU B 185 26.31 21.61 19.22
N GLN B 186 26.10 21.69 17.92
CA GLN B 186 26.31 22.96 17.19
C GLN B 186 24.99 23.42 16.63
N GLN B 187 24.71 24.72 16.81
CA GLN B 187 23.62 25.44 16.14
C GLN B 187 24.30 26.42 15.18
N GLY B 188 24.07 26.24 13.89
CA GLY B 188 24.91 26.92 12.88
C GLY B 188 24.68 28.41 12.69
N THR B 189 23.84 29.04 13.51
CA THR B 189 23.72 30.50 13.38
C THR B 189 25.03 31.21 13.80
N GLY B 190 25.28 32.40 13.21
CA GLY B 190 26.49 33.17 13.56
C GLY B 190 27.67 32.85 12.64
N GLU B 191 28.87 33.19 13.10
CA GLU B 191 30.08 33.05 12.26
C GLU B 191 30.47 31.59 12.06
N VAL B 192 31.14 31.27 10.93
CA VAL B 192 31.27 29.86 10.56
C VAL B 192 32.49 29.21 11.21
N MET B 193 32.35 27.92 11.48
CA MET B 193 33.46 27.04 11.82
C MET B 193 34.08 26.58 10.50
N THR B 194 35.30 27.03 10.21
CA THR B 194 35.86 26.71 8.90
C THR B 194 36.43 25.29 8.86
N TYR B 195 36.82 24.79 10.02
CA TYR B 195 37.44 23.47 10.12
C TYR B 195 37.14 22.93 11.49
N GLY B 196 36.77 21.64 11.55
CA GLY B 196 36.60 21.02 12.85
C GLY B 196 36.96 19.54 12.82
N ARG B 197 37.73 19.12 13.80
CA ARG B 197 38.07 17.71 13.99
C ARG B 197 37.49 17.27 15.34
N TYR B 198 36.62 16.25 15.32
CA TYR B 198 36.03 15.72 16.55
C TYR B 198 36.52 14.28 16.58
N SER B 199 37.57 13.98 17.34
CA SER B 199 38.19 12.66 17.15
C SER B 199 38.54 11.98 18.47
N ASN B 200 38.36 10.65 18.51
CA ASN B 200 38.84 9.83 19.63
C ASN B 200 38.21 10.24 20.97
N ASN B 201 36.98 10.80 20.95
CA ASN B 201 36.27 11.09 22.19
C ASN B 201 35.53 9.85 22.68
N TYR B 202 35.20 9.86 23.97
CA TYR B 202 34.52 8.76 24.65
C TYR B 202 33.27 9.36 25.26
N ILE B 203 32.12 9.10 24.67
CA ILE B 203 30.85 9.76 25.07
C ILE B 203 29.87 8.68 25.51
N HIS B 204 29.35 8.77 26.75
CA HIS B 204 28.55 7.63 27.23
C HIS B 204 27.54 8.04 28.30
N ASP B 205 26.43 7.30 28.30
CA ASP B 205 25.41 7.41 29.34
C ASP B 205 24.81 8.83 29.34
N ILE B 206 24.24 9.20 28.20
CA ILE B 206 23.69 10.56 28.01
C ILE B 206 22.22 10.45 27.64
N LYS B 207 21.54 11.61 27.72
CA LYS B 207 20.10 11.69 27.46
C LYS B 207 19.70 12.53 26.24
N GLY B 208 20.66 13.08 25.49
CA GLY B 208 20.43 13.76 24.24
C GLY B 208 21.32 13.12 23.17
N ASP B 209 21.66 13.88 22.12
CA ASP B 209 22.55 13.33 21.10
C ASP B 209 24.02 13.39 21.57
N ALA B 210 24.85 12.48 21.01
CA ALA B 210 26.26 12.49 21.33
C ALA B 210 27.00 13.59 20.56
N ILE B 211 26.80 13.65 19.25
CA ILE B 211 27.37 14.73 18.42
C ILE B 211 26.27 15.18 17.46
N GLU B 212 25.80 16.42 17.60
CA GLU B 212 24.74 16.92 16.73
C GLU B 212 25.14 18.27 16.16
N LEU B 213 25.23 18.38 14.82
CA LEU B 213 25.69 19.61 14.15
C LEU B 213 24.50 20.05 13.31
N ASN B 214 23.71 21.01 13.84
CA ASN B 214 22.39 21.32 13.31
C ASN B 214 22.41 22.63 12.50
N VAL B 215 21.88 22.56 11.27
CA VAL B 215 21.79 23.63 10.28
C VAL B 215 23.15 24.31 10.09
N VAL B 216 24.16 23.47 9.74
CA VAL B 216 25.55 23.90 9.56
C VAL B 216 25.95 23.90 8.09
N GLN B 217 24.98 24.12 7.19
CA GLN B 217 25.29 24.09 5.76
C GLN B 217 26.37 25.08 5.35
N LYS B 218 26.47 26.24 6.04
CA LYS B 218 27.43 27.31 5.72
C LYS B 218 28.84 26.97 6.23
N HIS B 219 28.94 25.97 7.11
CA HIS B 219 30.16 25.72 7.89
C HIS B 219 31.06 24.68 7.21
N TYR B 220 32.29 24.59 7.73
CA TYR B 220 33.22 23.49 7.43
C TYR B 220 33.66 23.51 5.96
N THR B 221 33.81 24.71 5.40
N THR B 221 33.88 24.71 5.41
CA THR B 221 34.42 24.87 4.08
CA THR B 221 34.43 24.87 4.06
C THR B 221 35.70 24.06 3.95
C THR B 221 35.81 24.24 3.89
N GLU B 222 36.57 24.12 4.97
CA GLU B 222 37.85 23.38 4.94
C GLU B 222 37.81 22.05 5.68
N GLY B 223 36.65 21.57 6.04
CA GLY B 223 36.54 20.17 6.42
C GLY B 223 35.93 19.97 7.78
N LEU B 224 35.03 18.98 7.84
CA LEU B 224 34.42 18.52 9.08
C LEU B 224 34.78 17.04 9.15
N ILE B 225 35.46 16.64 10.21
CA ILE B 225 35.91 15.21 10.29
C ILE B 225 35.46 14.70 11.64
N ILE B 226 34.58 13.68 11.64
CA ILE B 226 34.07 13.14 12.88
C ILE B 226 34.57 11.69 12.91
N GLU B 227 35.62 11.41 13.71
CA GLU B 227 36.31 10.13 13.51
C GLU B 227 36.76 9.44 14.80
N ASN B 228 36.63 8.12 14.81
CA ASN B 228 37.12 7.24 15.90
C ASN B 228 36.54 7.62 17.29
N ASN B 229 35.32 8.18 17.33
CA ASN B 229 34.62 8.41 18.59
C ASN B 229 33.92 7.13 19.06
N HIS B 230 33.94 6.88 20.37
CA HIS B 230 33.33 5.69 20.96
C HIS B 230 32.15 6.19 21.81
N ILE B 231 30.95 5.83 21.40
CA ILE B 231 29.71 6.34 21.99
C ILE B 231 28.95 5.14 22.56
N ALA B 232 28.37 5.30 23.76
CA ALA B 232 27.67 4.16 24.34
C ALA B 232 26.51 4.66 25.22
N ASN B 233 25.35 4.03 25.09
CA ASN B 233 24.18 4.23 25.97
C ASN B 233 23.66 5.66 25.75
N VAL B 234 22.96 5.89 24.65
CA VAL B 234 22.33 7.17 24.34
C VAL B 234 20.84 6.92 24.47
N ASP B 235 20.24 7.46 25.53
CA ASP B 235 18.85 7.11 25.83
C ASP B 235 18.08 8.38 26.19
N ALA B 236 17.39 8.93 25.18
CA ALA B 236 16.62 10.15 25.37
C ALA B 236 15.17 9.86 25.75
N SER B 237 14.91 8.73 26.46
CA SER B 237 13.51 8.44 26.80
C SER B 237 12.91 9.57 27.63
N GLY B 238 11.65 9.95 27.29
CA GLY B 238 11.00 11.05 27.97
C GLY B 238 11.44 12.45 27.53
N GLN B 239 12.41 12.57 26.60
CA GLN B 239 12.93 13.88 26.24
C GLN B 239 12.17 14.45 25.03
N GLY B 240 12.64 15.61 24.54
CA GLY B 240 12.00 16.28 23.43
C GLY B 240 12.18 15.59 22.07
N ALA B 241 11.52 16.17 21.07
CA ALA B 241 11.48 15.63 19.72
C ALA B 241 12.89 15.54 19.14
N ASN B 242 13.21 14.41 18.52
CA ASN B 242 14.48 14.17 17.83
C ASN B 242 15.66 13.92 18.75
N TRP B 243 15.50 13.96 20.07
CA TRP B 243 16.64 13.72 20.95
C TRP B 243 17.03 12.24 20.90
N GLY B 244 18.33 11.96 20.97
CA GLY B 244 18.78 10.57 21.06
C GLY B 244 19.52 10.04 19.83
N ILE B 245 19.84 10.88 18.85
CA ILE B 245 20.70 10.48 17.73
C ILE B 245 22.14 10.32 18.22
N GLY B 246 22.87 9.34 17.69
CA GLY B 246 24.28 9.22 18.07
C GLY B 246 25.10 10.36 17.46
N ILE B 247 25.28 10.34 16.15
CA ILE B 247 26.00 11.40 15.43
C ILE B 247 25.07 11.91 14.35
N GLY B 248 24.81 13.19 14.38
CA GLY B 248 23.85 13.80 13.45
C GLY B 248 24.42 15.05 12.83
N VAL B 249 24.22 15.19 11.52
CA VAL B 249 24.63 16.37 10.75
C VAL B 249 23.43 16.81 9.92
N ALA B 250 23.07 18.09 9.98
CA ALA B 250 21.88 18.56 9.26
C ALA B 250 22.19 19.87 8.54
N GLY B 251 21.84 19.94 7.25
CA GLY B 251 21.77 21.20 6.51
C GLY B 251 20.39 21.81 6.69
N SER B 252 19.96 22.59 5.70
CA SER B 252 18.70 23.35 5.83
C SER B 252 17.72 22.96 4.74
N GLY B 253 16.44 22.80 5.13
CA GLY B 253 15.35 22.73 4.18
C GLY B 253 15.13 24.06 3.46
N PRO B 254 14.24 24.07 2.45
CA PRO B 254 13.43 22.93 2.03
C PRO B 254 14.22 21.89 1.24
N TYR B 255 13.87 20.62 1.45
CA TYR B 255 14.41 19.53 0.66
C TYR B 255 14.00 19.67 -0.79
N GLY B 256 14.80 19.11 -1.70
CA GLY B 256 14.34 19.11 -3.08
C GLY B 256 15.51 18.76 -3.99
N VAL B 257 15.23 18.05 -5.09
CA VAL B 257 16.33 17.53 -5.90
C VAL B 257 17.18 18.67 -6.44
N ASP B 258 16.58 19.84 -6.72
N ASP B 258 16.57 19.84 -6.65
CA ASP B 258 17.33 20.92 -7.36
CA ASP B 258 17.18 20.95 -7.37
C ASP B 258 17.40 22.18 -6.50
C ASP B 258 17.65 22.11 -6.50
N VAL B 259 17.46 22.03 -5.17
CA VAL B 259 17.65 23.20 -4.31
C VAL B 259 19.14 23.58 -4.35
N PRO B 260 19.52 24.82 -4.00
CA PRO B 260 20.92 25.23 -4.13
C PRO B 260 21.87 24.41 -3.28
N ASP B 261 23.09 24.26 -3.79
CA ASP B 261 24.14 23.57 -3.04
C ASP B 261 24.36 24.15 -1.66
N SER B 262 24.14 25.47 -1.53
CA SER B 262 24.39 26.15 -0.28
C SER B 262 23.49 25.68 0.85
N GLN B 263 22.41 24.94 0.57
CA GLN B 263 21.57 24.41 1.66
C GLN B 263 22.15 23.18 2.29
N TYR B 264 23.18 22.60 1.72
CA TYR B 264 23.68 21.31 2.18
C TYR B 264 24.92 21.47 3.03
N VAL B 265 25.08 20.55 4.00
CA VAL B 265 26.40 20.38 4.64
C VAL B 265 27.24 19.51 3.72
N ARG B 266 28.45 19.98 3.37
CA ARG B 266 29.21 19.42 2.28
C ARG B 266 30.62 19.04 2.73
N ASN B 267 31.16 18.01 2.07
CA ASN B 267 32.60 17.64 2.10
C ASN B 267 33.02 17.05 3.45
N PHE B 268 32.06 16.55 4.24
CA PHE B 268 32.43 16.10 5.58
C PHE B 268 32.63 14.59 5.59
N SER B 269 33.15 14.08 6.71
CA SER B 269 33.28 12.63 6.79
C SER B 269 32.99 12.16 8.20
N ILE B 270 32.38 10.96 8.29
CA ILE B 270 31.99 10.35 9.57
C ILE B 270 32.62 8.96 9.48
N VAL B 271 33.77 8.78 10.15
CA VAL B 271 34.67 7.66 9.86
C VAL B 271 35.03 6.93 11.15
N GLY B 272 34.90 5.59 11.14
CA GLY B 272 35.57 4.80 12.17
C GLY B 272 34.97 4.94 13.56
N ASN B 273 33.73 5.43 13.67
CA ASN B 273 33.08 5.60 14.98
C ASN B 273 32.43 4.30 15.44
N ARG B 274 32.18 4.21 16.74
CA ARG B 274 31.48 3.05 17.34
C ARG B 274 30.35 3.65 18.14
N VAL B 275 29.11 3.25 17.83
CA VAL B 275 27.94 3.80 18.47
C VAL B 275 27.11 2.64 19.04
N TYR B 276 27.08 2.49 20.34
CA TYR B 276 26.50 1.32 20.97
C TYR B 276 25.27 1.72 21.78
N ASN B 277 24.14 1.04 21.52
CA ASN B 277 22.93 1.21 22.33
C ASN B 277 22.39 2.63 22.15
N CYS B 278 21.82 2.86 20.98
CA CYS B 278 21.41 4.20 20.55
C CYS B 278 20.25 3.98 19.60
N ARG B 279 19.20 4.84 19.65
CA ARG B 279 18.01 4.57 18.85
C ARG B 279 18.30 4.71 17.37
N GLN B 280 19.11 5.70 17.00
CA GLN B 280 19.42 6.03 15.61
C GLN B 280 20.88 6.51 15.57
N CYS B 281 21.78 5.63 15.14
CA CYS B 281 23.18 5.83 15.49
C CYS B 281 23.81 6.97 14.67
N LEU B 282 23.57 6.99 13.35
CA LEU B 282 24.12 8.03 12.45
C LEU B 282 22.96 8.61 11.65
N HIS B 283 22.93 9.94 11.53
CA HIS B 283 21.84 10.66 10.89
C HIS B 283 22.43 11.78 10.05
N VAL B 284 22.06 11.85 8.77
CA VAL B 284 22.35 13.05 7.97
C VAL B 284 21.06 13.47 7.28
N GLU B 285 20.79 14.78 7.25
CA GLU B 285 19.76 15.31 6.38
C GLU B 285 20.36 16.50 5.65
N MET B 286 20.02 16.65 4.37
CA MET B 286 20.54 17.77 3.57
C MET B 286 22.09 17.79 3.61
N GLY B 287 22.68 16.61 3.38
CA GLY B 287 24.11 16.47 3.20
C GLY B 287 24.42 16.22 1.74
N LYS B 288 25.59 16.71 1.30
CA LYS B 288 26.01 16.49 -0.07
C LYS B 288 27.52 16.32 -0.10
N ASN B 289 28.00 15.51 -1.03
CA ASN B 289 29.45 15.30 -1.21
C ASN B 289 30.12 14.87 0.10
N PHE B 290 29.61 13.79 0.71
CA PHE B 290 30.18 13.35 1.98
C PHE B 290 30.33 11.84 1.99
N THR B 291 31.05 11.35 2.99
CA THR B 291 31.31 9.93 3.14
C THR B 291 31.07 9.48 4.56
N ILE B 292 30.43 8.32 4.71
CA ILE B 292 30.18 7.67 5.98
C ILE B 292 30.89 6.32 5.89
N ARG B 293 32.04 6.20 6.56
CA ARG B 293 32.93 5.06 6.30
C ARG B 293 33.32 4.28 7.57
N ASP B 294 33.22 2.93 7.50
CA ASP B 294 33.74 2.00 8.50
C ASP B 294 33.28 2.34 9.92
N ASN B 295 31.96 2.54 10.10
CA ASN B 295 31.39 2.74 11.44
C ASN B 295 30.81 1.41 11.91
N GLU B 296 30.73 1.26 13.22
CA GLU B 296 30.23 0.05 13.86
C GLU B 296 29.08 0.52 14.76
N VAL B 297 27.89 -0.02 14.56
CA VAL B 297 26.74 0.56 15.24
C VAL B 297 25.81 -0.53 15.80
N TYR B 298 25.17 -0.22 16.95
CA TYR B 298 24.29 -1.18 17.63
C TYR B 298 23.01 -0.46 18.03
N PRO B 299 22.06 -0.36 17.11
CA PRO B 299 20.81 0.36 17.42
C PRO B 299 19.98 -0.42 18.45
N ASN B 300 19.05 0.28 19.10
CA ASN B 300 18.17 -0.38 20.06
C ASN B 300 16.82 0.35 20.06
N THR B 301 15.78 -0.38 19.67
CA THR B 301 14.41 0.16 19.69
C THR B 301 13.96 0.63 21.06
N ALA B 302 14.57 0.13 22.14
CA ALA B 302 14.03 0.39 23.47
C ALA B 302 14.49 1.72 24.07
N VAL B 303 15.49 2.39 23.49
CA VAL B 303 15.93 3.66 24.04
C VAL B 303 15.32 4.83 23.27
N SER B 304 15.44 6.03 23.85
CA SER B 304 14.81 7.27 23.35
C SER B 304 13.32 7.10 23.06
N THR B 305 12.61 6.46 24.00
CA THR B 305 11.18 6.26 23.84
C THR B 305 10.50 7.63 23.70
N GLY B 306 9.65 7.78 22.70
CA GLY B 306 8.81 8.96 22.59
C GLY B 306 9.42 10.11 21.80
N THR B 307 10.69 10.03 21.40
CA THR B 307 11.26 11.19 20.70
C THR B 307 11.07 11.13 19.18
N GLY B 308 10.47 10.08 18.66
CA GLY B 308 10.02 10.05 17.28
C GLY B 308 11.05 9.65 16.25
N LEU B 309 12.18 9.08 16.66
CA LEU B 309 13.21 8.71 15.69
C LEU B 309 12.89 7.34 15.06
N THR B 310 13.26 7.17 13.79
CA THR B 310 13.20 5.85 13.18
C THR B 310 14.41 5.02 13.63
N THR B 311 14.18 3.83 14.22
CA THR B 311 15.33 3.01 14.65
C THR B 311 16.18 2.61 13.45
N CYS B 312 17.48 2.83 13.54
N CYS B 312 17.49 2.83 13.54
CA CYS B 312 18.39 2.19 12.61
CA CYS B 312 18.36 2.59 12.39
C CYS B 312 19.84 2.55 12.89
C CYS B 312 19.82 2.71 12.80
N GLY B 313 20.70 2.06 12.03
CA GLY B 313 22.13 2.33 12.16
C GLY B 313 22.55 3.61 11.41
N VAL B 314 22.10 3.76 10.17
CA VAL B 314 22.43 4.90 9.31
C VAL B 314 21.15 5.40 8.66
N ALA B 315 20.77 6.65 8.93
CA ALA B 315 19.55 7.22 8.35
C ALA B 315 19.94 8.49 7.63
N LEU B 316 19.67 8.54 6.31
CA LEU B 316 20.05 9.67 5.47
C LEU B 316 18.81 10.15 4.76
N TYR B 317 18.53 11.47 4.80
CA TYR B 317 17.33 12.06 4.21
C TYR B 317 17.72 13.16 3.24
N GLY B 318 17.23 13.07 2.00
CA GLY B 318 17.40 14.17 1.05
C GLY B 318 18.84 14.43 0.64
N CYS B 319 19.71 13.44 0.79
CA CYS B 319 21.15 13.63 0.56
C CYS B 319 21.55 13.31 -0.88
N GLN B 320 22.72 13.85 -1.31
CA GLN B 320 23.21 13.61 -2.67
C GLN B 320 24.72 13.41 -2.69
N ASP B 321 25.20 12.67 -3.68
CA ASP B 321 26.65 12.61 -3.94
C ASP B 321 27.41 12.09 -2.72
N PHE B 322 27.02 10.88 -2.25
CA PHE B 322 27.58 10.39 -1.00
C PHE B 322 27.86 8.91 -1.10
N GLU B 323 28.70 8.41 -0.18
CA GLU B 323 28.85 6.96 0.01
C GLU B 323 28.65 6.58 1.45
N VAL B 324 28.07 5.40 1.63
CA VAL B 324 28.16 4.63 2.86
C VAL B 324 29.06 3.47 2.52
N ASP B 325 30.23 3.44 3.14
CA ASP B 325 31.29 2.50 2.76
C ASP B 325 31.70 1.77 4.03
N GLY B 326 31.20 0.56 4.25
CA GLY B 326 31.67 -0.19 5.41
C GLY B 326 30.76 0.04 6.60
N LEU B 327 30.17 -1.04 7.11
CA LEU B 327 29.29 -0.89 8.27
C LEU B 327 29.23 -2.27 8.94
N THR B 328 29.35 -2.29 10.28
CA THR B 328 29.24 -3.54 11.06
C THR B 328 28.35 -3.27 12.26
N GLY B 329 28.01 -4.35 12.99
CA GLY B 329 27.10 -4.25 14.14
C GLY B 329 25.74 -4.86 13.82
N TYR B 330 24.80 -4.69 14.78
CA TYR B 330 23.49 -5.34 14.67
C TYR B 330 22.59 -4.69 15.72
N LEU B 331 21.28 -4.94 15.63
CA LEU B 331 20.38 -4.31 16.60
C LEU B 331 20.35 -5.12 17.88
N LEU B 332 20.31 -4.42 19.01
CA LEU B 332 20.32 -5.09 20.33
C LEU B 332 18.96 -5.60 20.76
N ASN B 333 17.88 -5.04 20.21
CA ASN B 333 16.53 -5.48 20.55
C ASN B 333 16.19 -6.81 19.88
N ASP B 334 15.07 -7.39 20.27
CA ASP B 334 14.63 -8.60 19.61
C ASP B 334 14.31 -8.33 18.15
N PRO B 335 14.68 -9.24 17.22
CA PRO B 335 14.44 -8.96 15.80
C PRO B 335 12.97 -8.77 15.45
N SER B 336 12.04 -9.29 16.27
CA SER B 336 10.63 -9.10 15.96
C SER B 336 10.21 -7.65 16.08
N VAL B 337 10.96 -6.84 16.84
CA VAL B 337 10.64 -5.42 16.98
C VAL B 337 11.17 -4.64 15.79
N SER B 338 12.43 -4.86 15.41
CA SER B 338 12.98 -4.22 14.24
C SER B 338 14.28 -4.92 13.83
N THR B 339 14.56 -4.90 12.52
CA THR B 339 15.86 -5.28 11.96
C THR B 339 16.45 -4.17 11.09
N ARG B 340 15.87 -2.98 11.13
CA ARG B 340 16.31 -1.92 10.22
C ARG B 340 17.68 -1.37 10.61
N MET B 341 18.66 -1.43 9.70
CA MET B 341 20.01 -0.93 9.93
C MET B 341 20.38 0.24 9.01
N VAL B 342 19.98 0.23 7.75
CA VAL B 342 20.30 1.32 6.83
C VAL B 342 18.98 1.84 6.26
N PHE B 343 18.76 3.15 6.33
CA PHE B 343 17.50 3.73 5.88
C PHE B 343 17.88 5.00 5.11
N ILE B 344 17.72 4.96 3.79
CA ILE B 344 18.07 6.06 2.89
C ILE B 344 16.80 6.51 2.16
N ASP B 345 16.40 7.77 2.36
CA ASP B 345 15.04 8.14 2.07
C ASP B 345 14.99 9.58 1.57
N TRP B 346 13.85 9.93 1.00
CA TRP B 346 13.54 11.29 0.67
C TRP B 346 13.40 12.16 1.93
N GLY B 347 13.49 13.49 1.74
CA GLY B 347 13.07 14.41 2.77
C GLY B 347 11.56 14.64 2.71
N VAL B 348 11.09 15.52 3.59
CA VAL B 348 9.68 15.90 3.68
C VAL B 348 9.61 17.42 3.91
N ASN B 349 8.82 18.11 3.10
CA ASN B 349 8.46 19.50 3.31
C ASN B 349 6.97 19.57 3.61
N ASN B 350 6.62 19.96 4.84
CA ASN B 350 5.24 20.21 5.21
C ASN B 350 4.33 19.06 4.78
N GLY B 351 4.69 17.85 5.17
CA GLY B 351 3.85 16.71 4.85
C GLY B 351 3.96 16.14 3.44
N ARG B 352 4.78 16.73 2.57
CA ARG B 352 4.95 16.28 1.19
C ARG B 352 6.37 15.82 0.99
N TYR B 353 6.54 14.65 0.37
CA TYR B 353 7.89 14.16 0.08
C TYR B 353 8.61 15.07 -0.90
N ALA B 354 9.94 15.17 -0.73
CA ALA B 354 10.75 16.01 -1.61
C ALA B 354 12.22 15.68 -1.39
N GLY B 355 13.01 15.81 -2.44
CA GLY B 355 14.46 15.63 -2.30
C GLY B 355 14.82 14.16 -2.22
N PRO B 356 14.70 13.45 -3.34
CA PRO B 356 15.15 12.07 -3.37
C PRO B 356 16.66 12.01 -3.20
N PRO B 357 17.17 10.96 -2.57
CA PRO B 357 18.62 10.74 -2.60
C PRO B 357 19.04 10.37 -4.00
N ILE B 358 20.13 11.00 -4.49
CA ILE B 358 20.63 10.71 -5.83
C ILE B 358 22.15 10.69 -5.78
N ASN B 359 22.73 9.97 -6.76
CA ASN B 359 24.16 9.87 -7.01
C ASN B 359 24.88 9.37 -5.74
N PHE B 360 24.65 8.10 -5.44
CA PHE B 360 25.21 7.58 -4.21
C PHE B 360 25.72 6.18 -4.42
N THR B 361 26.60 5.77 -3.50
CA THR B 361 27.16 4.42 -3.49
C THR B 361 26.98 3.85 -2.09
N ILE B 362 26.39 2.66 -2.02
CA ILE B 362 26.26 1.92 -0.77
C ILE B 362 27.11 0.65 -0.90
N LYS B 363 28.15 0.50 -0.07
CA LYS B 363 29.01 -0.65 -0.32
C LYS B 363 29.65 -1.18 0.95
N ASN B 364 30.06 -2.46 0.87
CA ASN B 364 30.95 -3.06 1.89
C ASN B 364 30.24 -3.13 3.24
N LEU B 365 28.94 -3.38 3.24
CA LEU B 365 28.21 -3.50 4.49
C LEU B 365 28.25 -4.95 4.97
N ASP B 366 28.60 -5.13 6.23
CA ASP B 366 28.67 -6.51 6.80
C ASP B 366 27.65 -6.60 7.96
N ILE B 367 26.39 -6.73 7.59
CA ILE B 367 25.24 -6.65 8.53
C ILE B 367 24.26 -7.77 8.23
N PRO B 368 24.69 -9.04 8.20
CA PRO B 368 23.80 -10.12 7.72
C PRO B 368 22.48 -10.20 8.49
N GLU B 369 22.48 -9.82 9.76
CA GLU B 369 21.28 -9.93 10.59
C GLU B 369 20.26 -8.83 10.28
N SER B 370 20.67 -7.79 9.58
CA SER B 370 19.88 -6.56 9.55
C SER B 370 19.56 -6.13 8.12
N SER B 371 18.59 -5.22 8.00
CA SER B 371 17.97 -4.93 6.71
C SER B 371 18.36 -3.55 6.19
N ILE B 372 18.21 -3.38 4.88
CA ILE B 372 18.50 -2.14 4.15
C ILE B 372 17.22 -1.68 3.46
N GLU B 373 16.91 -0.39 3.55
CA GLU B 373 15.72 0.19 2.92
C GLU B 373 16.17 1.48 2.25
N ILE B 374 16.03 1.53 0.93
CA ILE B 374 16.49 2.67 0.13
C ILE B 374 15.31 3.09 -0.73
N ALA B 375 15.02 4.39 -0.78
CA ALA B 375 13.98 4.92 -1.66
C ALA B 375 14.59 6.09 -2.44
N THR B 376 14.67 5.95 -3.76
CA THR B 376 15.31 6.97 -4.61
C THR B 376 14.32 7.34 -5.71
N SER B 377 14.81 7.71 -6.89
CA SER B 377 13.94 8.14 -7.98
C SER B 377 14.80 8.24 -9.25
N GLY B 378 14.16 8.63 -10.35
CA GLY B 378 14.89 8.89 -11.59
C GLY B 378 14.05 9.71 -12.53
N SER B 379 14.72 10.55 -13.31
CA SER B 379 14.02 11.54 -14.13
C SER B 379 14.74 11.75 -15.45
N ASP B 380 14.05 12.41 -16.39
CA ASP B 380 14.71 12.96 -17.56
C ASP B 380 15.42 14.28 -17.29
N ALA B 381 15.04 15.00 -16.22
CA ALA B 381 15.56 16.34 -15.96
C ALA B 381 16.92 16.36 -15.30
N TRP B 382 17.36 15.25 -14.68
CA TRP B 382 18.63 15.17 -13.98
C TRP B 382 19.05 13.71 -13.96
N GLU B 383 20.34 13.49 -13.92
CA GLU B 383 20.86 12.14 -13.87
C GLU B 383 20.91 11.68 -12.43
N ASN B 384 20.80 10.36 -12.25
CA ASN B 384 20.95 9.71 -10.95
C ASN B 384 21.64 8.36 -11.18
N SER B 385 22.89 8.25 -10.76
N SER B 385 22.90 8.26 -10.76
CA SER B 385 23.66 7.02 -10.90
CA SER B 385 23.66 7.02 -10.89
C SER B 385 23.89 6.45 -9.50
C SER B 385 23.88 6.46 -9.50
N THR B 386 23.46 5.22 -9.28
CA THR B 386 23.57 4.57 -7.98
C THR B 386 24.35 3.27 -8.11
N ILE B 387 25.09 2.97 -7.04
CA ILE B 387 25.89 1.74 -6.94
C ILE B 387 25.64 1.10 -5.59
N VAL B 388 25.31 -0.19 -5.60
CA VAL B 388 25.18 -0.96 -4.37
C VAL B 388 26.06 -2.18 -4.55
N SER B 389 27.03 -2.39 -3.67
CA SER B 389 28.12 -3.33 -3.97
C SER B 389 28.66 -3.98 -2.71
N ASN B 390 28.88 -5.32 -2.74
CA ASN B 390 29.61 -5.99 -1.67
C ASN B 390 28.84 -5.88 -0.36
N ILE B 391 27.66 -6.46 -0.36
CA ILE B 391 26.70 -6.31 0.74
C ILE B 391 26.43 -7.69 1.32
N ASN B 392 26.32 -7.75 2.65
CA ASN B 392 25.85 -8.95 3.35
C ASN B 392 24.75 -8.48 4.31
N CYS B 393 23.48 -8.77 3.99
CA CYS B 393 22.38 -8.16 4.77
C CYS B 393 21.21 -9.14 4.86
N ASN B 394 20.12 -8.68 5.50
CA ASN B 394 18.96 -9.53 5.68
C ASN B 394 17.99 -9.22 4.55
N VAL B 395 17.00 -8.35 4.80
CA VAL B 395 16.13 -7.88 3.73
C VAL B 395 16.82 -6.77 2.96
N PHE B 396 16.76 -6.83 1.65
CA PHE B 396 17.21 -5.72 0.82
C PHE B 396 15.95 -5.14 0.19
N LYS B 397 15.55 -3.95 0.64
CA LYS B 397 14.33 -3.32 0.15
C LYS B 397 14.68 -2.05 -0.60
N TRP B 398 14.15 -1.93 -1.82
CA TRP B 398 14.52 -0.84 -2.72
C TRP B 398 13.30 -0.29 -3.45
N ARG B 399 13.24 1.04 -3.56
CA ARG B 399 12.21 1.72 -4.35
C ARG B 399 12.90 2.79 -5.20
N GLY B 400 12.54 2.85 -6.48
CA GLY B 400 13.09 3.92 -7.32
C GLY B 400 13.81 3.43 -8.57
N LEU B 401 13.79 4.22 -9.64
CA LEU B 401 14.40 3.80 -10.90
C LEU B 401 15.38 4.87 -11.38
N PRO B 402 16.65 4.81 -10.93
CA PRO B 402 17.66 5.81 -11.32
C PRO B 402 17.93 5.77 -12.82
N SER B 403 18.64 6.80 -13.34
CA SER B 403 19.02 6.71 -14.75
C SER B 403 20.00 5.53 -14.96
N SER B 404 20.84 5.25 -13.97
CA SER B 404 21.58 4.00 -14.00
C SER B 404 21.82 3.50 -12.58
N SER B 405 21.70 2.18 -12.41
CA SER B 405 21.81 1.57 -11.10
C SER B 405 22.52 0.23 -11.26
N THR B 406 23.55 0.01 -10.48
CA THR B 406 24.21 -1.28 -10.52
C THR B 406 24.14 -1.92 -9.13
N PHE B 407 24.07 -3.25 -9.15
CA PHE B 407 23.89 -4.08 -7.97
C PHE B 407 24.88 -5.23 -8.10
N ASN B 408 25.88 -5.29 -7.23
CA ASN B 408 26.95 -6.27 -7.40
C ASN B 408 27.28 -6.97 -6.09
N ASN B 409 27.37 -8.31 -6.12
CA ASN B 409 27.89 -9.05 -4.96
C ASN B 409 27.07 -8.70 -3.72
N ILE B 410 25.73 -8.75 -3.86
CA ILE B 410 24.82 -8.55 -2.74
C ILE B 410 24.41 -9.91 -2.24
N ARG B 411 24.74 -10.21 -1.00
CA ARG B 411 24.24 -11.41 -0.33
C ARG B 411 23.14 -10.99 0.63
N CYS B 412 21.93 -11.55 0.48
CA CYS B 412 20.80 -11.07 1.26
C CYS B 412 19.86 -12.24 1.47
N ARG B 413 18.90 -12.04 2.38
CA ARG B 413 17.97 -13.11 2.70
C ARG B 413 16.63 -12.99 1.96
N SER B 414 16.34 -11.82 1.39
CA SER B 414 15.18 -11.59 0.53
C SER B 414 15.37 -10.24 -0.15
N ILE B 415 14.74 -10.09 -1.32
CA ILE B 415 14.78 -8.85 -2.10
C ILE B 415 13.33 -8.36 -2.30
N ASP B 416 13.10 -7.09 -2.01
CA ASP B 416 11.80 -6.46 -2.09
C ASP B 416 12.00 -5.20 -2.92
N PHE B 417 11.77 -5.28 -4.24
CA PHE B 417 12.26 -4.27 -5.17
C PHE B 417 11.14 -3.79 -6.08
N ILE B 418 10.95 -2.46 -6.14
CA ILE B 418 10.11 -1.89 -7.18
C ILE B 418 10.89 -0.75 -7.81
N GLY B 419 10.88 -0.70 -9.13
CA GLY B 419 11.70 0.25 -9.86
C GLY B 419 10.98 1.59 -9.89
N GLN B 420 10.17 1.83 -10.91
CA GLN B 420 9.46 3.11 -10.97
C GLN B 420 8.24 3.04 -10.07
N HIS B 421 8.47 3.19 -8.77
CA HIS B 421 7.38 2.96 -7.82
C HIS B 421 6.34 4.07 -7.91
N GLY B 422 5.08 3.70 -7.72
CA GLY B 422 3.97 4.63 -7.79
C GLY B 422 3.55 5.12 -6.42
N SER B 423 2.51 5.96 -6.43
CA SER B 423 1.94 6.47 -5.21
C SER B 423 1.57 5.34 -4.24
N GLY B 424 1.96 5.49 -2.98
CA GLY B 424 1.66 4.45 -2.02
C GLY B 424 2.67 3.31 -1.98
N GLU B 425 3.65 3.31 -2.88
CA GLU B 425 4.65 2.24 -2.93
C GLU B 425 5.98 2.66 -2.38
N GLY B 426 6.03 3.76 -1.65
CA GLY B 426 7.29 4.26 -1.15
C GLY B 426 7.37 5.77 -1.32
N SER B 427 8.33 6.39 -0.64
CA SER B 427 8.42 7.85 -0.64
C SER B 427 8.56 8.41 -2.05
N GLY B 428 7.75 9.42 -2.36
CA GLY B 428 7.89 10.07 -3.67
C GLY B 428 7.45 9.21 -4.83
N GLY B 429 6.76 8.09 -4.56
CA GLY B 429 6.18 7.29 -5.62
C GLY B 429 5.31 8.10 -6.56
N GLY B 430 5.48 7.87 -7.88
CA GLY B 430 4.75 8.61 -8.87
C GLY B 430 5.30 10.00 -9.23
N PHE B 431 6.25 10.52 -8.46
CA PHE B 431 6.67 11.92 -8.67
C PHE B 431 7.44 12.11 -9.97
N TYR B 432 8.44 11.25 -10.23
CA TYR B 432 9.32 11.41 -11.37
C TYR B 432 9.33 10.15 -12.21
N THR B 433 9.50 10.32 -13.53
CA THR B 433 9.73 9.22 -14.44
C THR B 433 10.79 9.64 -15.44
N ARG B 434 11.40 8.65 -16.09
CA ARG B 434 12.50 8.87 -17.01
C ARG B 434 12.17 8.13 -18.30
N SER B 435 11.80 8.87 -19.35
N SER B 435 11.79 8.87 -19.35
CA SER B 435 11.55 8.25 -20.64
CA SER B 435 11.55 8.26 -20.65
C SER B 435 12.85 7.90 -21.38
C SER B 435 12.84 7.90 -21.37
N GLN B 436 13.95 8.55 -21.04
CA GLN B 436 15.21 8.35 -21.76
C GLN B 436 15.92 7.08 -21.28
N PHE B 437 17.08 6.81 -21.90
CA PHE B 437 17.85 5.59 -21.63
C PHE B 437 18.02 5.35 -20.14
N THR B 438 17.54 4.20 -19.69
CA THR B 438 17.56 3.82 -18.28
C THR B 438 18.26 2.47 -18.20
N TYR B 439 19.32 2.39 -17.38
CA TYR B 439 20.21 1.24 -17.36
C TYR B 439 20.23 0.59 -15.98
N MET B 440 20.28 -0.74 -15.95
CA MET B 440 20.44 -1.46 -14.70
C MET B 440 21.39 -2.65 -14.89
N LYS B 441 22.10 -3.02 -13.82
CA LYS B 441 23.00 -4.19 -13.83
C LYS B 441 22.86 -4.93 -12.51
N TRP B 442 22.78 -6.26 -12.58
CA TRP B 442 22.77 -7.16 -11.43
C TRP B 442 23.81 -8.25 -11.67
N VAL B 443 24.89 -8.27 -10.89
CA VAL B 443 25.97 -9.24 -11.06
C VAL B 443 26.26 -9.94 -9.73
N GLY B 444 26.28 -11.27 -9.75
CA GLY B 444 26.88 -12.01 -8.64
C GLY B 444 26.15 -11.85 -7.33
N CYS B 445 24.84 -11.65 -7.36
CA CYS B 445 24.03 -11.50 -6.16
C CYS B 445 23.40 -12.82 -5.72
N THR B 446 23.07 -12.88 -4.43
CA THR B 446 22.52 -14.10 -3.83
C THR B 446 21.39 -13.70 -2.89
N ALA B 447 20.18 -14.14 -3.21
CA ALA B 447 19.03 -14.02 -2.33
C ALA B 447 18.74 -15.44 -1.84
N LEU B 448 19.01 -15.70 -0.56
CA LEU B 448 18.92 -17.07 -0.07
C LEU B 448 18.74 -17.05 1.42
N SER B 449 17.75 -17.79 1.91
CA SER B 449 17.51 -17.95 3.34
C SER B 449 17.26 -19.43 3.56
N GLY B 450 18.28 -20.16 3.99
CA GLY B 450 18.11 -21.61 4.13
C GLY B 450 18.02 -22.28 2.78
N ASP B 451 16.81 -22.72 2.40
CA ASP B 451 16.58 -23.34 1.10
C ASP B 451 15.75 -22.46 0.18
N GLU B 452 15.36 -21.27 0.59
CA GLU B 452 14.43 -20.49 -0.20
C GLU B 452 15.07 -19.24 -0.79
N THR B 453 14.71 -19.00 -2.05
CA THR B 453 15.10 -17.83 -2.81
C THR B 453 13.85 -16.97 -2.92
N THR B 454 13.86 -15.82 -2.25
CA THR B 454 12.67 -15.02 -2.08
C THR B 454 12.96 -13.63 -2.66
N VAL B 455 12.53 -13.39 -3.88
CA VAL B 455 12.79 -12.12 -4.52
C VAL B 455 11.47 -11.63 -5.09
N SER B 456 11.31 -10.31 -5.12
CA SER B 456 10.17 -9.71 -5.79
C SER B 456 10.67 -8.45 -6.46
N PHE B 457 10.45 -8.36 -7.77
CA PHE B 457 10.84 -7.24 -8.62
C PHE B 457 9.61 -6.76 -9.38
N ALA B 458 9.49 -5.44 -9.60
CA ALA B 458 8.41 -4.92 -10.45
C ALA B 458 8.80 -3.56 -11.01
N LYS B 459 8.17 -3.19 -12.13
CA LYS B 459 8.24 -1.83 -12.69
C LYS B 459 9.69 -1.42 -13.02
N ILE B 460 10.49 -2.39 -13.46
CA ILE B 460 11.86 -2.12 -13.88
C ILE B 460 11.78 -1.77 -15.36
N TYR B 461 11.55 -0.49 -15.65
CA TYR B 461 11.40 0.00 -17.03
C TYR B 461 12.75 0.41 -17.62
N THR B 462 13.58 -0.58 -17.92
CA THR B 462 14.92 -0.31 -18.42
C THR B 462 15.03 -0.49 -19.94
N ASP B 463 15.86 0.34 -20.57
CA ASP B 463 16.21 0.13 -21.97
C ASP B 463 17.31 -0.91 -22.13
N ARG B 464 18.10 -1.13 -21.09
CA ARG B 464 19.07 -2.21 -21.05
C ARG B 464 19.30 -2.62 -19.61
N CYS B 465 19.33 -3.94 -19.40
CA CYS B 465 19.59 -4.53 -18.09
C CYS B 465 20.52 -5.72 -18.29
N ASP B 466 21.72 -5.64 -17.75
CA ASP B 466 22.68 -6.74 -17.79
C ASP B 466 22.57 -7.52 -16.48
N GLN B 467 22.49 -8.84 -16.57
CA GLN B 467 22.39 -9.65 -15.34
C GLN B 467 23.09 -10.98 -15.55
N VAL B 468 24.02 -11.32 -14.66
N VAL B 468 24.05 -11.29 -14.68
CA VAL B 468 24.76 -12.56 -14.77
CA VAL B 468 24.83 -12.53 -14.76
C VAL B 468 25.25 -12.96 -13.39
C VAL B 468 25.21 -12.97 -13.35
N GLY B 469 25.40 -14.27 -13.18
CA GLY B 469 25.92 -14.78 -11.92
C GLY B 469 25.03 -14.68 -10.70
N ASN B 470 23.76 -14.34 -10.84
CA ASN B 470 22.84 -14.31 -9.70
C ASN B 470 22.17 -15.68 -9.50
N ASN B 471 21.66 -15.94 -8.29
CA ASN B 471 20.84 -17.16 -8.13
C ASN B 471 19.36 -16.88 -8.38
N PHE B 472 19.06 -15.84 -9.13
CA PHE B 472 17.69 -15.48 -9.48
C PHE B 472 17.71 -14.70 -10.78
N GLY B 473 16.53 -14.60 -11.41
CA GLY B 473 16.35 -13.76 -12.58
C GLY B 473 15.67 -12.46 -12.19
N VAL B 474 16.00 -11.39 -12.92
CA VAL B 474 15.40 -10.07 -12.73
C VAL B 474 14.51 -9.79 -13.93
N PRO B 475 13.19 -9.78 -13.77
CA PRO B 475 12.30 -9.43 -14.89
C PRO B 475 12.36 -7.93 -15.09
N THR B 476 12.33 -7.52 -16.37
CA THR B 476 12.22 -6.12 -16.71
C THR B 476 10.90 -5.91 -17.43
N ALA B 477 10.46 -4.67 -17.47
CA ALA B 477 9.09 -4.37 -17.86
C ALA B 477 9.09 -3.24 -18.88
N VAL B 478 7.95 -3.06 -19.54
CA VAL B 478 7.79 -2.07 -20.60
C VAL B 478 6.66 -1.13 -20.21
N ASP B 479 6.93 0.18 -20.19
CA ASP B 479 5.91 1.16 -19.86
C ASP B 479 5.30 1.73 -21.15
N GLY B 480 4.59 0.87 -21.85
CA GLY B 480 3.94 1.27 -23.09
C GLY B 480 4.67 0.69 -24.29
N THR B 481 3.90 0.16 -25.24
CA THR B 481 4.48 -0.61 -26.33
C THR B 481 5.53 0.21 -27.07
N GLY B 482 6.71 -0.40 -27.25
CA GLY B 482 7.79 0.23 -27.97
C GLY B 482 8.68 1.16 -27.15
N HIS B 483 8.27 1.52 -25.93
CA HIS B 483 8.98 2.59 -25.21
C HIS B 483 10.34 2.20 -24.70
N ARG B 484 10.71 0.91 -24.72
CA ARG B 484 12.04 0.49 -24.32
C ARG B 484 12.67 -0.39 -25.40
N GLY B 485 12.32 -0.16 -26.66
CA GLY B 485 12.93 -0.86 -27.77
C GLY B 485 12.31 -2.23 -27.98
N PRO B 486 12.99 -3.11 -28.71
CA PRO B 486 12.47 -4.47 -28.88
C PRO B 486 12.46 -5.16 -27.54
N VAL B 487 11.53 -6.10 -27.39
CA VAL B 487 11.40 -6.84 -26.14
C VAL B 487 12.35 -8.02 -26.16
N LEU B 488 13.27 -8.06 -25.20
CA LEU B 488 14.27 -9.11 -25.10
C LEU B 488 14.20 -9.70 -23.70
N THR B 489 14.56 -10.98 -23.58
CA THR B 489 14.84 -11.57 -22.28
C THR B 489 16.30 -12.00 -22.21
N THR B 490 17.03 -11.47 -21.22
CA THR B 490 18.41 -11.91 -21.03
C THR B 490 18.40 -13.38 -20.62
N ILE B 491 19.22 -14.17 -21.29
CA ILE B 491 19.37 -15.58 -20.95
C ILE B 491 20.49 -15.66 -19.90
N SER B 492 20.10 -15.92 -18.65
CA SER B 492 21.05 -15.94 -17.54
C SER B 492 21.51 -17.35 -17.17
N GLU B 493 20.75 -18.40 -17.49
CA GLU B 493 21.16 -19.77 -17.20
C GLU B 493 21.18 -20.55 -18.51
N GLN B 494 22.31 -21.23 -18.78
CA GLN B 494 22.36 -22.24 -19.82
C GLN B 494 23.12 -23.43 -19.27
N TYR B 495 22.64 -24.63 -19.57
CA TYR B 495 23.23 -25.83 -19.01
C TYR B 495 23.53 -26.84 -20.11
N PHE B 496 24.43 -27.77 -19.80
CA PHE B 496 24.73 -28.89 -20.66
C PHE B 496 24.28 -30.16 -19.95
N THR B 497 23.64 -31.06 -20.68
CA THR B 497 23.26 -32.36 -20.13
C THR B 497 23.78 -33.48 -21.00
N ALA B 498 24.27 -34.52 -20.34
CA ALA B 498 24.70 -35.73 -21.00
C ALA B 498 23.54 -36.60 -21.47
N TYR B 499 22.30 -36.16 -21.26
CA TYR B 499 21.10 -36.91 -21.60
C TYR B 499 20.17 -36.02 -22.41
N ASP B 500 19.14 -36.64 -23.01
CA ASP B 500 18.19 -35.87 -23.81
C ASP B 500 16.95 -35.44 -23.06
N GLU B 501 16.45 -36.23 -22.11
CA GLU B 501 15.23 -35.88 -21.40
C GLU B 501 15.39 -34.54 -20.66
N PHE B 502 14.30 -33.79 -20.58
CA PHE B 502 14.35 -32.51 -19.88
C PHE B 502 14.58 -32.76 -18.40
N PRO B 503 15.48 -32.00 -17.77
CA PRO B 503 15.78 -32.22 -16.34
C PRO B 503 14.59 -31.85 -15.47
N GLY B 504 14.11 -32.81 -14.69
CA GLY B 504 12.91 -32.63 -13.93
C GLY B 504 13.11 -32.01 -12.58
N GLY B 505 12.02 -31.47 -12.05
CA GLY B 505 11.96 -31.08 -10.66
C GLY B 505 12.80 -29.89 -10.27
N ARG B 506 13.26 -29.10 -11.25
CA ARG B 506 14.14 -27.97 -11.00
C ARG B 506 13.61 -26.79 -11.80
N GLU B 507 13.47 -25.64 -11.13
CA GLU B 507 12.81 -24.51 -11.73
C GLU B 507 13.80 -23.79 -12.66
N PHE B 508 13.36 -23.46 -13.87
CA PHE B 508 14.22 -22.77 -14.83
C PHE B 508 13.51 -21.51 -15.30
N PRO B 509 14.19 -20.37 -15.32
CA PRO B 509 13.56 -19.15 -15.85
C PRO B 509 13.26 -19.26 -17.33
N THR B 510 12.33 -18.44 -17.78
CA THR B 510 12.04 -18.32 -19.20
C THR B 510 13.31 -17.95 -19.95
N GLY B 511 13.54 -18.62 -21.08
CA GLY B 511 14.70 -18.33 -21.89
C GLY B 511 15.89 -19.22 -21.59
N THR B 512 15.83 -19.98 -20.51
CA THR B 512 16.87 -20.96 -20.20
C THR B 512 17.08 -21.88 -21.39
N VAL B 513 18.33 -22.15 -21.72
CA VAL B 513 18.65 -23.06 -22.82
C VAL B 513 19.41 -24.24 -22.25
N ILE B 514 18.98 -25.44 -22.63
CA ILE B 514 19.64 -26.68 -22.26
C ILE B 514 20.25 -27.26 -23.53
N HIS B 515 21.56 -27.49 -23.53
CA HIS B 515 22.22 -28.11 -24.67
C HIS B 515 22.48 -29.57 -24.32
N CYS B 516 21.97 -30.46 -25.16
CA CYS B 516 22.14 -31.90 -24.94
C CYS B 516 23.37 -32.38 -25.69
N ALA B 517 24.02 -33.39 -25.11
CA ALA B 517 25.20 -33.97 -25.77
C ALA B 517 24.83 -34.55 -27.13
N SER B 518 23.58 -34.94 -27.33
CA SER B 518 23.15 -35.48 -28.61
C SER B 518 23.10 -34.42 -29.70
N GLY B 519 23.19 -33.15 -29.33
CA GLY B 519 22.98 -32.06 -30.23
C GLY B 519 21.61 -31.41 -30.10
N LYS B 520 20.67 -32.09 -29.47
CA LYS B 520 19.36 -31.52 -29.21
C LYS B 520 19.51 -30.31 -28.29
N LYS B 521 18.48 -29.46 -28.28
CA LYS B 521 18.45 -28.36 -27.32
C LYS B 521 17.01 -28.11 -26.88
N HIS B 522 16.85 -27.78 -25.61
CA HIS B 522 15.57 -27.35 -25.08
C HIS B 522 15.67 -25.85 -24.81
N VAL B 523 14.61 -25.13 -25.14
CA VAL B 523 14.49 -23.73 -24.79
C VAL B 523 13.28 -23.59 -23.90
N VAL B 524 13.48 -23.07 -22.69
CA VAL B 524 12.37 -22.92 -21.77
C VAL B 524 11.58 -21.69 -22.19
N THR B 525 10.36 -21.92 -22.68
CA THR B 525 9.49 -20.86 -23.15
C THR B 525 8.49 -20.38 -22.10
N VAL B 526 8.21 -21.18 -21.07
CA VAL B 526 7.48 -20.72 -19.89
C VAL B 526 8.26 -21.18 -18.68
N GLY B 527 8.80 -20.22 -17.92
CA GLY B 527 9.66 -20.58 -16.80
C GLY B 527 8.93 -21.43 -15.79
N GLY B 528 9.64 -22.42 -15.25
CA GLY B 528 9.07 -23.29 -14.25
C GLY B 528 9.90 -24.54 -14.09
N ALA B 529 9.27 -25.56 -13.51
CA ALA B 529 9.92 -26.84 -13.24
C ALA B 529 9.06 -27.95 -13.84
N PHE B 530 9.70 -29.08 -14.16
CA PHE B 530 9.00 -30.21 -14.76
C PHE B 530 8.63 -31.23 -13.70
N PHE B 531 7.33 -31.56 -13.66
CA PHE B 531 6.82 -32.73 -12.95
C PHE B 531 5.92 -33.46 -13.92
N SER B 532 6.16 -34.76 -14.12
CA SER B 532 5.32 -35.52 -15.02
C SER B 532 3.88 -35.52 -14.52
N ASP B 533 2.94 -35.56 -15.46
CA ASP B 533 1.54 -35.74 -15.07
C ASP B 533 1.30 -37.09 -14.40
N ASN B 534 2.24 -38.01 -14.51
CA ASN B 534 2.10 -39.37 -14.00
C ASN B 534 2.59 -39.50 -12.55
N GLU B 535 2.87 -38.39 -11.87
CA GLU B 535 3.30 -38.44 -10.48
C GLU B 535 2.20 -38.97 -9.57
N LYS B 536 2.52 -39.99 -8.77
CA LYS B 536 1.66 -40.56 -7.76
C LYS B 536 2.48 -40.72 -6.48
N ILE B 537 1.96 -40.23 -5.37
CA ILE B 537 2.66 -40.34 -4.09
C ILE B 537 1.89 -41.27 -3.16
N LYS B 538 2.61 -41.80 -2.17
CA LYS B 538 2.02 -42.55 -1.08
C LYS B 538 1.12 -41.65 -0.23
N ALA B 539 0.16 -42.26 0.45
CA ALA B 539 -0.72 -41.53 1.35
C ALA B 539 0.07 -40.80 2.44
N THR B 540 -0.52 -39.74 2.99
CA THR B 540 0.11 -38.92 4.02
C THR B 540 -0.75 -38.82 5.26
N VAL B 541 -0.09 -38.45 6.36
CA VAL B 541 -0.76 -38.16 7.62
C VAL B 541 -0.44 -36.73 8.02
N THR B 542 -1.31 -36.16 8.84
CA THR B 542 -1.13 -34.79 9.30
C THR B 542 0.20 -34.62 10.04
N GLY B 543 0.93 -33.56 9.69
CA GLY B 543 2.18 -33.22 10.34
C GLY B 543 3.42 -33.83 9.72
N GLN B 544 3.28 -34.77 8.78
CA GLN B 544 4.44 -35.42 8.21
C GLN B 544 5.14 -34.47 7.24
N THR B 545 6.46 -34.54 7.25
CA THR B 545 7.29 -33.54 6.59
C THR B 545 8.10 -34.13 5.44
N TYR B 546 7.63 -35.25 4.89
CA TYR B 546 8.27 -35.86 3.74
C TYR B 546 7.20 -36.43 2.81
N LEU B 547 7.60 -36.76 1.59
CA LEU B 547 6.75 -37.42 0.62
C LEU B 547 7.54 -38.56 -0.01
N GLN B 548 6.83 -39.60 -0.42
CA GLN B 548 7.47 -40.77 -1.02
C GLN B 548 6.71 -41.19 -2.27
N SER B 549 7.46 -41.67 -3.26
CA SER B 549 6.91 -41.93 -4.58
C SER B 549 6.08 -43.20 -4.58
N ASN B 550 4.92 -43.13 -5.24
CA ASN B 550 4.15 -44.33 -5.50
C ASN B 550 4.13 -44.65 -7.00
N ALA B 551 5.03 -44.05 -7.78
CA ALA B 551 5.06 -44.39 -9.19
C ALA B 551 6.44 -44.22 -9.83
N LEU B 552 6.91 -42.98 -9.94
CA LEU B 552 8.03 -42.71 -10.82
C LEU B 552 9.36 -42.77 -10.07
N ASN B 553 10.43 -42.94 -10.84
CA ASN B 553 11.79 -42.98 -10.32
C ASN B 553 12.30 -41.55 -10.18
N TRP B 554 12.30 -41.04 -8.95
CA TRP B 554 12.78 -39.69 -8.67
C TRP B 554 14.30 -39.57 -8.67
N ALA B 555 15.01 -40.68 -8.75
CA ALA B 555 16.45 -40.64 -8.91
C ALA B 555 16.89 -40.75 -10.36
N SER B 556 15.97 -40.55 -11.29
CA SER B 556 16.29 -40.36 -12.70
C SER B 556 16.35 -38.86 -12.97
N ASN B 557 17.07 -38.48 -14.04
CA ASN B 557 17.14 -37.05 -14.36
C ASN B 557 15.78 -36.52 -14.81
N GLY B 558 15.01 -37.35 -15.53
CA GLY B 558 13.74 -36.88 -16.08
C GLY B 558 12.64 -36.66 -15.04
N TYR B 559 12.67 -37.42 -13.94
CA TYR B 559 11.71 -37.26 -12.86
C TYR B 559 12.36 -36.77 -11.56
N ALA B 560 13.48 -36.06 -11.69
CA ALA B 560 14.30 -35.67 -10.56
C ALA B 560 13.55 -34.72 -9.64
N LYS B 561 14.07 -34.56 -8.42
CA LYS B 561 13.47 -33.66 -7.43
C LYS B 561 14.58 -32.81 -6.82
N ALA B 562 14.54 -31.51 -7.12
CA ALA B 562 15.59 -30.60 -6.71
C ALA B 562 15.14 -29.83 -5.48
N ALA B 563 16.02 -29.73 -4.49
CA ALA B 563 15.70 -28.93 -3.33
C ALA B 563 15.50 -27.49 -3.78
N GLY B 564 14.58 -26.81 -3.10
CA GLY B 564 14.25 -25.44 -3.42
C GLY B 564 13.05 -25.27 -4.32
N THR B 565 12.60 -26.32 -5.00
CA THR B 565 11.48 -26.15 -5.92
C THR B 565 10.17 -25.98 -5.15
N LYS B 566 9.42 -24.93 -5.49
CA LYS B 566 8.09 -24.78 -4.92
C LYS B 566 7.14 -25.73 -5.61
N ILE B 567 6.35 -26.45 -4.81
CA ILE B 567 5.47 -27.49 -5.27
C ILE B 567 4.11 -27.29 -4.61
N VAL B 568 3.12 -27.99 -5.13
CA VAL B 568 1.75 -27.90 -4.64
C VAL B 568 1.27 -29.31 -4.34
N ILE B 569 0.74 -29.52 -3.15
CA ILE B 569 0.14 -30.81 -2.81
C ILE B 569 -1.38 -30.60 -2.70
N PRO B 570 -2.17 -31.11 -3.64
CA PRO B 570 -3.61 -30.84 -3.58
C PRO B 570 -4.21 -31.41 -2.30
N GLY B 571 -5.08 -30.64 -1.68
CA GLY B 571 -5.84 -31.11 -0.53
C GLY B 571 -5.05 -31.27 0.77
N ALA B 572 -3.76 -30.98 0.77
CA ALA B 572 -2.93 -31.19 1.95
C ALA B 572 -2.85 -29.96 2.84
N GLY B 573 -3.40 -28.82 2.43
CA GLY B 573 -3.38 -27.61 3.21
C GLY B 573 -4.56 -27.52 4.17
N ALA B 574 -4.75 -26.33 4.72
CA ALA B 574 -5.86 -26.08 5.63
C ALA B 574 -7.19 -26.33 4.93
N ASN B 575 -8.12 -26.94 5.67
CA ASN B 575 -9.46 -27.27 5.19
C ASN B 575 -9.41 -27.99 3.86
N GLY B 576 -8.40 -28.83 3.68
CA GLY B 576 -8.28 -29.56 2.43
C GLY B 576 -7.91 -28.73 1.24
N GLY B 577 -7.45 -27.48 1.46
CA GLY B 577 -6.92 -26.64 0.41
C GLY B 577 -5.55 -27.09 -0.08
N ASP B 578 -5.08 -26.41 -1.13
CA ASP B 578 -3.77 -26.72 -1.67
C ASP B 578 -2.68 -26.29 -0.69
N LEU B 579 -1.64 -27.11 -0.56
CA LEU B 579 -0.49 -26.81 0.27
C LEU B 579 0.65 -26.34 -0.64
N VAL B 580 1.07 -25.09 -0.47
CA VAL B 580 2.22 -24.55 -1.18
C VAL B 580 3.43 -24.71 -0.27
N THR B 581 4.42 -25.44 -0.75
CA THR B 581 5.62 -25.67 0.03
C THR B 581 6.81 -25.77 -0.92
N THR B 582 7.98 -26.05 -0.35
CA THR B 582 9.25 -26.11 -1.04
C THR B 582 9.88 -27.48 -0.78
N ILE B 583 10.51 -28.06 -1.79
CA ILE B 583 11.28 -29.29 -1.55
C ILE B 583 12.48 -28.91 -0.69
N ALA B 584 12.54 -29.48 0.52
CA ALA B 584 13.59 -29.14 1.46
C ALA B 584 14.81 -30.05 1.33
N ARG B 585 14.63 -31.27 0.80
CA ARG B 585 15.72 -32.20 0.57
C ARG B 585 15.45 -32.95 -0.73
N ALA B 586 16.46 -33.04 -1.59
CA ALA B 586 16.32 -33.72 -2.87
C ALA B 586 16.20 -35.22 -2.65
N THR B 587 15.95 -35.93 -3.76
CA THR B 587 15.60 -37.34 -3.71
C THR B 587 16.61 -38.15 -2.92
N TYR B 588 16.10 -39.00 -2.02
CA TYR B 588 16.85 -40.07 -1.40
C TYR B 588 15.94 -41.27 -1.28
N VAL B 589 16.52 -42.42 -0.98
CA VAL B 589 15.75 -43.65 -0.80
C VAL B 589 15.78 -44.01 0.68
N THR B 590 14.61 -44.24 1.26
CA THR B 590 14.55 -44.78 2.60
C THR B 590 13.32 -45.66 2.72
N ASN B 591 13.46 -46.70 3.54
CA ASN B 591 12.46 -47.76 3.62
C ASN B 591 12.09 -48.23 2.22
N SER B 592 13.10 -48.34 1.36
CA SER B 592 12.96 -48.85 0.00
C SER B 592 12.01 -48.01 -0.86
N LEU B 593 11.93 -46.70 -0.57
CA LEU B 593 11.11 -45.78 -1.34
C LEU B 593 11.91 -44.52 -1.64
N TYR B 594 11.73 -43.99 -2.85
CA TYR B 594 12.24 -42.68 -3.18
C TYR B 594 11.51 -41.64 -2.34
N THR B 595 12.27 -40.73 -1.72
CA THR B 595 11.73 -39.81 -0.73
C THR B 595 12.26 -38.40 -0.98
N ILE B 596 11.43 -37.40 -0.65
CA ILE B 596 11.89 -36.03 -0.54
C ILE B 596 11.31 -35.47 0.75
N ASP B 597 11.97 -34.47 1.31
CA ASP B 597 11.43 -33.77 2.45
C ASP B 597 10.77 -32.49 1.96
N ILE B 598 9.73 -32.06 2.67
CA ILE B 598 9.05 -30.81 2.31
C ILE B 598 9.20 -29.81 3.44
N ALA B 599 9.18 -28.53 3.08
CA ALA B 599 9.44 -27.46 4.04
C ALA B 599 8.28 -27.25 5.01
N ASP B 600 7.05 -27.60 4.63
CA ASP B 600 5.90 -27.40 5.48
C ASP B 600 5.19 -28.73 5.71
N PRO B 601 4.78 -29.03 6.94
CA PRO B 601 4.14 -30.32 7.21
C PRO B 601 2.77 -30.42 6.57
N ILE B 602 2.38 -31.66 6.28
CA ILE B 602 1.04 -31.94 5.80
C ILE B 602 0.01 -31.51 6.83
N VAL B 603 -1.03 -30.79 6.36
CA VAL B 603 -2.13 -30.36 7.22
C VAL B 603 -3.31 -31.29 7.06
N THR B 604 -3.85 -31.37 5.86
CA THR B 604 -4.95 -32.31 5.71
C THR B 604 -4.44 -33.57 5.03
N PRO B 605 -4.65 -34.74 5.61
CA PRO B 605 -4.15 -35.97 5.01
C PRO B 605 -4.69 -36.17 3.60
N THR B 606 -3.86 -36.73 2.72
CA THR B 606 -4.21 -37.03 1.35
C THR B 606 -4.07 -38.52 1.10
N ALA B 607 -4.81 -39.03 0.12
CA ALA B 607 -4.86 -40.47 -0.17
C ALA B 607 -3.72 -40.90 -1.10
N GLU B 608 -3.53 -42.22 -1.19
CA GLU B 608 -2.56 -42.80 -2.11
C GLU B 608 -2.78 -42.35 -3.55
N ASN B 609 -1.66 -42.09 -4.23
CA ASN B 609 -1.61 -41.74 -5.65
C ASN B 609 -2.09 -40.33 -5.90
N THR B 610 -1.95 -39.45 -4.90
CA THR B 610 -2.21 -38.05 -5.14
C THR B 610 -1.12 -37.51 -6.07
N GLN B 611 -1.52 -36.58 -6.92
CA GLN B 611 -0.58 -35.98 -7.84
C GLN B 611 0.21 -34.90 -7.12
N ILE B 612 1.43 -34.67 -7.58
CA ILE B 612 2.25 -33.55 -7.15
C ILE B 612 2.63 -32.72 -8.37
N LYS B 613 2.66 -31.40 -8.19
CA LYS B 613 2.81 -30.46 -9.29
C LYS B 613 3.82 -29.38 -8.93
N ALA B 614 4.35 -28.72 -9.96
CA ALA B 614 5.06 -27.47 -9.73
C ALA B 614 4.07 -26.39 -9.31
N LEU B 615 4.51 -25.52 -8.40
CA LEU B 615 3.78 -24.27 -8.25
C LEU B 615 3.76 -23.53 -9.58
N ASN B 616 4.91 -23.51 -10.26
CA ASN B 616 5.09 -22.85 -11.55
C ASN B 616 5.48 -23.91 -12.56
N PRO B 617 4.54 -24.43 -13.34
CA PRO B 617 4.86 -25.48 -14.30
C PRO B 617 5.64 -24.96 -15.49
N VAL B 618 6.62 -25.73 -15.93
CA VAL B 618 7.46 -25.33 -17.05
C VAL B 618 6.75 -25.61 -18.37
N THR B 619 7.13 -24.85 -19.40
CA THR B 619 6.93 -25.21 -20.80
C THR B 619 8.26 -25.04 -21.52
N PHE B 620 8.62 -26.01 -22.35
CA PHE B 620 9.83 -25.87 -23.14
C PHE B 620 9.59 -26.46 -24.52
N VAL B 621 10.43 -26.06 -25.49
CA VAL B 621 10.43 -26.69 -26.80
C VAL B 621 11.75 -27.42 -26.99
N THR B 622 11.75 -28.44 -27.84
CA THR B 622 12.95 -29.22 -28.13
C THR B 622 13.25 -29.08 -29.61
N VAL B 623 14.48 -28.68 -29.94
CA VAL B 623 14.90 -28.53 -31.32
C VAL B 623 15.85 -29.67 -31.67
N ASN B 624 15.58 -30.33 -32.81
CA ASN B 624 16.45 -31.34 -33.39
C ASN B 624 16.46 -32.64 -32.58
C2 BGC C . -6.80 -5.46 -2.81
C3 BGC C . -7.05 -4.33 -1.88
C4 BGC C . -8.41 -3.72 -2.11
C5 BGC C . -9.50 -4.82 -2.08
C6 BGC C . -10.87 -4.29 -2.37
C1 BGC C . -7.92 -6.48 -2.81
O1 BGC C . -7.70 -7.42 -3.80
O2 BGC C . -5.57 -6.15 -2.48
O3 BGC C . -6.07 -3.28 -2.16
O4 BGC C . -8.71 -2.76 -1.11
O5 BGC C . -9.21 -5.79 -3.15
O6 BGC C . -11.83 -5.03 -1.63
C1 FUC C . -4.96 -3.26 -1.23
C2 FUC C . -3.87 -2.37 -1.92
C3 FUC C . -4.34 -0.95 -1.97
C4 FUC C . -4.70 -0.46 -0.58
C5 FUC C . -5.82 -1.41 0.02
C6 FUC C . -6.14 -1.11 1.45
O2 FUC C . -3.64 -2.74 -3.28
O3 FUC C . -3.36 -0.10 -2.63
O4 FUC C . -3.54 -0.50 0.31
O5 FUC C . -5.37 -2.78 0.04
C1 FUC C . -3.20 0.82 0.80
C2 FUC C . -2.37 0.59 2.05
C3 FUC C . -1.05 -0.10 1.69
C4 FUC C . -0.29 0.72 0.60
C5 FUC C . -1.27 0.86 -0.61
C6 FUC C . -0.70 1.59 -1.80
O2 FUC C . -3.03 -0.24 2.96
O3 FUC C . -0.26 -0.28 2.86
O4 FUC C . 0.10 2.01 1.10
O5 FUC C . -2.48 1.54 -0.18
C1 GLA C . 0.49 -1.51 2.78
C2 GLA C . 0.90 -1.89 4.19
C3 GLA C . 1.90 -0.94 4.76
C4 GLA C . 3.07 -0.69 3.82
C5 GLA C . 2.70 -0.46 2.36
C6 GLA C . 3.95 -0.59 1.53
O2 GLA C . -0.31 -1.83 4.96
O3 GLA C . 2.41 -1.48 6.01
O4 GLA C . 3.96 -1.82 3.83
O5 GLA C . 1.69 -1.42 1.86
O6 GLA C . 3.87 0.18 0.34
C1 BDP C . 1.77 -0.97 7.19
C2 BDP C . 1.93 -2.02 8.28
C3 BDP C . 1.55 -1.55 9.63
C4 BDP C . 2.34 -0.31 9.96
C5 BDP C . 1.90 0.77 8.99
C6 BDP C . 2.52 2.08 9.40
O2 BDP C . 1.13 -3.18 7.95
O3 BDP C . 1.82 -2.57 10.62
O4 BDP C . 2.15 0.10 11.34
O5 BDP C . 2.28 0.39 7.61
O6A BDP C . 3.73 2.30 9.16
O6B BDP C . 1.80 2.96 10.00
C4 HLA C . 3.27 2.85 13.98
C5 HLA C . 4.24 2.41 12.87
C6 HLA C . 5.64 2.86 13.27
C3 HLA C . 1.89 2.19 13.79
C1 HLA C . 2.93 0.40 12.44
C2 HLA C . 2.06 0.68 13.66
CAM HLA C . 4.98 3.49 15.48
CAN HLA C . 6.11 2.80 16.26
CAO HLA C . 4.45 4.70 16.28
O2 HLA C . 0.78 0.05 13.51
O3 HLA C . 1.02 2.52 14.88
O4 HLA C . 3.90 2.52 15.24
O5 HLA C . 4.26 0.96 12.68
O6 HLA C . 5.50 3.97 14.19
OAP HLA C . 3.46 4.50 17.04
OAQ HLA C . 5.02 5.80 16.13
C2 BGC D . 15.98 18.84 13.86
C3 BGC D . 16.95 18.77 15.00
C4 BGC D . 17.78 17.47 15.00
C5 BGC D . 18.48 17.32 13.67
C6 BGC D . 19.23 15.99 13.58
C1 BGC D . 16.72 18.60 12.54
O1 BGC D . 15.82 18.50 11.51
O2 BGC D . 15.45 20.18 13.79
O3 BGC D . 16.23 18.80 16.26
O4 BGC D . 18.74 17.63 16.04
O5 BGC D . 17.53 17.33 12.57
O6 BGC D . 20.07 16.09 12.45
C1 FUC D . 16.13 20.12 16.82
C2 FUC D . 14.97 20.02 17.87
C3 FUC D . 15.41 19.11 19.03
C4 FUC D . 16.73 19.67 19.64
C5 FUC D . 17.78 19.73 18.51
C6 FUC D . 19.10 20.34 18.95
O2 FUC D . 13.80 19.48 17.23
O3 FUC D . 14.37 18.96 20.03
O4 FUC D . 16.55 20.98 20.13
O5 FUC D . 17.29 20.56 17.43
C1 FUC D . 16.82 21.08 21.54
C2 FUC D . 17.06 22.56 21.84
C3 FUC D . 15.79 23.36 21.60
C4 FUC D . 14.65 22.78 22.42
C5 FUC D . 14.46 21.29 22.17
C6 FUC D . 13.52 20.64 23.20
O2 FUC D . 18.09 23.12 21.00
O3 FUC D . 16.07 24.68 22.07
O4 FUC D . 14.99 22.92 23.78
O5 FUC D . 15.74 20.59 22.34
C1 GLA D . 15.34 25.66 21.30
C2 GLA D . 16.08 26.98 21.28
C3 GLA D . 16.34 27.47 22.67
C4 GLA D . 15.07 27.42 23.50
C5 GLA D . 14.15 26.20 23.30
C6 GLA D . 12.77 26.42 23.91
O2 GLA D . 17.30 26.79 20.53
O3 GLA D . 16.83 28.86 22.61
O4 GLA D . 14.32 28.58 23.13
O5 GLA D . 13.98 25.86 21.87
O6 GLA D . 11.93 25.29 23.75
C1 BDP D . 18.15 29.08 23.14
C2 BDP D . 18.77 30.30 22.45
C3 BDP D . 20.03 30.81 23.06
C4 BDP D . 19.96 30.87 24.56
C5 BDP D . 19.49 29.53 25.14
C6 BDP D . 19.51 29.52 26.67
O2 BDP D . 18.94 29.96 21.04
O3 BDP D . 20.35 32.14 22.55
O4 BDP D . 21.25 31.20 25.09
O5 BDP D . 18.15 29.25 24.61
O6A BDP D . 18.55 30.05 27.34
O6B BDP D . 20.48 28.98 27.28
C4 HLA D . 22.71 32.60 28.11
C5 HLA D . 21.18 32.37 28.14
C6 HLA D . 20.58 33.20 29.28
C3 HLA D . 23.30 32.13 26.77
C1 HLA D . 21.10 32.42 25.70
C2 HLA D . 22.55 32.88 25.65
CAM HLA D . 22.67 34.33 29.74
CAN HLA D . 22.23 35.81 29.85
CAO HLA D . 23.93 34.09 30.64
O2 HLA D . 23.09 32.62 24.35
O3 HLA D . 24.69 32.42 26.73
O4 HLA D . 22.95 34.01 28.35
O5 HLA D . 20.52 32.85 26.95
O6 HLA D . 21.60 33.45 30.25
OAP HLA D . 25.06 34.26 30.12
OAQ HLA D . 23.70 33.74 31.82
S SO4 E . -8.36 5.92 -16.01
O1 SO4 E . -8.96 7.18 -16.38
O2 SO4 E . -8.98 4.81 -16.74
O3 SO4 E . -6.95 5.95 -16.44
O4 SO4 E . -8.36 5.69 -14.58
S SO4 F . -13.45 1.39 -17.31
O1 SO4 F . -12.33 1.52 -18.24
O2 SO4 F . -14.02 0.07 -17.54
O3 SO4 F . -14.42 2.46 -17.57
O4 SO4 F . -12.99 1.50 -15.92
S SO4 G . -37.05 2.57 -24.56
O1 SO4 G . -36.88 3.77 -25.44
O2 SO4 G . -37.81 1.56 -25.34
O3 SO4 G . -35.73 2.03 -24.24
O4 SO4 G . -37.69 3.02 -23.32
S SO4 H . -10.99 -3.99 -9.84
O1 SO4 H . -11.95 -3.43 -10.83
O2 SO4 H . -10.75 -5.46 -10.08
O3 SO4 H . -9.62 -3.39 -9.97
O4 SO4 H . -11.50 -3.81 -8.47
MG MG I . -28.09 -17.37 1.39
S SO4 J . 8.70 4.64 20.77
O1 SO4 J . 8.54 4.10 19.42
O2 SO4 J . 7.45 5.25 21.21
O3 SO4 J . 9.73 5.71 20.74
O4 SO4 J . 9.02 3.54 21.67
S SO4 K . 10.63 2.23 14.62
O1 SO4 K . 10.85 2.23 13.17
O2 SO4 K . 9.18 2.16 14.84
O3 SO4 K . 11.15 3.48 15.21
O4 SO4 K . 11.31 1.07 15.21
S SO4 L . 13.91 10.77 12.03
O1 SO4 L . 13.88 9.32 12.17
O2 SO4 L . 13.36 11.18 10.69
O3 SO4 L . 15.29 11.31 12.13
O4 SO4 L . 13.04 11.42 13.05
S SO4 M . 22.28 27.28 35.83
O1 SO4 M . 21.90 27.46 34.43
O2 SO4 M . 22.33 25.84 36.17
O3 SO4 M . 23.49 28.08 36.20
O4 SO4 M . 21.22 27.83 36.71
S SO4 N . 30.20 10.80 38.73
O1 SO4 N . 28.82 11.10 38.40
O2 SO4 N . 30.62 9.65 37.93
O3 SO4 N . 30.37 10.45 40.15
O4 SO4 N . 31.04 11.96 38.44
S SO4 O . 51.29 18.87 31.14
O1 SO4 O . 50.76 18.11 30.03
O2 SO4 O . 51.49 20.25 30.71
O3 SO4 O . 52.58 18.31 31.54
O4 SO4 O . 50.34 18.84 32.25
MG MG P . 28.58 -8.79 12.49
MG MG Q . 30.63 2.85 31.96
C1 EDO R . 21.17 -2.92 26.39
O1 EDO R . 21.84 -3.45 27.55
C2 EDO R . 20.76 -4.11 25.54
O2 EDO R . 19.38 -4.11 25.23
O1 PG4 S . 45.33 29.81 22.50
C1 PG4 S . 44.72 28.88 21.62
C2 PG4 S . 45.71 28.53 20.52
O2 PG4 S . 45.11 27.75 19.53
C3 PG4 S . 45.96 27.36 18.46
C4 PG4 S . 45.89 28.53 17.51
O3 PG4 S . 46.80 28.38 16.48
C5 PG4 S . 46.45 29.03 15.29
C6 PG4 S . 46.58 30.55 15.41
O4 PG4 S . 47.46 31.02 16.40
C7 PG4 S . 47.55 32.44 16.41
C8 PG4 S . 47.79 32.97 17.83
O5 PG4 S . 48.68 34.05 17.87
#